data_6SOY
#
_entry.id   6SOY
#
_cell.length_a   163.490
_cell.length_b   108.110
_cell.length_c   115.000
_cell.angle_alpha   90.000
_cell.angle_beta   128.740
_cell.angle_gamma   90.000
#
_symmetry.space_group_name_H-M   'C 1 2 1'
#
loop_
_entity.id
_entity.type
_entity.pdbx_description
1 polymer 'ESAG6, subunit of heterodimeric transferrin receptor'
2 polymer 'ESAG7, subunit of heterodimeric transferrin receptor'
3 polymer Serotransferrin
4 non-polymer 'FE (III) ION'
5 non-polymer 2-acetamido-2-deoxy-beta-D-glucopyranose
6 water water
#
loop_
_entity_poly.entity_id
_entity_poly.type
_entity_poly.pdbx_seq_one_letter_code
_entity_poly.pdbx_strand_id
1 'polypeptide(L)'
;MRFWFVLLALLGKEIYAYENERNALNATAANKVCGLSTYLKGIAHRVNSESAVVTEKLSDLKMRSIQLQLSVMRNRVPSG
EQDCKDIRTLLKTVLRNEFTFQQELEEMRNASALAAAAAGLAAGRLEEWIFVFAQAAGRSSQFCISVGKTGPAEYNNLQE
CFDGTIGPETLYKIEDSRVKESAKTSLQLHEVLSSISFGSLGVKNIRGGNGKDGCNLVRTDTDGVLEGGSPTRHNLTWGG
GVMNFGSYQNGSMYVEGGEYGDATEYGAVRWTEDPSKVSIFKDVIRLFARFQEAKNAVVKKIKTTVDELTKCIGQKEAEL
TNDQLYEEFIWETINRLELSKRVSEQSAFGEEEETIVKFNYTAEPVRGPFTVAGANAAAIHLSVSTAALCRSALLLGVL
;
A
2 'polypeptide(L)'
;MRFWFVLLALLGKEIYAYENERNALNATAANKVCGLSTYLKGIAHRVNSESAVVTEKLSDLKMRSIQLQLSVMRNRVPSG
EQDCKDIRTLLKTVLRNEFTFQQELEEMRNASALAAAAAGIAAGRLEEWIFVFAQAAGGSSQFCISVGTNIPAEYNNLQE
CFDGTIGPETLYKIEDSRVKESAQKSLQLHEVLSSISFSSLGAESIVEKGENRGCNLMRTADGGLLKDVCLNRNFTWGGG
VLNFGYCVAGNLKIKGGEYGDVGSHDAVRWTEDPSKVSIFKDVIRLFARFQEVKNAVVKKIKTTVDELTKCIGQKEAELT
NDQLYEEFEVIQKYLWFL
;
B
3 'polypeptide(L)'
;DKTVRWCAVSEHEATKCQSFRDHMKSVIPSDGPSVACVKKASYLDCIRAIAANEADAVTLDAGLVYDAYLAPNNLKPVVA
EFYGSKEDPQTFYYAVAVVKKDSGFQMNQLRGKKSCHTGLGRSAGWNIPIGLLYCDLPEPRKPLEKAVANFFSGSCAPCA
DGTDFPQLCQLCPGCGCSTLNQYFGYSGAFKCLKDGAGDVAFVKHSTIFENLANKADRDQYELLCLDNTRKPVDEYKDCH
LAQVPSHTVVARSMGGKEDLIWELLNQAQEHFGKDKSKEFQLFSSPHGKDLLFKDSAHGFLKVPPRMDAKMYLGYEYVTA
IRNLREGTCPEAPTDECKPVKWCALSHHERLKCDEWSVNSVGKIECVSAETTEDCIAKIMNGEADAMSLDGGFVYIAGKC
GLVPVLAENYNKSDNCEDTPEAGYFAVAVVKKSASDLTWDNLKGKKSCHTAVGRTAGWNIPMGLLYNKINHCRFDEFFSE
GCAPGSKKDSSLCKLCMGSGLNLCEPNNKEGYYGYTGAFRCLVEKGDVAFVKHQTVPQNTGGKNPDPWAKNLNEKDYELL
CLDGTRKPVEEYANCHLARAPNHAVVTRKDKEACVHKILRQQQHLFGSNVTDCSGNFCLFRSETKDLLFRDDTVCLAKLH
DRNTYEKYLGEEYVKAVGNLRKCSTSSLLEACTFRRP
;
C
#
# COMPACT_ATOMS: atom_id res chain seq x y z
N ASN A 20 -13.32 -11.69 9.89
CA ASN A 20 -12.66 -12.55 8.89
C ASN A 20 -11.20 -12.83 9.22
N GLU A 21 -10.77 -14.07 8.94
CA GLU A 21 -9.39 -14.53 9.15
C GLU A 21 -8.46 -13.69 8.33
N ARG A 22 -7.23 -13.44 8.84
CA ARG A 22 -6.21 -12.70 8.09
C ARG A 22 -4.99 -13.60 7.96
N ASN A 23 -4.86 -14.21 6.80
CA ASN A 23 -3.83 -15.18 6.51
C ASN A 23 -2.73 -14.60 5.59
N ALA A 24 -1.74 -15.41 5.22
CA ALA A 24 -0.60 -14.94 4.44
C ALA A 24 -0.19 -15.94 3.37
N LEU A 25 0.71 -15.55 2.45
CA LEU A 25 1.30 -16.46 1.45
C LEU A 25 2.31 -17.33 2.22
N ASN A 26 2.30 -18.67 1.99
CA ASN A 26 3.15 -19.64 2.68
C ASN A 26 4.50 -19.76 2.04
N ALA A 27 5.52 -20.01 2.86
CA ALA A 27 6.91 -20.17 2.50
C ALA A 27 7.18 -21.28 1.52
N THR A 28 6.28 -22.26 1.40
CA THR A 28 6.49 -23.39 0.50
C THR A 28 6.17 -22.90 -0.91
N ALA A 29 5.08 -22.10 -1.06
CA ALA A 29 4.77 -21.49 -2.37
C ALA A 29 5.93 -20.56 -2.77
N ALA A 30 6.31 -19.60 -1.88
CA ALA A 30 7.42 -18.66 -2.09
C ALA A 30 8.71 -19.33 -2.53
N ASN A 31 9.12 -20.44 -1.88
CA ASN A 31 10.34 -21.17 -2.20
C ASN A 31 10.33 -21.84 -3.57
N LYS A 32 9.18 -22.41 -3.98
CA LYS A 32 9.01 -23.04 -5.29
C LYS A 32 9.03 -21.97 -6.42
N VAL A 33 8.49 -20.77 -6.12
CA VAL A 33 8.47 -19.61 -7.01
C VAL A 33 9.90 -19.09 -7.15
N CYS A 34 10.69 -19.09 -6.05
CA CYS A 34 12.10 -18.68 -6.08
C CYS A 34 12.95 -19.70 -6.79
N GLY A 35 12.69 -20.98 -6.56
CA GLY A 35 13.38 -22.07 -7.23
C GLY A 35 13.29 -21.90 -8.73
N LEU A 36 12.07 -21.61 -9.23
CA LEU A 36 11.76 -21.33 -10.63
C LEU A 36 12.54 -20.13 -11.12
N SER A 37 12.55 -19.03 -10.33
CA SER A 37 13.31 -17.83 -10.68
C SER A 37 14.83 -18.10 -10.82
N THR A 38 15.44 -18.96 -9.97
CA THR A 38 16.88 -19.24 -10.09
C THR A 38 17.11 -20.14 -11.29
N TYR A 39 16.08 -20.94 -11.69
CA TYR A 39 16.19 -21.82 -12.86
C TYR A 39 16.23 -20.92 -14.09
N LEU A 40 15.38 -19.88 -14.10
CA LEU A 40 15.26 -18.90 -15.18
C LEU A 40 16.51 -18.06 -15.31
N LYS A 41 17.19 -17.69 -14.20
CA LYS A 41 18.51 -17.00 -14.22
C LYS A 41 19.57 -17.94 -14.81
N GLY A 42 19.45 -19.23 -14.55
CA GLY A 42 20.35 -20.26 -15.05
C GLY A 42 20.25 -20.58 -16.54
N ILE A 43 19.13 -20.16 -17.19
CA ILE A 43 18.87 -20.35 -18.63
C ILE A 43 20.00 -19.74 -19.47
N ALA A 44 20.59 -18.62 -18.96
CA ALA A 44 21.74 -17.92 -19.54
C ALA A 44 22.91 -18.90 -19.65
N HIS A 45 23.17 -19.67 -18.56
CA HIS A 45 24.26 -20.64 -18.50
C HIS A 45 23.92 -21.89 -19.31
N ARG A 46 22.64 -22.27 -19.37
CA ARG A 46 22.19 -23.44 -20.13
C ARG A 46 22.44 -23.22 -21.62
N VAL A 47 22.06 -22.04 -22.15
CA VAL A 47 22.27 -21.72 -23.56
C VAL A 47 23.76 -21.58 -23.90
N ASN A 48 24.61 -21.15 -22.93
CA ASN A 48 26.05 -21.01 -23.11
C ASN A 48 26.77 -22.37 -23.21
N SER A 49 26.35 -23.37 -22.41
CA SER A 49 26.89 -24.74 -22.39
C SER A 49 26.48 -25.51 -23.64
N GLU A 50 25.19 -25.37 -24.01
CA GLU A 50 24.59 -26.03 -25.17
C GLU A 50 25.25 -25.56 -26.47
N SER A 51 25.57 -24.26 -26.56
CA SER A 51 26.25 -23.69 -27.73
C SER A 51 27.70 -24.16 -27.80
N ALA A 52 28.33 -24.44 -26.63
CA ALA A 52 29.71 -24.93 -26.53
C ALA A 52 29.81 -26.38 -27.05
N VAL A 53 28.73 -27.14 -26.94
CA VAL A 53 28.61 -28.52 -27.43
C VAL A 53 28.59 -28.50 -28.98
N VAL A 54 27.91 -27.50 -29.58
CA VAL A 54 27.81 -27.33 -31.03
C VAL A 54 29.16 -26.90 -31.65
N THR A 55 29.86 -25.93 -31.01
CA THR A 55 31.16 -25.48 -31.50
C THR A 55 32.18 -26.63 -31.40
N GLU A 56 31.98 -27.55 -30.44
CA GLU A 56 32.81 -28.76 -30.30
C GLU A 56 32.58 -29.63 -31.55
N LYS A 57 31.29 -29.92 -31.88
CA LYS A 57 30.83 -30.73 -33.03
C LYS A 57 31.30 -30.14 -34.36
N LEU A 58 31.28 -28.79 -34.47
CA LEU A 58 31.68 -28.07 -35.68
C LEU A 58 33.20 -28.09 -35.86
N SER A 59 33.97 -28.04 -34.74
CA SER A 59 35.44 -28.09 -34.77
C SER A 59 35.91 -29.46 -35.21
N ASP A 60 35.19 -30.52 -34.76
CA ASP A 60 35.42 -31.92 -35.13
C ASP A 60 35.14 -32.08 -36.64
N LEU A 61 34.15 -31.36 -37.18
CA LEU A 61 33.76 -31.38 -38.59
C LEU A 61 34.86 -30.71 -39.44
N LYS A 62 35.40 -29.59 -38.97
CA LYS A 62 36.49 -28.86 -39.62
C LYS A 62 37.77 -29.73 -39.72
N MET A 63 38.06 -30.51 -38.66
CA MET A 63 39.22 -31.43 -38.60
C MET A 63 39.11 -32.52 -39.65
N ARG A 64 37.96 -33.21 -39.68
CA ARG A 64 37.62 -34.31 -40.59
C ARG A 64 37.71 -33.92 -42.09
N SER A 65 37.36 -32.65 -42.42
CA SER A 65 37.44 -32.14 -43.80
C SER A 65 38.89 -31.89 -44.24
N ILE A 66 39.82 -31.63 -43.28
CA ILE A 66 41.24 -31.48 -43.61
C ILE A 66 41.78 -32.89 -43.88
N GLN A 67 41.36 -33.87 -43.02
CA GLN A 67 41.70 -35.29 -43.12
C GLN A 67 41.26 -35.84 -44.47
N LEU A 68 40.05 -35.46 -44.94
CA LEU A 68 39.52 -35.89 -46.24
C LEU A 68 40.33 -35.27 -47.37
N GLN A 69 40.69 -33.98 -47.23
CA GLN A 69 41.50 -33.23 -48.20
C GLN A 69 42.90 -33.85 -48.33
N LEU A 70 43.47 -34.30 -47.20
CA LEU A 70 44.76 -34.96 -47.16
C LEU A 70 44.72 -36.28 -47.95
N SER A 71 43.67 -37.10 -47.72
CA SER A 71 43.41 -38.40 -48.35
C SER A 71 43.28 -38.29 -49.86
N VAL A 72 42.65 -37.19 -50.35
CA VAL A 72 42.48 -36.91 -51.78
C VAL A 72 43.88 -36.66 -52.39
N MET A 73 44.66 -35.75 -51.80
CA MET A 73 46.03 -35.41 -52.23
C MET A 73 46.97 -36.63 -52.19
N ARG A 74 46.87 -37.45 -51.13
CA ARG A 74 47.66 -38.66 -50.93
C ARG A 74 47.08 -39.91 -51.65
N ASN A 75 45.99 -39.74 -52.45
CA ASN A 75 45.28 -40.79 -53.22
C ASN A 75 44.83 -42.00 -52.35
N ARG A 76 44.59 -41.75 -51.04
CA ARG A 76 44.22 -42.75 -50.04
C ARG A 76 42.71 -42.95 -49.92
N VAL A 77 41.90 -42.14 -50.64
CA VAL A 77 40.45 -42.25 -50.63
C VAL A 77 40.08 -43.62 -51.17
N PRO A 78 39.30 -44.42 -50.39
CA PRO A 78 38.94 -45.78 -50.86
C PRO A 78 38.38 -45.83 -52.27
N SER A 79 38.64 -46.96 -52.98
CA SER A 79 38.18 -47.25 -54.36
C SER A 79 36.68 -46.96 -54.50
N GLY A 80 35.98 -47.03 -53.37
CA GLY A 80 34.55 -46.72 -53.31
C GLY A 80 33.71 -47.87 -52.81
N GLU A 81 33.50 -47.92 -51.49
CA GLU A 81 32.66 -48.91 -50.82
C GLU A 81 31.25 -48.32 -50.92
N GLN A 82 31.10 -47.11 -50.37
CA GLN A 82 29.92 -46.29 -50.53
C GLN A 82 30.34 -45.41 -51.73
N ASP A 83 29.56 -44.39 -52.07
CA ASP A 83 29.90 -43.52 -53.18
C ASP A 83 30.96 -42.54 -52.73
N CYS A 84 32.22 -42.93 -52.98
CA CYS A 84 33.42 -42.15 -52.69
C CYS A 84 34.06 -41.74 -54.01
N LYS A 85 33.57 -42.31 -55.15
CA LYS A 85 34.08 -42.06 -56.50
C LYS A 85 33.86 -40.60 -56.95
N ASP A 86 32.89 -39.88 -56.32
CA ASP A 86 32.61 -38.48 -56.62
C ASP A 86 33.01 -37.56 -55.46
N ILE A 87 34.31 -37.59 -55.07
CA ILE A 87 34.88 -36.71 -54.04
C ILE A 87 34.88 -35.27 -54.55
N ARG A 88 34.96 -35.09 -55.90
CA ARG A 88 34.91 -33.83 -56.62
C ARG A 88 33.71 -33.00 -56.12
N THR A 89 32.49 -33.61 -56.09
CA THR A 89 31.23 -32.99 -55.64
C THR A 89 31.00 -33.08 -54.13
N LEU A 90 31.33 -34.24 -53.52
CA LEU A 90 31.14 -34.49 -52.10
C LEU A 90 32.13 -33.70 -51.18
N LEU A 91 33.05 -32.91 -51.78
CA LEU A 91 34.00 -32.02 -51.09
C LEU A 91 33.54 -30.57 -51.32
N LYS A 92 32.98 -30.30 -52.52
CA LYS A 92 32.42 -29.00 -52.92
C LYS A 92 31.29 -28.67 -51.96
N THR A 93 30.38 -29.65 -51.76
CA THR A 93 29.24 -29.56 -50.88
C THR A 93 29.64 -29.45 -49.40
N VAL A 94 30.68 -30.19 -48.95
CA VAL A 94 31.18 -30.15 -47.56
C VAL A 94 31.76 -28.78 -47.21
N LEU A 95 32.59 -28.20 -48.10
CA LEU A 95 33.18 -26.87 -47.89
C LEU A 95 32.15 -25.73 -47.93
N ARG A 96 31.00 -25.96 -48.57
CA ARG A 96 29.89 -25.00 -48.67
C ARG A 96 28.95 -25.15 -47.47
N ASN A 97 28.70 -26.41 -47.02
CA ASN A 97 27.88 -26.73 -45.84
C ASN A 97 28.59 -26.18 -44.59
N GLU A 98 29.93 -26.27 -44.55
CA GLU A 98 30.80 -25.77 -43.49
C GLU A 98 30.64 -24.24 -43.32
N PHE A 99 30.42 -23.50 -44.44
CA PHE A 99 30.24 -22.05 -44.52
C PHE A 99 28.86 -21.60 -44.02
N THR A 100 27.79 -22.36 -44.34
CA THR A 100 26.39 -22.13 -43.96
C THR A 100 26.24 -22.38 -42.47
N PHE A 101 26.87 -23.46 -41.94
CA PHE A 101 26.82 -23.84 -40.54
C PHE A 101 27.36 -22.70 -39.68
N GLN A 102 28.39 -21.97 -40.20
CA GLN A 102 28.95 -20.80 -39.52
C GLN A 102 27.89 -19.68 -39.41
N GLN A 103 27.04 -19.52 -40.46
CA GLN A 103 25.95 -18.53 -40.44
C GLN A 103 24.78 -18.99 -39.57
N GLU A 104 24.58 -20.32 -39.44
CA GLU A 104 23.52 -20.88 -38.62
C GLU A 104 23.86 -20.82 -37.18
N LEU A 105 25.16 -20.92 -36.86
CA LEU A 105 25.73 -20.80 -35.50
C LEU A 105 25.47 -19.40 -34.95
N GLU A 106 25.65 -18.37 -35.80
CA GLU A 106 25.46 -16.97 -35.46
C GLU A 106 23.99 -16.64 -35.24
N GLU A 107 23.08 -17.21 -36.07
CA GLU A 107 21.63 -17.06 -35.94
C GLU A 107 21.16 -17.75 -34.66
N MET A 108 21.83 -18.87 -34.29
CA MET A 108 21.54 -19.68 -33.11
C MET A 108 21.96 -18.95 -31.84
N ARG A 109 23.07 -18.21 -31.91
CA ARG A 109 23.58 -17.43 -30.80
C ARG A 109 22.76 -16.19 -30.53
N ASN A 110 22.13 -15.62 -31.57
CA ASN A 110 21.25 -14.46 -31.47
C ASN A 110 20.02 -14.86 -30.62
N ALA A 111 19.45 -16.05 -30.91
CA ALA A 111 18.33 -16.67 -30.20
C ALA A 111 18.76 -17.01 -28.78
N SER A 112 20.03 -17.42 -28.58
CA SER A 112 20.58 -17.75 -27.26
C SER A 112 20.55 -16.56 -26.30
N ALA A 113 20.81 -15.33 -26.80
CA ALA A 113 20.79 -14.07 -26.02
C ALA A 113 19.38 -13.60 -25.72
N LEU A 114 18.43 -13.81 -26.66
CA LEU A 114 17.02 -13.43 -26.52
C LEU A 114 16.35 -14.37 -25.48
N ALA A 115 16.62 -15.69 -25.55
CA ALA A 115 16.16 -16.69 -24.56
C ALA A 115 16.69 -16.31 -23.14
N ALA A 116 17.99 -15.91 -23.04
CA ALA A 116 18.66 -15.46 -21.82
C ALA A 116 17.92 -14.26 -21.19
N ALA A 117 17.69 -13.20 -22.00
CA ALA A 117 17.02 -11.98 -21.58
C ALA A 117 15.59 -12.21 -21.14
N ALA A 118 14.78 -12.91 -21.97
CA ALA A 118 13.38 -13.21 -21.70
C ALA A 118 13.22 -13.97 -20.37
N ALA A 119 14.10 -14.96 -20.09
CA ALA A 119 14.12 -15.73 -18.84
C ALA A 119 14.56 -14.84 -17.67
N GLY A 120 15.56 -13.97 -17.92
CA GLY A 120 16.02 -12.98 -16.94
C GLY A 120 14.88 -12.08 -16.49
N LEU A 121 14.00 -11.63 -17.45
CA LEU A 121 12.79 -10.83 -17.20
C LEU A 121 11.81 -11.53 -16.26
N ALA A 122 11.33 -12.75 -16.66
CA ALA A 122 10.41 -13.57 -15.90
C ALA A 122 10.91 -13.75 -14.46
N ALA A 123 12.23 -13.98 -14.29
CA ALA A 123 12.89 -14.11 -12.99
C ALA A 123 12.84 -12.81 -12.13
N GLY A 124 13.04 -11.65 -12.77
CA GLY A 124 13.02 -10.36 -12.10
C GLY A 124 11.67 -10.01 -11.53
N ARG A 125 10.63 -10.38 -12.28
CA ARG A 125 9.21 -10.21 -12.02
C ARG A 125 8.83 -11.03 -10.81
N LEU A 126 9.16 -12.33 -10.82
CA LEU A 126 8.89 -13.26 -9.73
C LEU A 126 9.68 -12.85 -8.50
N GLU A 127 10.98 -12.52 -8.64
CA GLU A 127 11.84 -12.09 -7.53
C GLU A 127 11.31 -10.81 -6.88
N GLU A 128 10.81 -9.81 -7.68
CA GLU A 128 10.27 -8.60 -7.07
C GLU A 128 9.03 -8.91 -6.24
N TRP A 129 8.16 -9.81 -6.73
CA TRP A 129 6.93 -10.24 -6.05
C TRP A 129 7.22 -10.81 -4.66
N ILE A 130 7.94 -11.94 -4.63
CA ILE A 130 8.26 -12.63 -3.39
C ILE A 130 9.03 -11.72 -2.41
N PHE A 131 10.10 -11.02 -2.86
CA PHE A 131 10.87 -10.11 -2.03
C PHE A 131 10.01 -9.05 -1.32
N VAL A 132 9.00 -8.53 -2.03
CA VAL A 132 8.12 -7.51 -1.43
C VAL A 132 7.27 -8.14 -0.27
N PHE A 133 6.83 -9.40 -0.41
CA PHE A 133 6.09 -10.07 0.64
C PHE A 133 6.99 -10.43 1.82
N ALA A 134 8.25 -10.82 1.55
CA ALA A 134 9.30 -11.20 2.52
C ALA A 134 9.66 -10.04 3.44
N GLN A 135 9.66 -8.82 2.90
CA GLN A 135 10.00 -7.56 3.58
C GLN A 135 8.82 -7.05 4.36
N ALA A 136 7.60 -7.36 3.92
CA ALA A 136 6.36 -6.96 4.55
C ALA A 136 6.16 -7.74 5.82
N ALA A 137 7.06 -7.59 6.81
CA ALA A 137 6.96 -8.37 8.07
C ALA A 137 7.35 -7.55 9.30
N GLY A 138 6.56 -7.67 10.36
CA GLY A 138 6.81 -6.94 11.61
C GLY A 138 6.65 -7.80 12.86
N ARG A 139 6.57 -7.12 14.03
CA ARG A 139 6.39 -7.74 15.36
C ARG A 139 4.97 -8.32 15.53
N SER A 140 4.61 -8.76 16.77
CA SER A 140 3.29 -9.30 17.13
C SER A 140 2.70 -10.34 16.11
N SER A 141 3.58 -11.19 15.50
CA SER A 141 3.20 -12.22 14.52
C SER A 141 2.29 -11.65 13.42
N GLN A 142 2.80 -10.61 12.77
CA GLN A 142 2.20 -9.86 11.67
C GLN A 142 3.20 -10.00 10.52
N PHE A 143 2.77 -10.60 9.40
CA PHE A 143 3.67 -10.93 8.30
C PHE A 143 2.91 -11.24 7.03
N CYS A 144 3.61 -11.37 5.86
CA CYS A 144 2.96 -11.69 4.57
C CYS A 144 3.42 -13.07 3.99
N ILE A 145 4.48 -13.67 4.60
CA ILE A 145 5.01 -15.01 4.32
C ILE A 145 5.09 -15.76 5.68
N SER A 146 4.35 -16.87 5.74
CA SER A 146 4.24 -17.73 6.92
C SER A 146 5.13 -18.98 6.81
N VAL A 147 5.23 -19.75 7.89
CA VAL A 147 5.92 -21.05 8.00
C VAL A 147 4.87 -21.87 8.73
N GLY A 148 3.89 -22.34 7.96
CA GLY A 148 2.72 -23.03 8.48
C GLY A 148 1.79 -22.01 9.09
N LYS A 149 1.32 -22.27 10.32
CA LYS A 149 0.44 -21.36 11.05
C LYS A 149 1.17 -20.26 11.86
N THR A 150 2.39 -19.85 11.43
CA THR A 150 3.17 -18.77 12.10
C THR A 150 4.12 -18.06 11.20
N GLY A 151 4.85 -17.11 11.76
CA GLY A 151 5.85 -16.36 11.04
C GLY A 151 6.32 -15.15 11.82
N PRO A 152 6.98 -14.17 11.20
CA PRO A 152 7.37 -14.08 9.77
C PRO A 152 8.36 -15.15 9.36
N ALA A 153 8.37 -15.50 8.07
CA ALA A 153 9.36 -16.43 7.53
C ALA A 153 10.64 -15.61 7.47
N GLU A 154 11.75 -16.18 7.93
CA GLU A 154 13.03 -15.46 7.87
C GLU A 154 13.92 -16.10 6.81
N TYR A 155 15.15 -15.58 6.55
CA TYR A 155 16.04 -16.14 5.52
C TYR A 155 16.35 -17.62 5.72
N ASN A 156 16.25 -18.12 6.99
CA ASN A 156 16.52 -19.52 7.37
C ASN A 156 15.48 -20.42 6.70
N ASN A 157 14.22 -19.98 6.67
CA ASN A 157 13.10 -20.52 5.89
C ASN A 157 13.35 -19.81 4.53
N LEU A 158 12.65 -20.08 3.41
CA LEU A 158 12.98 -19.24 2.21
C LEU A 158 14.48 -19.24 1.73
N GLN A 159 15.17 -20.37 1.83
CA GLN A 159 16.59 -20.52 1.45
C GLN A 159 16.81 -20.57 -0.07
N GLU A 160 15.72 -20.70 -0.83
CA GLU A 160 15.73 -20.73 -2.28
C GLU A 160 15.66 -19.32 -2.84
N CYS A 161 15.23 -18.39 -1.98
CA CYS A 161 15.07 -16.98 -2.24
C CYS A 161 16.27 -16.17 -1.82
N PHE A 162 16.85 -16.45 -0.63
CA PHE A 162 17.91 -15.66 0.03
C PHE A 162 19.17 -16.42 0.47
N ASP A 163 20.28 -15.68 0.53
CA ASP A 163 21.66 -16.07 0.87
C ASP A 163 21.97 -15.76 2.35
N GLY A 164 21.23 -14.82 2.91
CA GLY A 164 21.41 -14.29 4.24
C GLY A 164 20.17 -13.51 4.62
N THR A 165 20.19 -12.80 5.78
CA THR A 165 19.04 -12.04 6.31
C THR A 165 18.40 -11.19 5.20
N ILE A 166 17.07 -11.33 5.07
CA ILE A 166 16.21 -10.71 4.05
C ILE A 166 16.63 -9.23 3.75
N GLY A 167 16.89 -8.99 2.47
CA GLY A 167 17.31 -7.69 1.97
C GLY A 167 17.65 -7.72 0.50
N PRO A 168 17.94 -6.57 -0.12
CA PRO A 168 18.26 -6.54 -1.54
C PRO A 168 19.58 -7.19 -1.92
N GLU A 169 20.59 -7.16 -1.03
CA GLU A 169 21.89 -7.74 -1.31
C GLU A 169 21.99 -9.25 -1.04
N THR A 170 20.91 -9.91 -0.53
CA THR A 170 20.87 -11.34 -0.18
C THR A 170 20.02 -12.16 -1.18
N LEU A 171 19.45 -11.49 -2.20
CA LEU A 171 18.73 -12.11 -3.32
C LEU A 171 19.83 -12.73 -4.24
N TYR A 172 19.59 -13.92 -4.85
CA TYR A 172 20.59 -14.55 -5.72
C TYR A 172 20.82 -13.74 -7.03
N LYS A 173 22.10 -13.52 -7.34
CA LYS A 173 22.62 -12.84 -8.53
C LYS A 173 23.02 -13.96 -9.53
N ILE A 174 22.94 -13.67 -10.84
CA ILE A 174 23.19 -14.58 -11.97
C ILE A 174 24.48 -15.43 -11.87
N GLU A 175 25.59 -14.88 -11.32
CA GLU A 175 26.82 -15.67 -11.23
C GLU A 175 26.94 -16.47 -9.94
N ASP A 176 26.01 -16.29 -8.97
CA ASP A 176 26.04 -17.05 -7.73
C ASP A 176 26.06 -18.57 -8.00
N SER A 177 26.74 -19.34 -7.12
CA SER A 177 26.89 -20.78 -7.27
C SER A 177 25.55 -21.48 -7.36
N ARG A 178 24.54 -21.00 -6.59
CA ARG A 178 23.21 -21.59 -6.66
C ARG A 178 22.63 -21.60 -8.11
N VAL A 179 22.73 -20.46 -8.83
CA VAL A 179 22.25 -20.30 -10.20
C VAL A 179 23.03 -21.21 -11.19
N LYS A 180 24.39 -21.11 -11.16
CA LYS A 180 25.36 -21.88 -11.95
C LYS A 180 25.18 -23.41 -11.76
N GLU A 181 24.83 -23.87 -10.51
CA GLU A 181 24.63 -25.28 -10.19
C GLU A 181 23.23 -25.80 -10.59
N SER A 182 22.22 -24.91 -10.67
CA SER A 182 20.85 -25.25 -11.09
C SER A 182 20.83 -25.43 -12.61
N ALA A 183 21.74 -24.74 -13.32
CA ALA A 183 21.89 -24.84 -14.77
C ALA A 183 22.54 -26.16 -15.15
N LYS A 184 23.13 -26.87 -14.17
CA LYS A 184 23.82 -28.15 -14.35
C LYS A 184 22.91 -29.37 -14.25
N THR A 185 21.65 -29.18 -13.82
CA THR A 185 20.70 -30.29 -13.65
C THR A 185 20.11 -30.77 -14.97
N SER A 186 19.43 -31.93 -14.91
CA SER A 186 18.73 -32.57 -16.01
C SER A 186 17.27 -32.08 -16.05
N LEU A 187 16.87 -31.15 -15.12
CA LEU A 187 15.52 -30.58 -15.06
C LEU A 187 15.22 -29.68 -16.24
N GLN A 188 14.03 -29.85 -16.78
CA GLN A 188 13.53 -29.12 -17.93
C GLN A 188 12.55 -28.06 -17.49
N LEU A 189 12.39 -27.02 -18.32
CA LEU A 189 11.48 -25.90 -18.09
C LEU A 189 10.07 -26.33 -17.68
N HIS A 190 9.41 -27.24 -18.41
CA HIS A 190 8.05 -27.68 -18.11
C HIS A 190 7.88 -28.25 -16.69
N GLU A 191 8.88 -29.04 -16.22
CA GLU A 191 8.88 -29.68 -14.90
C GLU A 191 8.96 -28.60 -13.84
N VAL A 192 9.88 -27.63 -14.05
CA VAL A 192 10.10 -26.53 -13.11
C VAL A 192 8.88 -25.60 -13.10
N LEU A 193 8.24 -25.35 -14.26
CA LEU A 193 7.02 -24.53 -14.32
C LEU A 193 5.88 -25.18 -13.53
N SER A 194 5.68 -26.50 -13.68
CA SER A 194 4.63 -27.27 -13.02
C SER A 194 4.74 -27.24 -11.51
N SER A 195 5.95 -27.06 -10.97
CA SER A 195 6.17 -26.97 -9.53
C SER A 195 5.42 -25.82 -8.85
N ILE A 196 4.99 -24.80 -9.61
CA ILE A 196 4.28 -23.67 -9.02
C ILE A 196 2.76 -23.66 -9.36
N SER A 197 2.27 -24.63 -10.15
CA SER A 197 0.86 -24.74 -10.53
C SER A 197 0.01 -25.08 -9.30
N PHE A 198 -1.28 -24.69 -9.31
CA PHE A 198 -2.23 -24.99 -8.23
C PHE A 198 -2.32 -26.48 -7.91
N GLY A 199 -2.18 -27.32 -8.95
CA GLY A 199 -2.20 -28.77 -8.86
C GLY A 199 -1.09 -29.35 -8.01
N SER A 200 0.16 -28.95 -8.28
CA SER A 200 1.31 -29.44 -7.54
C SER A 200 1.31 -28.87 -6.16
N LEU A 201 1.07 -27.55 -6.04
CA LEU A 201 1.06 -26.87 -4.76
C LEU A 201 -0.11 -27.29 -3.84
N GLY A 202 -1.35 -26.91 -4.20
CA GLY A 202 -2.52 -27.18 -3.38
C GLY A 202 -2.74 -26.06 -2.38
N VAL A 203 -4.01 -25.82 -2.04
CA VAL A 203 -4.45 -24.79 -1.10
C VAL A 203 -3.56 -24.61 0.13
N LYS A 204 -3.32 -25.72 0.88
CA LYS A 204 -2.57 -25.72 2.11
C LYS A 204 -1.07 -25.34 1.96
N ASN A 205 -0.49 -25.39 0.74
CA ASN A 205 0.89 -24.95 0.45
C ASN A 205 0.97 -23.49 -0.03
N ILE A 206 -0.20 -22.88 -0.34
CA ILE A 206 -0.32 -21.48 -0.81
C ILE A 206 -0.74 -20.60 0.40
N ARG A 207 -1.93 -20.85 0.99
CA ARG A 207 -2.40 -20.10 2.16
C ARG A 207 -1.74 -20.64 3.45
N GLY A 208 -1.33 -19.72 4.32
CA GLY A 208 -0.73 -20.05 5.61
C GLY A 208 -0.96 -18.96 6.64
N GLY A 209 -0.34 -19.11 7.79
CA GLY A 209 -0.44 -18.14 8.87
C GLY A 209 -1.49 -18.50 9.90
N ASN A 210 -1.60 -17.64 10.94
CA ASN A 210 -2.62 -17.67 12.00
C ASN A 210 -3.82 -16.90 11.40
N GLY A 211 -4.95 -16.79 12.06
CA GLY A 211 -6.02 -16.02 11.42
C GLY A 211 -5.96 -14.53 11.71
N LYS A 212 -4.76 -13.99 12.03
CA LYS A 212 -4.60 -12.60 12.46
C LYS A 212 -3.18 -12.03 12.19
N ASP A 213 -2.67 -12.24 10.98
CA ASP A 213 -1.34 -11.79 10.65
C ASP A 213 -1.30 -10.45 9.92
N GLY A 214 -2.43 -9.75 9.86
CA GLY A 214 -2.57 -8.43 9.24
C GLY A 214 -1.89 -8.18 7.92
N CYS A 215 -1.94 -9.13 6.99
CA CYS A 215 -1.26 -8.88 5.72
C CYS A 215 -2.15 -8.22 4.70
N ASN A 216 -1.94 -6.92 4.46
CA ASN A 216 -2.71 -6.09 3.52
C ASN A 216 -2.38 -6.35 2.06
N LEU A 217 -1.19 -6.88 1.76
CA LEU A 217 -0.81 -7.12 0.37
C LEU A 217 -1.69 -8.20 -0.26
N VAL A 218 -2.45 -8.87 0.56
CA VAL A 218 -3.24 -10.01 0.18
C VAL A 218 -4.81 -9.77 0.39
N ARG A 219 -5.16 -8.50 0.62
CA ARG A 219 -6.50 -7.99 0.83
C ARG A 219 -6.76 -6.90 -0.18
N THR A 220 -7.76 -7.12 -1.04
CA THR A 220 -8.15 -6.09 -2.00
C THR A 220 -9.43 -5.38 -1.54
N ASP A 221 -10.09 -5.90 -0.48
CA ASP A 221 -11.27 -5.23 0.09
C ASP A 221 -10.77 -3.91 0.70
N THR A 222 -11.71 -3.06 1.15
CA THR A 222 -11.34 -1.73 1.65
C THR A 222 -10.32 -1.86 2.81
N ASP A 223 -9.36 -0.89 2.88
CA ASP A 223 -8.26 -0.82 3.85
C ASP A 223 -7.17 -1.90 3.67
N GLY A 224 -6.98 -2.37 2.44
CA GLY A 224 -5.99 -3.40 2.15
C GLY A 224 -4.82 -2.83 1.37
N VAL A 225 -4.79 -3.11 0.06
CA VAL A 225 -3.82 -2.55 -0.85
C VAL A 225 -4.03 -1.00 -0.90
N LEU A 226 -5.32 -0.56 -0.79
CA LEU A 226 -5.74 0.84 -0.79
C LEU A 226 -6.48 1.20 0.49
N GLU A 227 -6.28 2.43 1.01
CA GLU A 227 -6.94 2.91 2.25
C GLU A 227 -8.23 3.71 1.98
N GLY A 228 -9.35 3.13 2.42
CA GLY A 228 -10.68 3.69 2.23
C GLY A 228 -11.20 3.39 0.84
N GLY A 229 -10.57 2.39 0.18
CA GLY A 229 -10.91 1.97 -1.18
C GLY A 229 -10.41 0.59 -1.62
N SER A 230 -10.75 0.22 -2.86
CA SER A 230 -10.34 -1.08 -3.44
C SER A 230 -9.91 -0.91 -4.90
N PRO A 231 -8.94 -1.71 -5.43
CA PRO A 231 -8.57 -1.59 -6.85
C PRO A 231 -9.64 -2.21 -7.78
N THR A 232 -10.68 -1.42 -8.08
CA THR A 232 -11.82 -1.84 -8.87
C THR A 232 -11.57 -1.66 -10.38
N ARG A 233 -10.56 -0.87 -10.76
CA ARG A 233 -10.27 -0.64 -12.17
C ARG A 233 -9.52 -1.79 -12.77
N HIS A 234 -8.61 -2.38 -11.98
CA HIS A 234 -7.75 -3.46 -12.43
C HIS A 234 -7.69 -4.58 -11.48
N ASN A 235 -7.82 -5.80 -12.01
CA ASN A 235 -7.73 -7.07 -11.28
C ASN A 235 -6.21 -7.28 -11.02
N LEU A 236 -5.72 -6.91 -9.81
CA LEU A 236 -4.30 -7.00 -9.42
C LEU A 236 -3.82 -8.45 -9.53
N THR A 237 -2.71 -8.60 -10.27
CA THR A 237 -2.04 -9.85 -10.49
C THR A 237 -0.56 -9.70 -10.12
N TRP A 238 0.00 -10.70 -9.37
CA TRP A 238 1.42 -10.78 -9.01
C TRP A 238 2.04 -11.89 -9.84
N GLY A 239 3.29 -11.74 -10.26
CA GLY A 239 3.89 -12.64 -11.24
C GLY A 239 3.33 -12.08 -12.53
N GLY A 240 3.21 -12.87 -13.58
CA GLY A 240 2.58 -12.30 -14.78
C GLY A 240 1.14 -12.74 -14.92
N GLY A 241 0.56 -13.14 -13.80
CA GLY A 241 -0.73 -13.78 -13.69
C GLY A 241 -0.59 -15.10 -12.94
N VAL A 242 0.31 -15.15 -11.93
CA VAL A 242 0.54 -16.31 -11.06
C VAL A 242 -0.52 -16.34 -9.94
N MET A 243 -0.67 -15.19 -9.21
CA MET A 243 -1.60 -14.99 -8.10
C MET A 243 -2.53 -13.85 -8.52
N ASN A 244 -3.81 -14.18 -8.79
CA ASN A 244 -4.79 -13.27 -9.35
C ASN A 244 -5.92 -12.85 -8.42
N PHE A 245 -6.00 -11.53 -8.18
CA PHE A 245 -7.00 -10.89 -7.32
C PHE A 245 -8.11 -10.23 -8.14
N GLY A 246 -9.21 -9.99 -7.44
CA GLY A 246 -10.38 -9.29 -7.93
C GLY A 246 -10.42 -7.97 -7.21
N SER A 247 -11.62 -7.46 -6.91
CA SER A 247 -11.65 -6.17 -6.27
C SER A 247 -11.90 -6.20 -4.77
N TYR A 248 -12.60 -7.23 -4.21
CA TYR A 248 -12.90 -7.21 -2.77
C TYR A 248 -12.49 -8.49 -2.02
N GLN A 249 -11.23 -8.95 -2.20
CA GLN A 249 -10.71 -10.14 -1.47
C GLN A 249 -10.45 -9.87 0.02
N ASN A 250 -11.06 -10.66 0.86
CA ASN A 250 -11.05 -10.71 2.32
C ASN A 250 -9.70 -10.35 2.96
N GLY A 251 -8.67 -11.12 2.59
CA GLY A 251 -7.32 -11.12 3.15
C GLY A 251 -7.13 -12.48 3.79
N SER A 252 -8.22 -13.31 3.79
CA SER A 252 -8.29 -14.65 4.36
C SER A 252 -7.49 -15.62 3.57
N MET A 253 -7.07 -15.24 2.35
CA MET A 253 -6.26 -16.05 1.46
C MET A 253 -7.03 -17.28 0.99
N TYR A 254 -8.32 -17.14 0.72
CA TYR A 254 -9.16 -18.20 0.17
C TYR A 254 -8.65 -18.41 -1.29
N VAL A 255 -8.11 -19.59 -1.63
CA VAL A 255 -7.54 -19.81 -2.97
C VAL A 255 -8.28 -20.89 -3.76
N GLU A 256 -8.38 -20.67 -5.06
CA GLU A 256 -8.91 -21.61 -6.04
C GLU A 256 -8.01 -21.54 -7.27
N GLY A 257 -8.02 -22.58 -8.09
CA GLY A 257 -7.21 -22.61 -9.29
C GLY A 257 -7.86 -21.84 -10.42
N GLY A 258 -7.06 -21.07 -11.16
CA GLY A 258 -7.54 -20.26 -12.27
C GLY A 258 -6.47 -19.35 -12.85
N GLU A 259 -6.82 -18.58 -13.89
CA GLU A 259 -5.89 -17.68 -14.60
C GLU A 259 -6.29 -16.21 -14.45
N TYR A 260 -5.51 -15.29 -15.08
CA TYR A 260 -5.68 -13.83 -15.08
C TYR A 260 -7.16 -13.35 -15.29
N GLY A 261 -7.82 -13.76 -16.38
CA GLY A 261 -9.22 -13.35 -16.55
C GLY A 261 -10.30 -13.98 -15.67
N ASP A 262 -9.95 -14.94 -14.76
CA ASP A 262 -10.90 -15.72 -13.96
C ASP A 262 -11.36 -15.10 -12.62
N ALA A 263 -10.57 -14.22 -12.01
CA ALA A 263 -10.92 -13.63 -10.71
C ALA A 263 -12.21 -12.83 -10.72
N THR A 264 -12.98 -12.96 -9.63
CA THR A 264 -14.24 -12.24 -9.42
C THR A 264 -14.06 -11.27 -8.24
N GLU A 265 -15.06 -10.43 -8.05
CA GLU A 265 -15.10 -9.43 -7.01
C GLU A 265 -15.05 -9.97 -5.61
N TYR A 266 -15.93 -10.90 -5.29
CA TYR A 266 -15.96 -11.45 -3.93
C TYR A 266 -15.39 -12.86 -3.79
N GLY A 267 -15.07 -13.52 -4.90
CA GLY A 267 -14.56 -14.89 -4.93
C GLY A 267 -13.17 -15.10 -4.37
N ALA A 268 -12.63 -16.30 -4.62
CA ALA A 268 -11.30 -16.70 -4.18
C ALA A 268 -10.25 -16.10 -5.08
N VAL A 269 -9.02 -15.97 -4.56
CA VAL A 269 -7.81 -15.58 -5.32
C VAL A 269 -7.61 -16.72 -6.38
N ARG A 270 -7.19 -16.39 -7.61
CA ARG A 270 -6.97 -17.47 -8.58
C ARG A 270 -5.52 -17.76 -8.76
N TRP A 271 -5.08 -18.97 -8.37
CA TRP A 271 -3.69 -19.39 -8.55
C TRP A 271 -3.58 -20.20 -9.86
N THR A 272 -2.58 -19.92 -10.67
CA THR A 272 -2.45 -20.56 -11.96
C THR A 272 -2.51 -22.08 -12.02
N GLU A 273 -3.31 -22.61 -12.93
CA GLU A 273 -3.49 -24.04 -13.08
C GLU A 273 -2.45 -24.49 -14.08
N ASP A 274 -2.16 -23.63 -15.11
CA ASP A 274 -1.19 -23.89 -16.19
C ASP A 274 -0.18 -22.73 -16.33
N PRO A 275 1.02 -22.84 -15.67
CA PRO A 275 2.02 -21.76 -15.76
C PRO A 275 2.54 -21.40 -17.17
N SER A 276 2.28 -22.25 -18.19
CA SER A 276 2.66 -21.96 -19.59
C SER A 276 1.75 -20.87 -20.20
N LYS A 277 0.57 -20.65 -19.59
CA LYS A 277 -0.45 -19.65 -19.96
C LYS A 277 -0.16 -18.25 -19.34
N VAL A 278 0.91 -18.13 -18.52
CA VAL A 278 1.26 -16.85 -17.89
C VAL A 278 2.14 -16.05 -18.88
N SER A 279 1.79 -14.75 -19.08
CA SER A 279 2.45 -13.74 -19.95
C SER A 279 3.99 -13.82 -20.08
N ILE A 280 4.66 -13.97 -18.93
CA ILE A 280 6.11 -13.94 -18.84
C ILE A 280 6.74 -15.29 -19.22
N PHE A 281 6.05 -16.42 -18.98
CA PHE A 281 6.63 -17.74 -19.30
C PHE A 281 6.43 -18.13 -20.75
N LYS A 282 5.34 -17.62 -21.36
CA LYS A 282 4.96 -17.79 -22.77
C LYS A 282 6.14 -17.44 -23.72
N ASP A 283 6.89 -16.36 -23.41
CA ASP A 283 8.03 -15.90 -24.20
C ASP A 283 9.28 -16.74 -23.97
N VAL A 284 9.44 -17.23 -22.74
CA VAL A 284 10.60 -18.03 -22.37
C VAL A 284 10.51 -19.38 -23.09
N ILE A 285 9.32 -20.01 -23.03
CA ILE A 285 9.05 -21.25 -23.71
C ILE A 285 9.29 -21.07 -25.22
N ARG A 286 8.78 -19.97 -25.82
CA ARG A 286 8.87 -19.64 -27.24
C ARG A 286 10.28 -19.35 -27.75
N LEU A 287 11.04 -18.56 -26.97
CA LEU A 287 12.37 -18.15 -27.35
C LEU A 287 13.40 -19.24 -27.07
N PHE A 288 13.25 -20.01 -25.95
CA PHE A 288 14.14 -21.13 -25.61
C PHE A 288 13.92 -22.32 -26.55
N ALA A 289 12.68 -22.49 -27.04
CA ALA A 289 12.30 -23.48 -28.05
C ALA A 289 13.00 -23.16 -29.36
N ARG A 290 12.96 -21.85 -29.78
CA ARG A 290 13.60 -21.37 -31.00
C ARG A 290 15.09 -21.64 -30.97
N PHE A 291 15.75 -21.48 -29.81
CA PHE A 291 17.17 -21.74 -29.62
C PHE A 291 17.43 -23.25 -29.83
N GLN A 292 16.74 -24.08 -29.03
CA GLN A 292 16.82 -25.53 -29.02
C GLN A 292 16.58 -26.18 -30.38
N GLU A 293 15.60 -25.67 -31.18
CA GLU A 293 15.28 -26.18 -32.53
C GLU A 293 16.44 -25.89 -33.47
N ALA A 294 16.95 -24.64 -33.41
CA ALA A 294 18.07 -24.13 -34.22
C ALA A 294 19.34 -24.94 -33.94
N LYS A 295 19.62 -25.18 -32.65
CA LYS A 295 20.74 -25.96 -32.13
C LYS A 295 20.70 -27.42 -32.63
N ASN A 296 19.54 -28.10 -32.45
CA ASN A 296 19.32 -29.51 -32.83
C ASN A 296 19.51 -29.73 -34.33
N ALA A 297 19.00 -28.78 -35.14
CA ALA A 297 19.05 -28.78 -36.61
C ALA A 297 20.47 -28.68 -37.13
N VAL A 298 21.34 -27.90 -36.42
CA VAL A 298 22.76 -27.74 -36.77
C VAL A 298 23.47 -29.05 -36.43
N VAL A 299 23.17 -29.61 -35.23
CA VAL A 299 23.73 -30.88 -34.75
C VAL A 299 23.38 -32.06 -35.70
N LYS A 300 22.12 -32.14 -36.22
CA LYS A 300 21.68 -33.16 -37.20
C LYS A 300 22.52 -33.08 -38.49
N LYS A 301 22.66 -31.86 -39.03
CA LYS A 301 23.39 -31.53 -40.24
C LYS A 301 24.87 -31.86 -40.14
N ILE A 302 25.54 -31.47 -39.00
CA ILE A 302 26.97 -31.77 -38.69
C ILE A 302 27.17 -33.28 -38.68
N LYS A 303 26.22 -34.01 -38.03
CA LYS A 303 26.22 -35.47 -37.93
C LYS A 303 26.15 -36.14 -39.30
N THR A 304 25.15 -35.80 -40.12
CA THR A 304 24.97 -36.41 -41.43
C THR A 304 26.12 -36.09 -42.42
N THR A 305 26.80 -34.91 -42.28
CA THR A 305 27.96 -34.57 -43.11
C THR A 305 29.20 -35.36 -42.67
N VAL A 306 29.41 -35.51 -41.34
CA VAL A 306 30.49 -36.29 -40.71
C VAL A 306 30.32 -37.80 -41.06
N ASP A 307 29.06 -38.25 -41.25
CA ASP A 307 28.73 -39.64 -41.64
C ASP A 307 29.30 -39.92 -43.04
N GLU A 308 29.25 -38.90 -43.93
CA GLU A 308 29.75 -38.96 -45.30
C GLU A 308 31.28 -38.80 -45.36
N LEU A 309 31.86 -38.06 -44.42
CA LEU A 309 33.30 -37.83 -44.35
C LEU A 309 34.06 -39.03 -43.84
N THR A 310 33.71 -39.57 -42.63
CA THR A 310 34.39 -40.70 -41.98
C THR A 310 34.44 -41.97 -42.85
N LYS A 311 33.63 -42.03 -43.90
CA LYS A 311 33.63 -43.17 -44.83
C LYS A 311 34.89 -43.16 -45.72
N CYS A 312 35.16 -42.04 -46.44
CA CYS A 312 36.29 -41.97 -47.36
C CYS A 312 37.54 -41.26 -46.80
N ILE A 313 38.09 -41.70 -45.67
CA ILE A 313 39.28 -41.03 -45.15
C ILE A 313 40.52 -41.99 -45.18
N GLY A 314 40.42 -43.18 -44.60
CA GLY A 314 41.52 -44.13 -44.56
C GLY A 314 42.32 -44.01 -43.29
N GLN A 315 42.44 -45.12 -42.52
CA GLN A 315 43.08 -45.28 -41.20
C GLN A 315 44.35 -44.43 -40.96
N LYS A 316 45.21 -44.27 -41.99
CA LYS A 316 46.43 -43.48 -41.90
C LYS A 316 46.08 -42.04 -41.59
N GLU A 317 45.12 -41.49 -42.36
CA GLU A 317 44.59 -40.12 -42.29
C GLU A 317 43.55 -39.92 -41.16
N ALA A 318 42.91 -41.02 -40.69
CA ALA A 318 41.92 -41.01 -39.59
C ALA A 318 42.60 -40.85 -38.22
N GLU A 319 43.75 -41.53 -38.02
CA GLU A 319 44.62 -41.51 -36.83
C GLU A 319 45.29 -40.14 -36.62
N LEU A 320 45.57 -39.43 -37.74
CA LEU A 320 46.19 -38.09 -37.77
C LEU A 320 45.27 -37.17 -36.95
N THR A 321 45.83 -36.57 -35.87
CA THR A 321 45.08 -35.73 -34.93
C THR A 321 45.87 -34.51 -34.45
N ASN A 322 45.13 -33.41 -34.14
CA ASN A 322 45.59 -32.14 -33.60
C ASN A 322 46.65 -31.43 -34.46
N ASP A 323 47.78 -31.05 -33.84
CA ASP A 323 48.95 -30.37 -34.39
C ASP A 323 49.60 -31.11 -35.58
N GLN A 324 49.65 -32.46 -35.52
CA GLN A 324 50.20 -33.32 -36.57
C GLN A 324 49.37 -33.25 -37.86
N LEU A 325 48.04 -32.98 -37.73
CA LEU A 325 47.12 -32.85 -38.86
C LEU A 325 47.46 -31.63 -39.71
N TYR A 326 47.68 -30.44 -39.09
CA TYR A 326 48.05 -29.20 -39.80
C TYR A 326 49.46 -29.34 -40.42
N GLU A 327 50.41 -29.92 -39.64
CA GLU A 327 51.81 -30.16 -40.00
C GLU A 327 51.89 -30.92 -41.33
N GLU A 328 51.38 -32.16 -41.34
CA GLU A 328 51.39 -33.05 -42.50
C GLU A 328 50.58 -32.54 -43.68
N PHE A 329 49.51 -31.76 -43.42
CA PHE A 329 48.65 -31.15 -44.46
C PHE A 329 49.41 -30.05 -45.20
N ILE A 330 50.12 -29.18 -44.47
CA ILE A 330 50.93 -28.09 -45.03
C ILE A 330 52.18 -28.70 -45.71
N TRP A 331 52.73 -29.80 -45.15
CA TRP A 331 53.86 -30.58 -45.70
C TRP A 331 53.47 -31.01 -47.13
N GLU A 332 52.23 -31.53 -47.28
CA GLU A 332 51.62 -32.04 -48.51
C GLU A 332 51.23 -30.94 -49.52
N THR A 333 50.67 -29.80 -49.04
CA THR A 333 50.25 -28.67 -49.90
C THR A 333 51.46 -28.00 -50.58
N ILE A 334 52.59 -27.91 -49.84
CA ILE A 334 53.84 -27.33 -50.32
C ILE A 334 54.53 -28.28 -51.33
N ASN A 335 54.38 -29.61 -51.12
CA ASN A 335 54.92 -30.64 -52.00
C ASN A 335 54.09 -30.72 -53.29
N ARG A 336 52.73 -30.66 -53.18
CA ARG A 336 51.80 -30.68 -54.32
C ARG A 336 51.89 -29.40 -55.19
N LEU A 337 52.39 -28.28 -54.62
CA LEU A 337 52.59 -27.01 -55.32
C LEU A 337 53.91 -27.00 -56.10
N GLU A 338 54.93 -27.69 -55.56
CA GLU A 338 56.26 -27.83 -56.15
C GLU A 338 56.29 -28.96 -57.19
N LEU A 339 55.22 -29.78 -57.21
CA LEU A 339 54.94 -30.90 -58.12
C LEU A 339 54.49 -30.31 -59.47
N SER A 340 53.69 -29.21 -59.40
CA SER A 340 53.18 -28.45 -60.56
C SER A 340 54.28 -27.49 -61.04
N LYS A 341 54.98 -26.80 -60.10
CA LYS A 341 56.09 -25.88 -60.37
C LYS A 341 57.35 -26.60 -60.90
N ARG A 342 57.32 -27.95 -60.96
CA ARG A 342 58.41 -28.81 -61.47
C ARG A 342 57.85 -30.11 -62.02
N TYR B 18 -3.22 14.11 7.78
CA TYR B 18 -1.95 14.49 8.42
C TYR B 18 -0.98 13.29 8.55
N GLU B 19 -1.18 12.39 9.54
CA GLU B 19 -0.34 11.18 9.73
C GLU B 19 -0.91 10.06 8.85
N ASN B 20 -2.25 10.06 8.67
CA ASN B 20 -3.05 9.13 7.87
C ASN B 20 -2.94 9.41 6.37
N GLU B 21 -2.13 10.43 6.00
CA GLU B 21 -1.87 10.90 4.63
C GLU B 21 -1.10 9.85 3.85
N ARG B 22 -1.59 9.45 2.69
CA ARG B 22 -0.90 8.41 1.91
C ARG B 22 -0.64 8.86 0.48
N ASN B 23 0.62 9.29 0.21
CA ASN B 23 1.04 9.78 -1.12
C ASN B 23 1.14 8.68 -2.21
N ALA B 24 1.00 9.11 -3.48
CA ALA B 24 1.08 8.34 -4.70
C ALA B 24 2.34 8.77 -5.48
N LEU B 25 2.97 7.82 -6.19
CA LEU B 25 4.15 7.99 -7.04
C LEU B 25 3.70 8.79 -8.27
N ASN B 26 4.50 9.76 -8.72
CA ASN B 26 4.06 10.52 -9.88
C ASN B 26 4.27 9.72 -11.18
N ALA B 27 3.34 9.83 -12.12
CA ALA B 27 3.39 9.13 -13.42
C ALA B 27 4.69 9.40 -14.22
N THR B 28 5.23 10.59 -14.08
CA THR B 28 6.45 10.95 -14.80
C THR B 28 7.61 10.19 -14.21
N ALA B 29 7.57 9.92 -12.89
CA ALA B 29 8.61 9.12 -12.25
C ALA B 29 8.40 7.65 -12.66
N ALA B 30 7.12 7.14 -12.72
CA ALA B 30 6.74 5.81 -13.23
C ALA B 30 7.20 5.56 -14.70
N ASN B 31 6.97 6.52 -15.61
CA ASN B 31 7.33 6.39 -17.02
C ASN B 31 8.83 6.33 -17.24
N LYS B 32 9.58 7.08 -16.40
CA LYS B 32 11.03 7.19 -16.43
C LYS B 32 11.64 5.86 -16.02
N VAL B 33 11.00 5.14 -15.06
CA VAL B 33 11.45 3.81 -14.61
C VAL B 33 11.18 2.78 -15.72
N CYS B 34 10.02 2.89 -16.37
CA CYS B 34 9.62 2.01 -17.47
C CYS B 34 10.48 2.23 -18.69
N GLY B 35 10.95 3.46 -18.86
CA GLY B 35 11.84 3.82 -19.94
C GLY B 35 13.15 3.06 -19.79
N LEU B 36 13.68 3.02 -18.55
CA LEU B 36 14.93 2.32 -18.23
C LEU B 36 14.74 0.83 -18.42
N SER B 37 13.59 0.33 -17.95
CA SER B 37 13.21 -1.06 -18.04
C SER B 37 13.17 -1.52 -19.53
N THR B 38 12.71 -0.65 -20.49
CA THR B 38 12.71 -1.12 -21.88
C THR B 38 14.11 -0.91 -22.50
N TYR B 39 14.91 0.06 -22.01
CA TYR B 39 16.30 0.15 -22.49
C TYR B 39 17.03 -1.19 -22.15
N LEU B 40 16.80 -1.73 -20.90
CA LEU B 40 17.44 -2.95 -20.39
C LEU B 40 16.99 -4.20 -21.13
N LYS B 41 15.75 -4.24 -21.62
CA LYS B 41 15.21 -5.35 -22.41
C LYS B 41 15.92 -5.34 -23.79
N GLY B 42 16.23 -4.14 -24.27
CA GLY B 42 16.89 -3.89 -25.54
C GLY B 42 18.36 -4.23 -25.57
N ILE B 43 18.95 -4.51 -24.40
CA ILE B 43 20.35 -4.87 -24.29
C ILE B 43 20.63 -6.21 -25.03
N ALA B 44 19.63 -7.09 -25.15
CA ALA B 44 19.78 -8.37 -25.85
C ALA B 44 20.00 -8.11 -27.35
N HIS B 45 19.26 -7.13 -27.90
CA HIS B 45 19.33 -6.68 -29.28
C HIS B 45 20.64 -5.95 -29.53
N ARG B 46 21.12 -5.18 -28.53
CA ARG B 46 22.38 -4.45 -28.57
C ARG B 46 23.58 -5.38 -28.60
N VAL B 47 23.59 -6.41 -27.75
CA VAL B 47 24.72 -7.36 -27.75
C VAL B 47 24.74 -8.18 -29.07
N ASN B 48 23.55 -8.57 -29.57
CA ASN B 48 23.38 -9.30 -30.83
C ASN B 48 23.90 -8.50 -32.02
N SER B 49 23.54 -7.20 -32.07
CA SER B 49 23.94 -6.29 -33.13
C SER B 49 25.44 -6.02 -33.09
N GLU B 50 26.00 -5.73 -31.89
CA GLU B 50 27.43 -5.52 -31.68
C GLU B 50 28.23 -6.78 -32.06
N SER B 51 27.65 -7.98 -31.85
CA SER B 51 28.28 -9.25 -32.21
C SER B 51 28.27 -9.49 -33.72
N ALA B 52 27.27 -8.90 -34.43
CA ALA B 52 27.11 -8.99 -35.88
C ALA B 52 28.18 -8.17 -36.60
N VAL B 53 28.69 -7.11 -35.94
CA VAL B 53 29.76 -6.24 -36.48
C VAL B 53 31.03 -7.08 -36.54
N VAL B 54 31.34 -7.78 -35.42
CA VAL B 54 32.53 -8.61 -35.27
C VAL B 54 32.57 -9.71 -36.34
N THR B 55 31.41 -10.29 -36.69
CA THR B 55 31.35 -11.32 -37.73
C THR B 55 31.58 -10.69 -39.13
N GLU B 56 31.20 -9.42 -39.32
CA GLU B 56 31.46 -8.69 -40.57
C GLU B 56 32.97 -8.52 -40.69
N LYS B 57 33.61 -8.07 -39.59
CA LYS B 57 35.06 -7.88 -39.47
C LYS B 57 35.81 -9.20 -39.68
N LEU B 58 35.23 -10.33 -39.23
CA LEU B 58 35.79 -11.68 -39.38
C LEU B 58 35.65 -12.23 -40.80
N SER B 59 34.52 -11.94 -41.47
CA SER B 59 34.24 -12.38 -42.86
C SER B 59 35.21 -11.69 -43.84
N ASP B 60 35.61 -10.46 -43.50
CA ASP B 60 36.58 -9.63 -44.22
C ASP B 60 37.95 -10.30 -44.05
N LEU B 61 38.21 -10.91 -42.88
CA LEU B 61 39.44 -11.64 -42.64
C LEU B 61 39.50 -12.93 -43.49
N LYS B 62 38.34 -13.61 -43.65
CA LYS B 62 38.19 -14.84 -44.47
C LYS B 62 38.34 -14.49 -45.97
N MET B 63 37.83 -13.32 -46.35
CA MET B 63 37.92 -12.82 -47.71
C MET B 63 39.38 -12.38 -47.99
N ARG B 64 40.10 -11.87 -46.97
CA ARG B 64 41.50 -11.43 -47.11
C ARG B 64 42.49 -12.60 -47.02
N SER B 65 42.17 -13.66 -46.28
CA SER B 65 43.05 -14.83 -46.22
C SER B 65 42.95 -15.69 -47.50
N ILE B 66 41.73 -15.80 -48.08
CA ILE B 66 41.48 -16.52 -49.34
C ILE B 66 42.17 -15.76 -50.49
N GLN B 67 42.27 -14.43 -50.35
CA GLN B 67 42.96 -13.52 -51.26
C GLN B 67 44.46 -13.84 -51.24
N LEU B 68 45.00 -14.19 -50.04
CA LEU B 68 46.41 -14.53 -49.77
C LEU B 68 46.78 -15.91 -50.32
N GLN B 69 45.92 -16.93 -50.07
CA GLN B 69 46.11 -18.30 -50.55
C GLN B 69 46.14 -18.37 -52.07
N LEU B 70 45.38 -17.50 -52.75
CA LEU B 70 45.33 -17.38 -54.21
C LEU B 70 46.65 -16.83 -54.74
N SER B 71 47.29 -15.90 -53.98
CA SER B 71 48.60 -15.32 -54.29
C SER B 71 49.68 -16.36 -54.04
N VAL B 72 49.54 -17.11 -52.92
CA VAL B 72 50.43 -18.19 -52.48
C VAL B 72 50.50 -19.30 -53.53
N MET B 73 49.35 -19.69 -54.11
CA MET B 73 49.31 -20.72 -55.15
C MET B 73 49.47 -20.10 -56.57
N ARG B 74 50.30 -19.02 -56.68
CA ARG B 74 50.60 -18.28 -57.91
C ARG B 74 51.99 -17.60 -57.89
N GLN B 82 58.78 -7.69 -50.45
CA GLN B 82 58.75 -9.14 -50.28
C GLN B 82 58.66 -9.55 -48.78
N ASP B 83 59.67 -10.29 -48.23
CA ASP B 83 59.77 -10.76 -46.83
C ASP B 83 58.54 -11.60 -46.31
N CYS B 84 57.68 -12.03 -47.26
CA CYS B 84 56.49 -12.89 -47.08
C CYS B 84 56.88 -14.32 -47.44
N LYS B 85 58.14 -14.49 -47.93
CA LYS B 85 58.83 -15.68 -48.47
C LYS B 85 58.50 -17.05 -47.84
N ASP B 86 58.34 -17.13 -46.51
CA ASP B 86 58.02 -18.38 -45.85
C ASP B 86 56.56 -18.76 -46.08
N ILE B 87 56.34 -19.72 -47.00
CA ILE B 87 55.03 -20.24 -47.39
C ILE B 87 54.37 -21.06 -46.25
N ARG B 88 55.16 -21.90 -45.56
CA ARG B 88 54.75 -22.76 -44.45
C ARG B 88 54.04 -22.02 -43.30
N THR B 89 54.71 -21.04 -42.66
CA THR B 89 54.15 -20.26 -41.53
C THR B 89 52.96 -19.42 -41.93
N LEU B 90 52.88 -18.95 -43.19
CA LEU B 90 51.74 -18.19 -43.70
C LEU B 90 50.47 -19.04 -43.61
N LEU B 91 50.54 -20.30 -44.08
CA LEU B 91 49.43 -21.25 -44.07
C LEU B 91 49.28 -22.01 -42.73
N LYS B 92 50.32 -22.02 -41.87
CA LYS B 92 50.22 -22.62 -40.55
C LYS B 92 49.43 -21.70 -39.64
N THR B 93 49.66 -20.37 -39.73
CA THR B 93 48.94 -19.35 -38.95
C THR B 93 47.51 -19.16 -39.50
N VAL B 94 47.30 -19.37 -40.82
CA VAL B 94 46.00 -19.27 -41.49
C VAL B 94 45.07 -20.39 -40.99
N LEU B 95 45.59 -21.64 -40.90
CA LEU B 95 44.82 -22.78 -40.37
C LEU B 95 44.58 -22.60 -38.87
N ARG B 96 45.56 -22.01 -38.15
CA ARG B 96 45.52 -21.69 -36.72
C ARG B 96 44.38 -20.68 -36.44
N ASN B 97 44.32 -19.58 -37.23
CA ASN B 97 43.31 -18.52 -37.12
C ASN B 97 41.89 -19.08 -37.18
N GLU B 98 41.63 -19.99 -38.15
CA GLU B 98 40.37 -20.69 -38.39
C GLU B 98 39.80 -21.34 -37.09
N PHE B 99 40.68 -21.64 -36.11
CA PHE B 99 40.31 -22.26 -34.84
C PHE B 99 40.48 -21.31 -33.64
N THR B 100 41.61 -20.55 -33.58
CA THR B 100 41.91 -19.61 -32.48
C THR B 100 40.85 -18.55 -32.29
N PHE B 101 40.26 -18.05 -33.39
CA PHE B 101 39.24 -17.01 -33.32
C PHE B 101 37.89 -17.49 -32.79
N GLN B 102 37.29 -18.57 -33.38
CA GLN B 102 35.98 -19.10 -32.97
C GLN B 102 35.89 -19.48 -31.48
N GLN B 103 37.03 -19.83 -30.84
CA GLN B 103 37.05 -20.16 -29.40
C GLN B 103 37.11 -18.88 -28.52
N GLU B 104 37.42 -17.71 -29.13
CA GLU B 104 37.45 -16.38 -28.47
C GLU B 104 36.16 -15.62 -28.78
N LEU B 105 35.48 -16.03 -29.84
CA LEU B 105 34.19 -15.50 -30.28
C LEU B 105 33.12 -16.15 -29.39
N GLU B 106 33.40 -17.41 -28.97
CA GLU B 106 32.59 -18.23 -28.07
C GLU B 106 32.55 -17.51 -26.72
N GLU B 107 33.71 -17.01 -26.28
CA GLU B 107 33.96 -16.26 -25.06
C GLU B 107 33.14 -14.95 -25.06
N MET B 108 33.07 -14.24 -26.22
CA MET B 108 32.33 -12.99 -26.27
C MET B 108 30.81 -13.23 -26.25
N ARG B 109 30.31 -14.30 -26.96
CA ARG B 109 28.89 -14.67 -27.02
C ARG B 109 28.44 -15.14 -25.65
N ASN B 110 29.33 -15.80 -24.88
CA ASN B 110 29.00 -16.27 -23.53
C ASN B 110 28.73 -15.05 -22.64
N ALA B 111 29.60 -14.03 -22.72
CA ALA B 111 29.45 -12.76 -21.98
C ALA B 111 28.20 -11.97 -22.43
N SER B 112 27.76 -12.16 -23.71
CA SER B 112 26.60 -11.48 -24.25
C SER B 112 25.33 -12.02 -23.64
N ALA B 113 25.23 -13.35 -23.46
CA ALA B 113 24.06 -14.01 -22.85
C ALA B 113 23.86 -13.56 -21.39
N LEU B 114 24.95 -13.50 -20.59
CA LEU B 114 24.91 -13.04 -19.20
C LEU B 114 24.53 -11.58 -19.09
N ALA B 115 25.11 -10.71 -19.94
CA ALA B 115 24.79 -9.29 -19.95
C ALA B 115 23.33 -9.10 -20.36
N ALA B 116 22.84 -9.88 -21.36
CA ALA B 116 21.44 -9.85 -21.79
C ALA B 116 20.46 -10.36 -20.70
N ALA B 117 20.82 -11.42 -19.95
CA ALA B 117 20.05 -12.03 -18.85
C ALA B 117 19.99 -11.13 -17.59
N ALA B 118 21.19 -10.71 -17.09
CA ALA B 118 21.36 -9.80 -15.94
C ALA B 118 20.59 -8.49 -16.15
N ALA B 119 20.54 -8.00 -17.43
CA ALA B 119 19.81 -6.80 -17.81
C ALA B 119 18.31 -7.08 -17.70
N GLY B 120 17.86 -8.21 -18.27
CA GLY B 120 16.48 -8.71 -18.16
C GLY B 120 16.03 -8.88 -16.71
N ILE B 121 16.94 -9.28 -15.79
CA ILE B 121 16.54 -9.35 -14.37
C ILE B 121 16.17 -7.94 -13.88
N ALA B 122 17.08 -6.96 -14.08
CA ALA B 122 16.84 -5.59 -13.68
C ALA B 122 15.57 -5.02 -14.31
N ALA B 123 15.25 -5.41 -15.56
CA ALA B 123 14.05 -4.96 -16.26
C ALA B 123 12.76 -5.48 -15.57
N GLY B 124 12.77 -6.74 -15.15
CA GLY B 124 11.63 -7.40 -14.52
C GLY B 124 11.34 -6.88 -13.13
N ARG B 125 12.43 -6.57 -12.40
CA ARG B 125 12.36 -6.06 -11.04
C ARG B 125 11.67 -4.72 -11.03
N LEU B 126 12.03 -3.84 -11.96
CA LEU B 126 11.44 -2.53 -12.10
C LEU B 126 10.01 -2.62 -12.65
N GLU B 127 9.77 -3.58 -13.59
CA GLU B 127 8.46 -3.78 -14.22
C GLU B 127 7.43 -4.20 -13.21
N GLU B 128 7.69 -5.27 -12.40
CA GLU B 128 6.73 -5.73 -11.38
C GLU B 128 6.28 -4.57 -10.45
N TRP B 129 7.25 -3.79 -9.93
CA TRP B 129 7.04 -2.63 -9.05
C TRP B 129 6.03 -1.66 -9.65
N ILE B 130 6.34 -1.16 -10.86
CA ILE B 130 5.50 -0.15 -11.48
C ILE B 130 4.17 -0.73 -11.87
N PHE B 131 4.17 -1.91 -12.49
CA PHE B 131 2.94 -2.58 -12.89
C PHE B 131 2.00 -2.82 -11.72
N VAL B 132 2.52 -3.26 -10.55
CA VAL B 132 1.69 -3.53 -9.37
C VAL B 132 1.08 -2.21 -8.91
N PHE B 133 1.89 -1.16 -8.80
CA PHE B 133 1.44 0.22 -8.47
C PHE B 133 0.35 0.70 -9.46
N ALA B 134 0.54 0.49 -10.75
CA ALA B 134 -0.38 0.83 -11.84
C ALA B 134 -1.74 0.09 -11.73
N GLN B 135 -1.74 -1.14 -11.20
CA GLN B 135 -2.96 -1.94 -11.04
C GLN B 135 -3.73 -1.61 -9.76
N ALA B 136 -3.06 -0.99 -8.76
CA ALA B 136 -3.61 -0.61 -7.45
C ALA B 136 -4.31 0.72 -7.54
N ALA B 137 -5.28 0.80 -8.45
CA ALA B 137 -6.07 1.97 -8.82
C ALA B 137 -7.55 1.63 -8.64
N GLY B 138 -8.33 2.53 -8.04
CA GLY B 138 -9.74 2.23 -7.80
C GLY B 138 -10.83 3.26 -8.06
N GLY B 139 -11.21 3.43 -9.34
CA GLY B 139 -12.33 4.29 -9.73
C GLY B 139 -12.10 5.78 -9.59
N SER B 140 -11.73 6.23 -8.38
CA SER B 140 -11.43 7.63 -8.07
C SER B 140 -10.80 7.71 -6.71
N SER B 141 -10.18 8.87 -6.38
CA SER B 141 -9.61 9.23 -5.06
C SER B 141 -8.43 8.36 -4.53
N GLN B 142 -8.50 6.99 -4.59
CA GLN B 142 -7.42 6.11 -4.13
C GLN B 142 -6.82 5.32 -5.26
N PHE B 143 -5.47 5.39 -5.35
CA PHE B 143 -4.59 4.78 -6.36
C PHE B 143 -3.15 5.07 -5.95
N CYS B 144 -2.16 4.44 -6.64
CA CYS B 144 -0.74 4.52 -6.34
C CYS B 144 0.10 5.35 -7.35
N ILE B 145 -0.39 5.53 -8.59
CA ILE B 145 0.27 6.37 -9.61
C ILE B 145 -0.64 7.55 -9.97
N SER B 146 -0.19 8.77 -9.65
CA SER B 146 -0.98 9.98 -9.86
C SER B 146 -0.58 10.88 -11.02
N VAL B 147 -1.56 11.62 -11.56
CA VAL B 147 -1.38 12.65 -12.59
C VAL B 147 -1.90 14.06 -12.10
N GLY B 148 -2.15 14.20 -10.80
CA GLY B 148 -2.63 15.45 -10.20
C GLY B 148 -4.12 15.52 -9.98
N THR B 149 -4.88 14.79 -10.82
CA THR B 149 -6.34 14.68 -10.78
C THR B 149 -6.73 13.65 -9.72
N ASN B 150 -8.06 13.54 -9.43
CA ASN B 150 -8.59 12.52 -8.52
C ASN B 150 -8.90 11.22 -9.30
N ILE B 151 -8.32 11.09 -10.50
CA ILE B 151 -8.47 9.92 -11.38
C ILE B 151 -7.08 9.25 -11.53
N PRO B 152 -6.97 7.93 -11.26
CA PRO B 152 -5.66 7.26 -11.37
C PRO B 152 -5.06 7.36 -12.77
N ALA B 153 -3.72 7.29 -12.87
CA ALA B 153 -3.03 7.34 -14.17
C ALA B 153 -3.47 6.16 -15.03
N GLU B 154 -3.85 6.42 -16.29
CA GLU B 154 -4.28 5.34 -17.20
C GLU B 154 -3.18 5.04 -18.20
N TYR B 155 -3.36 4.02 -19.04
CA TYR B 155 -2.37 3.61 -20.04
C TYR B 155 -1.83 4.76 -20.90
N ASN B 156 -2.69 5.75 -21.24
CA ASN B 156 -2.29 6.93 -22.04
C ASN B 156 -1.29 7.85 -21.28
N ASN B 157 -1.38 7.89 -19.93
CA ASN B 157 -0.47 8.61 -19.00
C ASN B 157 0.80 7.80 -18.70
N LEU B 158 0.73 6.46 -18.85
CA LEU B 158 1.85 5.54 -18.61
C LEU B 158 2.35 4.91 -19.95
N GLN B 159 2.48 5.75 -20.98
CA GLN B 159 2.86 5.40 -22.35
C GLN B 159 4.16 4.58 -22.51
N GLU B 160 5.13 4.73 -21.59
CA GLU B 160 6.40 4.00 -21.67
C GLU B 160 6.38 2.64 -20.98
N CYS B 161 5.27 2.36 -20.25
CA CYS B 161 5.00 1.15 -19.48
C CYS B 161 4.11 0.19 -20.23
N PHE B 162 3.03 0.69 -20.88
CA PHE B 162 1.98 -0.09 -21.54
C PHE B 162 1.71 0.33 -22.98
N ASP B 163 1.27 -0.64 -23.78
CA ASP B 163 0.90 -0.52 -25.18
C ASP B 163 -0.64 -0.77 -25.27
N GLY B 164 -1.39 -0.05 -24.45
CA GLY B 164 -2.85 -0.16 -24.37
C GLY B 164 -3.33 -0.39 -22.95
N THR B 165 -4.61 -0.78 -22.81
CA THR B 165 -5.28 -1.06 -21.51
C THR B 165 -4.34 -1.83 -20.53
N ILE B 166 -4.12 -1.27 -19.31
CA ILE B 166 -3.27 -1.80 -18.23
C ILE B 166 -3.56 -3.28 -17.92
N GLY B 167 -2.51 -4.11 -18.05
CA GLY B 167 -2.58 -5.56 -17.79
C GLY B 167 -1.28 -6.27 -18.05
N PRO B 168 -1.17 -7.58 -17.71
CA PRO B 168 0.11 -8.29 -17.93
C PRO B 168 0.54 -8.44 -19.39
N GLU B 169 -0.42 -8.49 -20.31
CA GLU B 169 -0.22 -8.68 -21.73
C GLU B 169 0.12 -7.41 -22.52
N THR B 170 -0.09 -6.25 -21.89
CA THR B 170 0.12 -4.93 -22.48
C THR B 170 1.50 -4.30 -22.12
N LEU B 171 2.25 -4.95 -21.23
CA LEU B 171 3.62 -4.55 -20.88
C LEU B 171 4.54 -4.97 -22.08
N TYR B 172 5.64 -4.24 -22.31
CA TYR B 172 6.52 -4.54 -23.44
C TYR B 172 7.34 -5.83 -23.25
N LYS B 173 7.31 -6.71 -24.29
CA LYS B 173 8.04 -7.98 -24.34
C LYS B 173 9.40 -7.68 -25.02
N ILE B 174 10.41 -8.56 -24.89
CA ILE B 174 11.74 -8.21 -25.42
C ILE B 174 11.73 -8.05 -26.99
N GLU B 175 10.91 -8.81 -27.74
CA GLU B 175 10.91 -8.66 -29.19
C GLU B 175 10.00 -7.54 -29.67
N ASP B 176 9.25 -6.92 -28.74
CA ASP B 176 8.32 -5.83 -29.02
C ASP B 176 8.91 -4.66 -29.79
N SER B 177 7.99 -3.93 -30.41
CA SER B 177 8.13 -2.73 -31.20
C SER B 177 9.20 -1.77 -30.66
N ARG B 178 8.94 -1.15 -29.49
CA ARG B 178 9.84 -0.13 -28.97
C ARG B 178 11.09 -0.66 -28.32
N VAL B 179 11.13 -1.96 -27.95
CA VAL B 179 12.35 -2.51 -27.35
C VAL B 179 13.48 -2.49 -28.40
N LYS B 180 13.16 -2.91 -29.64
CA LYS B 180 14.06 -2.93 -30.77
C LYS B 180 14.58 -1.52 -31.13
N GLU B 181 13.67 -0.53 -31.26
CA GLU B 181 14.06 0.85 -31.59
C GLU B 181 14.77 1.59 -30.43
N SER B 182 14.61 1.09 -29.17
CA SER B 182 15.31 1.62 -28.01
C SER B 182 16.76 1.16 -28.13
N ALA B 183 16.97 -0.09 -28.62
CA ALA B 183 18.29 -0.67 -28.81
C ALA B 183 19.17 0.08 -29.86
N GLN B 184 18.58 1.01 -30.62
CA GLN B 184 19.32 1.81 -31.59
C GLN B 184 19.24 3.33 -31.30
N LYS B 185 18.91 3.71 -30.04
CA LYS B 185 18.76 5.10 -29.59
C LYS B 185 20.07 5.88 -29.37
N SER B 186 21.26 5.26 -29.59
CA SER B 186 22.58 5.90 -29.40
C SER B 186 22.82 6.43 -27.95
N LEU B 187 21.90 6.11 -27.03
CA LEU B 187 21.97 6.40 -25.59
C LEU B 187 22.86 5.32 -24.99
N GLN B 188 23.69 5.70 -24.03
CA GLN B 188 24.52 4.74 -23.32
C GLN B 188 23.87 4.33 -21.96
N LEU B 189 24.20 3.11 -21.44
CA LEU B 189 23.69 2.56 -20.17
C LEU B 189 23.83 3.57 -19.03
N HIS B 190 25.01 4.24 -18.91
CA HIS B 190 25.26 5.22 -17.85
C HIS B 190 24.30 6.40 -17.91
N GLU B 191 23.88 6.82 -19.11
CA GLU B 191 23.00 7.96 -19.31
C GLU B 191 21.57 7.62 -18.94
N VAL B 192 21.10 6.43 -19.36
CA VAL B 192 19.74 5.97 -19.09
C VAL B 192 19.59 5.70 -17.59
N LEU B 193 20.68 5.28 -16.90
CA LEU B 193 20.64 5.07 -15.43
C LEU B 193 20.50 6.42 -14.70
N SER B 194 21.27 7.43 -15.16
CA SER B 194 21.21 8.79 -14.61
C SER B 194 19.80 9.36 -14.68
N SER B 195 19.01 9.05 -15.75
CA SER B 195 17.65 9.53 -16.01
C SER B 195 16.65 9.29 -14.88
N ILE B 196 16.89 8.24 -14.04
CA ILE B 196 16.06 7.86 -12.90
C ILE B 196 16.73 8.21 -11.54
N SER B 197 17.81 9.02 -11.55
CA SER B 197 18.43 9.45 -10.30
C SER B 197 17.54 10.55 -9.68
N PHE B 198 17.73 10.82 -8.40
CA PHE B 198 17.00 11.86 -7.68
C PHE B 198 17.14 13.27 -8.32
N SER B 199 18.36 13.64 -8.80
CA SER B 199 18.62 14.97 -9.41
C SER B 199 17.84 15.14 -10.68
N SER B 200 18.01 14.19 -11.60
CA SER B 200 17.36 14.11 -12.91
C SER B 200 15.84 14.13 -12.83
N LEU B 201 15.28 13.60 -11.75
CA LEU B 201 13.84 13.61 -11.58
C LEU B 201 13.39 14.89 -10.88
N GLY B 202 14.08 15.29 -9.82
CA GLY B 202 13.74 16.45 -9.00
C GLY B 202 12.84 16.03 -7.86
N ALA B 203 13.13 16.51 -6.63
CA ALA B 203 12.39 16.21 -5.38
C ALA B 203 10.82 16.25 -5.47
N GLU B 204 10.27 17.18 -6.25
CA GLU B 204 8.81 17.41 -6.42
C GLU B 204 8.15 16.60 -7.57
N SER B 205 8.96 15.93 -8.40
CA SER B 205 8.47 15.17 -9.55
C SER B 205 8.48 13.67 -9.34
N ILE B 206 8.91 13.21 -8.15
CA ILE B 206 9.00 11.78 -7.85
C ILE B 206 7.72 11.29 -7.25
N VAL B 207 7.29 11.95 -6.15
CA VAL B 207 6.09 11.63 -5.36
C VAL B 207 5.16 12.86 -5.32
N GLU B 208 3.82 12.62 -5.32
CA GLU B 208 2.82 13.68 -5.20
C GLU B 208 2.60 13.98 -3.71
N LYS B 209 3.34 14.97 -3.19
CA LYS B 209 3.28 15.42 -1.80
C LYS B 209 2.03 16.23 -1.54
N GLY B 210 1.62 16.28 -0.28
CA GLY B 210 0.45 17.05 0.17
C GLY B 210 -0.90 16.54 -0.29
N GLU B 211 -0.98 15.24 -0.63
CA GLU B 211 -2.20 14.61 -1.12
C GLU B 211 -2.42 13.19 -0.55
N ASN B 212 -3.68 12.90 -0.12
CA ASN B 212 -4.07 11.61 0.43
C ASN B 212 -4.74 10.69 -0.61
N ARG B 213 -3.91 10.03 -1.41
CA ARG B 213 -4.37 9.12 -2.43
C ARG B 213 -4.53 7.64 -1.97
N GLY B 214 -4.44 7.40 -0.65
CA GLY B 214 -4.68 6.09 -0.03
C GLY B 214 -3.83 4.91 -0.44
N CYS B 215 -2.73 5.14 -1.19
CA CYS B 215 -1.80 4.11 -1.62
C CYS B 215 -1.06 3.53 -0.41
N ASN B 216 -1.49 2.35 0.06
CA ASN B 216 -0.89 1.67 1.22
C ASN B 216 0.45 1.03 0.90
N LEU B 217 0.78 0.88 -0.41
CA LEU B 217 2.04 0.24 -0.88
C LEU B 217 3.29 1.05 -0.60
N MET B 218 3.13 2.34 -0.26
CA MET B 218 4.22 3.24 0.07
C MET B 218 4.25 3.61 1.59
N ARG B 219 3.60 2.77 2.44
CA ARG B 219 3.51 2.95 3.88
C ARG B 219 3.97 1.71 4.68
N THR B 220 5.07 1.90 5.43
CA THR B 220 5.70 0.89 6.26
C THR B 220 5.11 0.94 7.67
N ALA B 221 4.52 2.10 8.05
CA ALA B 221 3.84 2.24 9.35
C ALA B 221 2.62 1.36 9.42
N ASP B 222 2.05 1.25 10.62
CA ASP B 222 0.83 0.46 10.87
C ASP B 222 -0.27 0.98 9.90
N GLY B 223 -1.09 0.07 9.38
CA GLY B 223 -2.14 0.38 8.42
C GLY B 223 -1.64 0.52 7.00
N GLY B 224 -0.38 0.14 6.76
CA GLY B 224 0.26 0.18 5.45
C GLY B 224 0.39 -1.20 4.84
N LEU B 225 1.64 -1.71 4.73
CA LEU B 225 1.91 -3.07 4.22
C LEU B 225 1.26 -4.08 5.16
N LEU B 226 1.37 -3.83 6.49
CA LEU B 226 0.79 -4.58 7.59
C LEU B 226 -0.29 -3.69 8.22
N LYS B 227 -1.42 -4.28 8.65
CA LYS B 227 -2.56 -3.48 9.13
C LYS B 227 -2.47 -2.94 10.58
N ASP B 228 -1.71 -3.55 11.46
CA ASP B 228 -1.67 -3.10 12.85
C ASP B 228 -0.28 -2.73 13.36
N VAL B 229 0.79 -2.96 12.57
CA VAL B 229 2.13 -2.74 13.09
C VAL B 229 3.16 -2.12 12.06
N CYS B 230 4.24 -1.46 12.58
CA CYS B 230 5.38 -0.93 11.84
C CYS B 230 6.09 -2.19 11.33
N LEU B 231 6.93 -2.09 10.29
CA LEU B 231 7.71 -3.25 9.87
C LEU B 231 8.87 -3.40 10.87
N ASN B 232 9.45 -4.59 10.96
CA ASN B 232 10.60 -4.92 11.81
C ASN B 232 11.92 -4.49 11.13
N ARG B 233 11.83 -3.93 9.90
CA ARG B 233 12.95 -3.69 8.98
C ARG B 233 12.68 -2.58 7.95
N ASN B 234 13.68 -2.23 7.12
CA ASN B 234 13.50 -1.25 6.04
C ASN B 234 12.86 -1.97 4.85
N PHE B 235 12.34 -1.21 3.89
CA PHE B 235 11.68 -1.76 2.71
C PHE B 235 12.14 -1.01 1.48
N THR B 236 12.23 -1.73 0.35
CA THR B 236 12.61 -1.18 -0.94
C THR B 236 11.77 -1.73 -2.13
N TRP B 237 11.39 -0.78 -3.01
CA TRP B 237 10.73 -1.06 -4.30
C TRP B 237 11.88 -0.88 -5.31
N GLY B 238 11.93 -1.69 -6.37
CA GLY B 238 13.13 -1.72 -7.20
C GLY B 238 14.08 -2.56 -6.36
N GLY B 239 15.38 -2.37 -6.50
CA GLY B 239 16.28 -3.13 -5.62
C GLY B 239 17.15 -2.17 -4.84
N GLY B 240 16.55 -1.04 -4.50
CA GLY B 240 17.22 0.08 -3.91
C GLY B 240 16.84 1.39 -4.59
N VAL B 241 15.88 1.36 -5.56
CA VAL B 241 15.42 2.62 -6.18
C VAL B 241 14.69 3.46 -5.13
N LEU B 242 13.47 3.05 -4.69
CA LEU B 242 12.67 3.68 -3.62
C LEU B 242 12.95 2.92 -2.31
N ASN B 243 13.32 3.64 -1.25
CA ASN B 243 13.65 3.07 0.05
C ASN B 243 12.86 3.71 1.20
N PHE B 244 12.42 2.92 2.18
CA PHE B 244 11.64 3.41 3.32
C PHE B 244 12.16 2.86 4.65
N GLY B 245 12.05 3.66 5.70
CA GLY B 245 12.34 3.29 7.07
C GLY B 245 11.29 2.32 7.58
N TYR B 246 11.48 1.76 8.78
CA TYR B 246 10.54 0.75 9.24
C TYR B 246 9.13 1.27 9.59
N CYS B 247 8.94 2.60 9.77
CA CYS B 247 7.64 3.15 10.16
C CYS B 247 7.33 4.49 9.54
N VAL B 248 7.20 4.49 8.20
CA VAL B 248 6.88 5.69 7.39
C VAL B 248 5.37 5.95 7.39
N ALA B 249 4.98 7.10 7.95
CA ALA B 249 3.60 7.57 8.06
C ALA B 249 3.48 9.03 7.57
N GLY B 250 2.39 9.32 6.86
CA GLY B 250 2.11 10.66 6.39
C GLY B 250 2.87 11.12 5.17
N ASN B 251 3.05 12.46 5.07
CA ASN B 251 3.71 13.13 3.97
C ASN B 251 5.13 12.64 3.82
N LEU B 252 5.39 12.00 2.68
CA LEU B 252 6.65 11.39 2.34
C LEU B 252 7.70 12.46 2.10
N LYS B 253 8.74 12.47 2.93
CA LYS B 253 9.84 13.44 2.85
C LYS B 253 11.07 12.86 2.12
N ILE B 254 10.96 12.75 0.78
CA ILE B 254 11.98 12.17 -0.12
C ILE B 254 13.22 13.02 -0.20
N LYS B 255 14.34 12.34 -0.05
CA LYS B 255 15.69 12.86 -0.12
C LYS B 255 16.49 11.88 -1.00
N GLY B 256 17.67 12.29 -1.43
CA GLY B 256 18.54 11.44 -2.23
C GLY B 256 19.34 10.56 -1.29
N GLY B 257 19.41 9.28 -1.61
CA GLY B 257 20.10 8.31 -0.80
C GLY B 257 19.82 6.91 -1.30
N GLU B 258 20.48 5.93 -0.67
CA GLU B 258 20.43 4.52 -1.03
C GLU B 258 19.86 3.69 0.10
N TYR B 259 19.67 2.38 -0.13
CA TYR B 259 19.11 1.45 0.87
C TYR B 259 19.81 1.59 2.24
N GLY B 260 21.13 1.82 2.25
CA GLY B 260 21.93 2.01 3.45
C GLY B 260 21.74 3.35 4.15
N ASP B 261 21.22 4.37 3.43
CA ASP B 261 20.99 5.75 3.91
C ASP B 261 19.65 5.99 4.67
N VAL B 262 18.95 4.89 5.04
CA VAL B 262 17.68 4.90 5.78
C VAL B 262 18.02 4.70 7.30
N GLY B 263 18.27 5.81 7.99
CA GLY B 263 18.65 5.85 9.40
C GLY B 263 17.50 5.83 10.38
N SER B 264 16.53 6.75 10.18
CA SER B 264 15.34 6.89 11.02
C SER B 264 14.18 5.98 10.56
N HIS B 265 13.06 6.01 11.31
CA HIS B 265 11.85 5.25 11.00
C HIS B 265 11.03 5.95 9.90
N ASP B 266 11.27 7.27 9.74
CA ASP B 266 10.60 8.22 8.87
C ASP B 266 11.23 8.33 7.48
N ALA B 267 12.47 7.84 7.34
CA ALA B 267 13.27 7.96 6.12
C ALA B 267 12.66 7.40 4.85
N VAL B 268 12.62 8.21 3.79
CA VAL B 268 12.20 7.85 2.43
C VAL B 268 13.38 8.36 1.59
N ARG B 269 13.96 7.47 0.77
CA ARG B 269 15.15 7.77 -0.02
C ARG B 269 15.10 7.16 -1.42
N TRP B 270 15.24 8.01 -2.43
CA TRP B 270 15.30 7.62 -3.84
C TRP B 270 16.75 7.72 -4.26
N THR B 271 17.22 6.73 -5.01
CA THR B 271 18.59 6.56 -5.45
C THR B 271 19.20 7.85 -6.05
N GLU B 272 20.43 8.16 -5.64
CA GLU B 272 21.19 9.30 -6.17
C GLU B 272 22.22 8.74 -7.10
N ASP B 273 22.68 7.51 -6.82
CA ASP B 273 23.68 6.81 -7.62
C ASP B 273 23.13 5.44 -8.07
N PRO B 274 22.43 5.37 -9.25
CA PRO B 274 21.87 4.08 -9.74
C PRO B 274 22.87 2.94 -9.96
N SER B 275 24.17 3.26 -10.08
CA SER B 275 25.23 2.27 -10.24
C SER B 275 25.62 1.64 -8.88
N LYS B 276 25.05 2.15 -7.78
CA LYS B 276 25.24 1.63 -6.42
C LYS B 276 24.05 0.76 -6.03
N VAL B 277 23.02 0.66 -6.92
CA VAL B 277 21.80 -0.15 -6.71
C VAL B 277 22.13 -1.58 -7.10
N SER B 278 21.85 -2.54 -6.20
CA SER B 278 22.07 -4.00 -6.33
C SER B 278 21.91 -4.57 -7.75
N ILE B 279 20.66 -4.52 -8.29
CA ILE B 279 20.24 -5.08 -9.57
C ILE B 279 20.93 -4.46 -10.81
N PHE B 280 21.47 -3.21 -10.73
CA PHE B 280 22.14 -2.52 -11.84
C PHE B 280 23.64 -2.76 -11.93
N LYS B 281 24.30 -2.98 -10.77
CA LYS B 281 25.75 -3.25 -10.65
C LYS B 281 26.18 -4.39 -11.60
N ASP B 282 25.40 -5.51 -11.64
CA ASP B 282 25.66 -6.67 -12.49
C ASP B 282 25.45 -6.39 -13.99
N VAL B 283 24.54 -5.46 -14.31
CA VAL B 283 24.29 -5.06 -15.71
C VAL B 283 25.53 -4.29 -16.20
N ILE B 284 26.07 -3.38 -15.35
CA ILE B 284 27.26 -2.56 -15.62
C ILE B 284 28.46 -3.49 -15.77
N ARG B 285 28.70 -4.35 -14.76
CA ARG B 285 29.81 -5.30 -14.71
C ARG B 285 29.88 -6.21 -15.95
N LEU B 286 28.76 -6.89 -16.28
CA LEU B 286 28.65 -7.87 -17.36
C LEU B 286 28.54 -7.26 -18.76
N PHE B 287 28.05 -6.00 -18.90
CA PHE B 287 28.02 -5.35 -20.22
C PHE B 287 29.43 -4.85 -20.54
N ALA B 288 30.11 -4.29 -19.52
CA ALA B 288 31.49 -3.83 -19.61
C ALA B 288 32.34 -5.01 -20.02
N ARG B 289 32.10 -6.21 -19.41
CA ARG B 289 32.86 -7.42 -19.71
C ARG B 289 32.75 -7.82 -21.16
N PHE B 290 31.51 -7.91 -21.69
CA PHE B 290 31.25 -8.27 -23.08
C PHE B 290 31.99 -7.32 -24.02
N GLN B 291 31.94 -6.01 -23.72
CA GLN B 291 32.60 -4.94 -24.47
C GLN B 291 34.12 -5.14 -24.39
N GLU B 292 34.65 -5.46 -23.20
CA GLU B 292 36.07 -5.74 -23.00
C GLU B 292 36.51 -6.89 -23.96
N VAL B 293 35.75 -8.02 -24.00
CA VAL B 293 36.00 -9.18 -24.87
C VAL B 293 35.82 -8.83 -26.37
N LYS B 294 34.73 -8.10 -26.71
CA LYS B 294 34.41 -7.64 -28.06
C LYS B 294 35.57 -6.80 -28.61
N ASN B 295 36.15 -5.87 -27.80
CA ASN B 295 37.26 -4.99 -28.19
C ASN B 295 38.59 -5.71 -28.38
N ALA B 296 38.84 -6.73 -27.58
CA ALA B 296 40.02 -7.59 -27.64
C ALA B 296 40.01 -8.40 -28.96
N VAL B 297 38.83 -8.95 -29.34
CA VAL B 297 38.60 -9.73 -30.57
C VAL B 297 38.78 -8.80 -31.76
N VAL B 298 38.17 -7.58 -31.72
CA VAL B 298 38.24 -6.59 -32.78
C VAL B 298 39.70 -6.21 -33.09
N LYS B 299 40.52 -5.89 -32.07
CA LYS B 299 41.93 -5.54 -32.32
C LYS B 299 42.72 -6.73 -32.95
N LYS B 300 42.55 -7.98 -32.44
CA LYS B 300 43.18 -9.20 -32.97
C LYS B 300 42.95 -9.32 -34.48
N ILE B 301 41.69 -9.17 -34.94
CA ILE B 301 41.30 -9.20 -36.35
C ILE B 301 42.02 -8.08 -37.12
N LYS B 302 42.07 -6.85 -36.56
CA LYS B 302 42.72 -5.71 -37.22
C LYS B 302 44.23 -5.98 -37.46
N THR B 303 44.97 -6.42 -36.42
CA THR B 303 46.41 -6.71 -36.52
C THR B 303 46.72 -7.85 -37.52
N THR B 304 45.81 -8.86 -37.62
CA THR B 304 45.91 -9.99 -38.55
C THR B 304 45.65 -9.52 -39.99
N VAL B 305 44.56 -8.75 -40.24
CA VAL B 305 44.18 -8.21 -41.54
C VAL B 305 45.32 -7.37 -42.14
N ASP B 306 45.95 -6.52 -41.29
CA ASP B 306 47.07 -5.62 -41.63
C ASP B 306 48.35 -6.36 -42.03
N GLU B 307 48.60 -7.55 -41.45
CA GLU B 307 49.78 -8.37 -41.73
C GLU B 307 49.57 -9.32 -42.91
N LEU B 308 48.32 -9.68 -43.22
CA LEU B 308 48.00 -10.53 -44.37
C LEU B 308 48.08 -9.68 -45.64
N THR B 309 47.59 -8.42 -45.58
CA THR B 309 47.56 -7.46 -46.70
C THR B 309 48.92 -7.27 -47.39
N LYS B 310 50.02 -7.18 -46.62
CA LYS B 310 51.36 -6.99 -47.21
C LYS B 310 51.82 -8.20 -48.07
N CYS B 311 51.14 -9.36 -47.99
CA CYS B 311 51.46 -10.56 -48.79
C CYS B 311 50.56 -10.72 -50.01
N ILE B 312 49.30 -10.28 -49.94
CA ILE B 312 48.35 -10.39 -51.05
C ILE B 312 48.84 -9.56 -52.24
N GLY B 313 48.76 -10.14 -53.44
CA GLY B 313 49.11 -9.51 -54.70
C GLY B 313 48.00 -8.62 -55.21
N GLN B 314 48.37 -7.52 -55.92
CA GLN B 314 47.45 -6.50 -56.49
C GLN B 314 46.36 -7.08 -57.39
N LYS B 315 46.69 -8.14 -58.17
CA LYS B 315 45.77 -8.85 -59.06
C LYS B 315 44.60 -9.41 -58.23
N GLU B 316 44.92 -10.00 -57.07
CA GLU B 316 43.98 -10.61 -56.14
C GLU B 316 43.33 -9.57 -55.24
N ALA B 317 44.01 -8.44 -55.01
CA ALA B 317 43.48 -7.34 -54.21
C ALA B 317 42.29 -6.64 -54.91
N GLU B 318 42.46 -6.20 -56.19
CA GLU B 318 41.42 -5.54 -56.98
C GLU B 318 40.26 -6.49 -57.37
N LEU B 319 40.40 -7.80 -57.08
CA LEU B 319 39.44 -8.85 -57.36
C LEU B 319 38.19 -8.69 -56.50
N THR B 320 37.02 -8.78 -57.16
CA THR B 320 35.69 -8.67 -56.56
C THR B 320 35.33 -9.97 -55.82
N ASN B 321 34.67 -9.85 -54.65
CA ASN B 321 34.21 -10.92 -53.74
C ASN B 321 33.62 -12.18 -54.41
N ASP B 322 32.75 -12.02 -55.42
CA ASP B 322 32.08 -13.12 -56.13
C ASP B 322 33.03 -14.03 -56.93
N GLN B 323 33.84 -13.42 -57.82
CA GLN B 323 34.82 -14.09 -58.69
C GLN B 323 36.08 -14.54 -57.93
N LEU B 324 36.34 -13.93 -56.76
CA LEU B 324 37.44 -14.22 -55.83
C LEU B 324 37.25 -15.62 -55.24
N TYR B 325 35.98 -15.99 -54.97
CA TYR B 325 35.62 -17.29 -54.42
C TYR B 325 35.55 -18.36 -55.51
N GLU B 326 35.22 -17.95 -56.76
CA GLU B 326 35.17 -18.81 -57.94
C GLU B 326 36.59 -19.28 -58.30
N GLU B 327 37.57 -18.34 -58.22
CA GLU B 327 39.00 -18.56 -58.51
C GLU B 327 39.69 -19.45 -57.48
N PHE B 328 39.28 -19.36 -56.19
CA PHE B 328 39.84 -20.17 -55.10
C PHE B 328 39.55 -21.65 -55.33
N GLU B 329 38.26 -21.96 -55.58
CA GLU B 329 37.72 -23.29 -55.89
C GLU B 329 38.48 -23.89 -57.09
N VAL B 330 38.90 -23.04 -58.05
CA VAL B 330 39.67 -23.42 -59.24
C VAL B 330 41.06 -23.98 -58.85
N ILE B 331 41.91 -23.21 -58.11
CA ILE B 331 43.25 -23.68 -57.70
C ILE B 331 43.10 -24.81 -56.64
N GLN B 332 42.04 -24.73 -55.80
CA GLN B 332 41.71 -25.72 -54.78
C GLN B 332 41.52 -27.10 -55.42
N LYS B 333 40.60 -27.19 -56.41
CA LYS B 333 40.31 -28.44 -57.13
C LYS B 333 41.47 -28.87 -58.05
N TYR B 334 42.37 -27.93 -58.42
CA TYR B 334 43.55 -28.23 -59.25
C TYR B 334 44.55 -29.08 -58.46
N LEU B 335 44.95 -28.60 -57.26
CA LEU B 335 45.92 -29.21 -56.35
C LEU B 335 45.50 -30.54 -55.71
N TRP B 336 44.18 -30.74 -55.49
CA TRP B 336 43.62 -31.98 -54.93
C TRP B 336 43.92 -33.18 -55.86
N PHE B 337 43.74 -32.98 -57.18
CA PHE B 337 43.95 -34.00 -58.21
C PHE B 337 44.77 -33.47 -59.38
N ASP C 1 0.06 -14.82 30.22
CA ASP C 1 -0.16 -14.82 31.67
C ASP C 1 -0.87 -13.51 32.12
N LYS C 2 -1.10 -13.35 33.45
CA LYS C 2 -1.84 -12.23 34.03
C LYS C 2 -0.99 -11.12 34.74
N THR C 3 0.31 -10.95 34.40
CA THR C 3 1.10 -9.83 34.95
C THR C 3 1.09 -8.58 34.00
N VAL C 4 1.03 -7.35 34.59
CA VAL C 4 1.06 -6.05 33.89
C VAL C 4 2.39 -5.40 34.31
N ARG C 5 3.33 -5.24 33.37
CA ARG C 5 4.61 -4.58 33.67
C ARG C 5 4.35 -3.05 33.64
N TRP C 6 4.37 -2.41 34.80
CA TRP C 6 4.13 -0.98 34.91
C TRP C 6 5.46 -0.24 34.77
N CYS C 7 5.44 0.89 34.08
CA CYS C 7 6.65 1.69 33.84
C CYS C 7 6.81 2.82 34.89
N ALA C 8 7.90 2.81 35.69
CA ALA C 8 8.21 3.84 36.71
C ALA C 8 9.36 4.72 36.20
N VAL C 9 9.20 6.06 36.21
CA VAL C 9 10.19 7.00 35.65
C VAL C 9 11.24 7.54 36.67
N SER C 10 11.20 7.09 37.94
CA SER C 10 12.13 7.52 38.99
C SER C 10 12.34 6.44 40.07
N GLU C 11 13.23 6.71 41.03
CA GLU C 11 13.56 5.79 42.13
C GLU C 11 12.40 5.67 43.12
N HIS C 12 11.75 6.80 43.42
CA HIS C 12 10.63 6.90 44.37
C HIS C 12 9.36 6.33 43.81
N GLU C 13 9.21 6.40 42.47
CA GLU C 13 8.08 5.85 41.75
C GLU C 13 8.24 4.34 41.69
N ALA C 14 9.48 3.85 41.46
CA ALA C 14 9.83 2.42 41.45
C ALA C 14 9.64 1.71 42.83
N THR C 15 9.81 2.43 43.97
CA THR C 15 9.61 1.80 45.28
C THR C 15 8.10 1.78 45.65
N LYS C 16 7.31 2.81 45.25
CA LYS C 16 5.84 2.84 45.49
C LYS C 16 5.18 1.68 44.73
N CYS C 17 5.78 1.34 43.58
CA CYS C 17 5.33 0.29 42.71
C CYS C 17 5.66 -1.09 43.23
N GLN C 18 6.80 -1.23 43.93
CA GLN C 18 7.17 -2.48 44.55
C GLN C 18 6.17 -2.72 45.72
N SER C 19 5.76 -1.62 46.38
CA SER C 19 4.77 -1.61 47.46
C SER C 19 3.38 -1.94 46.86
N PHE C 20 3.09 -1.41 45.66
CA PHE C 20 1.85 -1.66 44.93
C PHE C 20 1.75 -3.14 44.58
N ARG C 21 2.83 -3.70 44.00
CA ARG C 21 2.89 -5.12 43.64
C ARG C 21 2.71 -5.98 44.87
N ASP C 22 3.48 -5.68 45.93
CA ASP C 22 3.46 -6.48 47.14
C ASP C 22 2.12 -6.43 47.86
N HIS C 23 1.43 -5.29 47.83
CA HIS C 23 0.13 -5.18 48.49
C HIS C 23 -0.97 -5.91 47.73
N MET C 24 -0.82 -6.00 46.41
CA MET C 24 -1.76 -6.65 45.49
C MET C 24 -1.66 -8.12 45.69
N LYS C 25 -0.42 -8.64 45.71
CA LYS C 25 0.00 -10.02 45.95
C LYS C 25 -0.61 -10.57 47.25
N SER C 26 -0.80 -9.68 48.25
CA SER C 26 -1.37 -9.95 49.56
C SER C 26 -2.92 -10.02 49.57
N VAL C 27 -3.59 -9.57 48.49
CA VAL C 27 -5.07 -9.55 48.44
C VAL C 27 -5.69 -10.23 47.23
N ILE C 28 -4.88 -10.52 46.18
CA ILE C 28 -5.35 -11.18 44.96
C ILE C 28 -4.73 -12.57 44.86
N PRO C 29 -5.53 -13.61 44.51
CA PRO C 29 -4.95 -14.96 44.37
C PRO C 29 -3.95 -15.09 43.24
N SER C 30 -3.22 -16.21 43.23
CA SER C 30 -2.18 -16.61 42.27
C SER C 30 -2.61 -16.44 40.82
N ASP C 31 -3.85 -16.87 40.48
CA ASP C 31 -4.48 -16.81 39.16
C ASP C 31 -4.72 -15.37 38.61
N GLY C 32 -5.16 -14.46 39.49
CA GLY C 32 -5.52 -13.07 39.18
C GLY C 32 -4.48 -12.10 38.66
N PRO C 33 -4.93 -10.84 38.40
CA PRO C 33 -4.02 -9.80 37.87
C PRO C 33 -2.92 -9.38 38.85
N SER C 34 -1.70 -9.14 38.31
CA SER C 34 -0.53 -8.78 39.09
C SER C 34 0.24 -7.64 38.46
N VAL C 35 0.95 -6.86 39.29
CA VAL C 35 1.80 -5.75 38.85
C VAL C 35 3.24 -6.19 38.92
N ALA C 36 4.08 -5.61 38.08
CA ALA C 36 5.51 -5.87 38.07
C ALA C 36 6.06 -4.54 37.65
N CYS C 37 7.11 -4.05 38.27
CA CYS C 37 7.53 -2.74 37.81
C CYS C 37 8.84 -2.75 37.03
N VAL C 38 8.94 -1.80 36.09
CA VAL C 38 10.06 -1.58 35.18
C VAL C 38 10.49 -0.13 35.40
N LYS C 39 11.80 0.13 35.65
CA LYS C 39 12.30 1.50 35.87
C LYS C 39 12.93 2.07 34.60
N LYS C 40 12.54 3.31 34.24
CA LYS C 40 13.04 4.01 33.05
C LYS C 40 13.46 5.45 33.35
N ALA C 41 14.32 6.02 32.51
CA ALA C 41 14.89 7.34 32.72
C ALA C 41 13.92 8.50 32.56
N SER C 42 13.01 8.41 31.59
CA SER C 42 11.99 9.45 31.33
C SER C 42 10.67 8.83 30.83
N TYR C 43 9.64 9.66 30.60
CA TYR C 43 8.36 9.18 30.07
C TYR C 43 8.53 8.68 28.64
N LEU C 44 9.47 9.25 27.87
CA LEU C 44 9.76 8.87 26.49
C LEU C 44 10.39 7.48 26.39
N ASP C 45 11.20 7.09 27.40
CA ASP C 45 11.81 5.77 27.46
C ASP C 45 10.77 4.72 27.88
N CYS C 46 9.71 5.18 28.57
CA CYS C 46 8.54 4.42 29.01
C CYS C 46 7.67 4.11 27.83
N ILE C 47 7.27 5.14 27.05
CA ILE C 47 6.46 5.01 25.83
C ILE C 47 7.21 4.06 24.89
N ARG C 48 8.53 4.25 24.79
CA ARG C 48 9.38 3.39 23.97
C ARG C 48 9.41 1.95 24.47
N ALA C 49 9.59 1.72 25.80
CA ALA C 49 9.60 0.36 26.36
C ALA C 49 8.30 -0.39 26.08
N ILE C 50 7.13 0.29 26.18
CA ILE C 50 5.82 -0.32 25.95
C ILE C 50 5.70 -0.73 24.51
N ALA C 51 6.05 0.17 23.60
CA ALA C 51 5.98 -0.04 22.15
C ALA C 51 6.89 -1.19 21.69
N ALA C 52 8.03 -1.38 22.40
CA ALA C 52 9.03 -2.41 22.17
C ALA C 52 8.75 -3.63 23.04
N ASN C 53 7.48 -3.85 23.40
CA ASN C 53 6.94 -4.93 24.23
C ASN C 53 7.80 -5.26 25.48
N GLU C 54 8.46 -4.25 26.07
CA GLU C 54 9.25 -4.49 27.28
C GLU C 54 8.38 -4.24 28.52
N ALA C 55 7.58 -3.16 28.50
CA ALA C 55 6.66 -2.83 29.60
C ALA C 55 5.24 -2.84 29.04
N ASP C 56 4.22 -2.61 29.88
CA ASP C 56 2.83 -2.66 29.40
C ASP C 56 1.98 -1.39 29.56
N ALA C 57 2.15 -0.66 30.71
CA ALA C 57 1.37 0.55 30.98
C ALA C 57 2.13 1.69 31.72
N VAL C 58 1.71 2.93 31.48
CA VAL C 58 2.23 4.16 32.10
C VAL C 58 1.09 5.18 32.09
N THR C 59 0.94 6.01 33.16
CA THR C 59 -0.06 7.10 33.24
C THR C 59 0.63 8.36 32.72
N LEU C 60 -0.06 9.14 31.85
CA LEU C 60 0.50 10.32 31.17
C LEU C 60 -0.44 11.51 31.11
N ASP C 61 0.13 12.73 31.00
CA ASP C 61 -0.67 13.93 30.80
C ASP C 61 -0.92 14.04 29.29
N ALA C 62 -1.92 14.85 28.86
CA ALA C 62 -2.37 14.98 27.47
C ALA C 62 -1.28 15.18 26.42
N GLY C 63 -0.26 15.97 26.74
CA GLY C 63 0.84 16.26 25.84
C GLY C 63 1.62 15.03 25.45
N LEU C 64 1.81 14.14 26.43
CA LEU C 64 2.54 12.91 26.24
C LEU C 64 1.67 11.84 25.62
N VAL C 65 0.36 11.82 25.95
CA VAL C 65 -0.66 10.97 25.35
C VAL C 65 -0.64 11.19 23.81
N TYR C 66 -0.33 12.42 23.36
CA TYR C 66 -0.18 12.74 21.94
C TYR C 66 1.08 12.05 21.33
N ASP C 67 2.25 12.23 21.94
CA ASP C 67 3.51 11.63 21.48
C ASP C 67 3.48 10.11 21.48
N ALA C 68 2.73 9.52 22.42
CA ALA C 68 2.61 8.08 22.47
C ALA C 68 1.76 7.53 21.33
N TYR C 69 0.80 8.34 20.76
CA TYR C 69 -0.04 7.85 19.67
C TYR C 69 0.68 7.83 18.33
N LEU C 70 1.57 8.79 18.11
CA LEU C 70 2.33 8.86 16.87
C LEU C 70 3.18 7.64 16.61
N ALA C 71 3.50 7.41 15.35
CA ALA C 71 4.36 6.28 14.96
C ALA C 71 5.82 6.68 15.28
N PRO C 72 6.73 5.77 15.64
CA PRO C 72 6.59 4.30 15.71
C PRO C 72 6.02 3.76 17.01
N ASN C 73 5.49 4.61 17.93
CA ASN C 73 5.03 4.13 19.24
C ASN C 73 3.66 3.48 19.19
N ASN C 74 2.72 4.12 18.50
CA ASN C 74 1.34 3.69 18.28
C ASN C 74 0.58 3.22 19.56
N LEU C 75 0.79 3.91 20.69
CA LEU C 75 0.08 3.59 21.94
C LEU C 75 -1.32 4.25 21.96
N LYS C 76 -2.20 3.87 22.92
CA LYS C 76 -3.58 4.43 22.99
C LYS C 76 -4.15 4.56 24.42
N PRO C 77 -5.10 5.48 24.70
CA PRO C 77 -5.67 5.55 26.07
C PRO C 77 -6.52 4.31 26.43
N VAL C 78 -6.29 3.71 27.61
CA VAL C 78 -7.03 2.52 28.02
C VAL C 78 -7.87 2.73 29.31
N VAL C 79 -7.31 3.52 30.26
CA VAL C 79 -7.93 3.81 31.56
C VAL C 79 -7.66 5.26 31.89
N ALA C 80 -8.60 5.92 32.58
CA ALA C 80 -8.46 7.32 32.97
C ALA C 80 -8.72 7.52 34.44
N GLU C 81 -8.09 8.55 35.02
CA GLU C 81 -8.25 8.98 36.41
C GLU C 81 -9.41 9.94 36.45
N PHE C 82 -10.23 9.85 37.47
CA PHE C 82 -11.33 10.78 37.62
C PHE C 82 -11.18 11.56 38.88
N TYR C 83 -11.79 12.76 38.93
CA TYR C 83 -11.67 13.64 40.07
C TYR C 83 -13.05 14.05 40.52
N GLY C 84 -13.19 14.34 41.81
CA GLY C 84 -14.49 14.68 42.40
C GLY C 84 -15.50 13.53 42.52
N SER C 85 -16.79 13.89 42.65
CA SER C 85 -17.93 12.97 42.80
C SER C 85 -18.06 11.92 41.70
N LYS C 86 -18.58 10.73 42.08
CA LYS C 86 -18.85 9.59 41.19
C LYS C 86 -19.96 9.93 40.17
N GLU C 87 -20.87 10.86 40.53
CA GLU C 87 -22.00 11.30 39.72
C GLU C 87 -21.50 12.08 38.50
N ASP C 88 -20.67 13.13 38.73
CA ASP C 88 -20.03 13.96 37.70
C ASP C 88 -18.52 13.76 37.87
N PRO C 89 -17.93 12.68 37.28
CA PRO C 89 -16.48 12.47 37.41
C PRO C 89 -15.76 13.46 36.54
N GLN C 90 -14.69 14.05 37.06
CA GLN C 90 -14.02 15.10 36.32
C GLN C 90 -12.75 14.60 35.65
N THR C 91 -12.95 13.78 34.60
CA THR C 91 -11.93 13.15 33.78
C THR C 91 -11.11 14.15 32.96
N PHE C 92 -11.81 15.18 32.44
CA PHE C 92 -11.27 16.20 31.54
C PHE C 92 -11.34 17.60 32.12
N TYR C 93 -10.41 18.46 31.71
CA TYR C 93 -10.49 19.88 32.03
C TYR C 93 -10.81 20.62 30.74
N TYR C 94 -11.32 21.84 30.86
CA TYR C 94 -11.69 22.71 29.73
C TYR C 94 -10.79 23.90 29.75
N ALA C 95 -9.94 24.03 28.70
CA ALA C 95 -9.05 25.17 28.50
C ALA C 95 -9.93 26.29 27.98
N VAL C 96 -10.04 27.41 28.73
CA VAL C 96 -10.90 28.55 28.36
C VAL C 96 -10.12 29.86 28.22
N ALA C 97 -10.74 30.88 27.59
CA ALA C 97 -10.13 32.23 27.42
C ALA C 97 -11.05 33.21 28.12
N VAL C 98 -10.68 33.59 29.35
CA VAL C 98 -11.50 34.50 30.15
C VAL C 98 -11.25 35.95 29.80
N VAL C 99 -12.33 36.73 29.73
CA VAL C 99 -12.34 38.18 29.41
C VAL C 99 -13.31 38.90 30.33
N LYS C 100 -13.35 40.24 30.23
CA LYS C 100 -14.25 41.13 30.98
C LYS C 100 -15.46 41.48 30.12
N LYS C 101 -16.65 41.56 30.73
CA LYS C 101 -17.91 41.85 30.08
C LYS C 101 -17.85 43.16 29.30
N ASP C 102 -18.26 43.14 28.03
CA ASP C 102 -18.36 44.29 27.12
C ASP C 102 -17.01 44.92 26.69
N SER C 103 -15.87 44.17 26.73
CA SER C 103 -14.60 44.68 26.17
C SER C 103 -14.65 44.63 24.61
N GLY C 104 -15.70 43.97 24.10
CA GLY C 104 -16.12 43.85 22.71
C GLY C 104 -15.16 43.35 21.65
N PHE C 105 -14.41 42.30 21.92
CA PHE C 105 -13.53 41.69 20.94
C PHE C 105 -13.76 40.17 20.95
N GLN C 106 -13.56 39.54 19.80
CA GLN C 106 -13.76 38.10 19.69
C GLN C 106 -12.43 37.37 19.59
N MET C 107 -12.46 36.03 19.36
CA MET C 107 -11.26 35.21 19.20
C MET C 107 -10.40 35.71 18.03
N ASN C 108 -11.05 36.15 16.92
CA ASN C 108 -10.42 36.65 15.66
C ASN C 108 -9.87 38.07 15.77
N GLN C 109 -10.14 38.75 16.92
CA GLN C 109 -9.73 40.12 17.23
C GLN C 109 -8.69 40.17 18.38
N LEU C 110 -8.06 39.03 18.74
CA LEU C 110 -7.06 38.96 19.83
C LEU C 110 -5.78 39.76 19.53
N ARG C 111 -5.38 39.89 18.25
CA ARG C 111 -4.22 40.70 17.85
C ARG C 111 -4.35 42.13 18.46
N GLY C 112 -3.27 42.61 19.07
CA GLY C 112 -3.24 43.90 19.72
C GLY C 112 -3.80 43.92 21.13
N LYS C 113 -4.16 42.76 21.71
CA LYS C 113 -4.70 42.73 23.08
C LYS C 113 -3.59 42.40 24.05
N LYS C 114 -3.85 42.50 25.35
CA LYS C 114 -2.86 42.19 26.39
C LYS C 114 -3.26 40.89 26.99
N SER C 115 -2.36 39.90 26.91
CA SER C 115 -2.62 38.53 27.32
C SER C 115 -1.99 38.15 28.63
N CYS C 116 -2.64 37.21 29.32
CA CYS C 116 -2.15 36.66 30.58
C CYS C 116 -2.05 35.16 30.42
N HIS C 117 -0.88 34.61 30.71
CA HIS C 117 -0.66 33.17 30.57
C HIS C 117 -0.26 32.56 31.91
N THR C 118 -0.63 31.28 32.11
CA THR C 118 -0.27 30.52 33.31
C THR C 118 1.25 30.52 33.34
N GLY C 119 1.85 30.02 32.26
CA GLY C 119 3.29 30.00 32.04
C GLY C 119 3.67 29.61 30.64
N LEU C 120 4.92 29.94 30.23
CA LEU C 120 5.44 29.58 28.92
C LEU C 120 5.52 28.05 28.83
N GLY C 121 5.02 27.52 27.73
CA GLY C 121 5.03 26.10 27.48
C GLY C 121 4.09 25.27 28.34
N ARG C 122 3.11 25.90 29.02
CA ARG C 122 2.11 25.14 29.78
C ARG C 122 0.91 24.91 28.87
N SER C 123 0.19 23.81 29.09
CA SER C 123 -0.93 23.36 28.27
C SER C 123 -2.04 24.39 27.99
N ALA C 124 -2.82 24.82 28.99
CA ALA C 124 -3.93 25.74 28.69
C ALA C 124 -3.53 27.21 28.64
N GLY C 125 -2.41 27.52 29.27
CA GLY C 125 -1.92 28.88 29.36
C GLY C 125 -1.08 29.32 28.19
N TRP C 126 -0.58 28.34 27.40
CA TRP C 126 0.28 28.63 26.26
C TRP C 126 0.08 27.71 25.06
N ASN C 127 0.44 26.42 25.17
CA ASN C 127 0.36 25.42 24.09
C ASN C 127 -0.95 25.41 23.28
N ILE C 128 -2.10 25.41 23.97
CA ILE C 128 -3.43 25.39 23.34
C ILE C 128 -3.78 26.76 22.66
N PRO C 129 -3.76 27.94 23.37
CA PRO C 129 -4.11 29.21 22.71
C PRO C 129 -3.24 29.53 21.50
N ILE C 130 -1.91 29.57 21.70
CA ILE C 130 -0.86 29.86 20.72
C ILE C 130 -0.86 28.83 19.60
N GLY C 131 -1.14 27.56 19.91
CA GLY C 131 -1.26 26.50 18.92
C GLY C 131 -2.44 26.74 17.97
N LEU C 132 -3.58 27.21 18.53
CA LEU C 132 -4.75 27.51 17.71
C LEU C 132 -4.60 28.85 16.97
N LEU C 133 -3.98 29.88 17.60
CA LEU C 133 -3.80 31.20 16.96
C LEU C 133 -2.61 31.23 16.01
N TYR C 134 -1.94 30.06 15.84
CA TYR C 134 -0.75 29.90 15.02
C TYR C 134 -0.80 30.63 13.70
N CYS C 135 -1.85 30.43 12.92
CA CYS C 135 -1.88 31.05 11.62
C CYS C 135 -2.30 32.51 11.61
N ASP C 136 -2.74 33.08 12.76
CA ASP C 136 -3.06 34.50 12.94
C ASP C 136 -1.79 35.24 13.37
N LEU C 137 -0.73 34.50 13.68
CA LEU C 137 0.53 35.09 14.13
C LEU C 137 1.30 35.70 12.94
N PRO C 138 2.00 36.85 13.10
CA PRO C 138 2.73 37.40 11.96
C PRO C 138 3.96 36.58 11.55
N GLU C 139 4.31 36.67 10.26
CA GLU C 139 5.50 36.04 9.65
C GLU C 139 6.71 36.97 9.96
N PRO C 140 7.85 36.47 10.52
CA PRO C 140 8.20 35.07 10.75
C PRO C 140 7.73 34.47 12.09
N ARG C 141 6.97 33.34 11.98
CA ARG C 141 6.40 32.57 13.09
C ARG C 141 7.47 31.80 13.91
N LYS C 142 8.78 31.94 13.56
CA LYS C 142 9.91 31.28 14.24
C LYS C 142 11.06 32.27 14.56
N PRO C 143 11.52 32.42 15.83
CA PRO C 143 11.06 31.77 17.08
C PRO C 143 9.63 32.15 17.37
N LEU C 144 8.89 31.21 18.03
CA LEU C 144 7.48 31.38 18.37
C LEU C 144 7.30 32.59 19.28
N GLU C 145 8.23 32.76 20.24
CA GLU C 145 8.21 33.84 21.21
C GLU C 145 8.18 35.22 20.58
N LYS C 146 8.99 35.44 19.51
CA LYS C 146 9.03 36.69 18.75
C LYS C 146 7.67 37.00 18.14
N ALA C 147 7.03 35.97 17.51
CA ALA C 147 5.72 36.03 16.86
C ALA C 147 4.61 36.32 17.85
N VAL C 148 4.68 35.72 19.06
CA VAL C 148 3.70 35.96 20.11
C VAL C 148 3.80 37.45 20.60
N ALA C 149 5.03 37.94 20.84
CA ALA C 149 5.30 39.33 21.24
C ALA C 149 4.83 40.35 20.20
N ASN C 150 4.85 40.01 18.89
CA ASN C 150 4.43 40.95 17.84
C ASN C 150 2.95 40.82 17.48
N PHE C 151 2.25 39.87 18.08
CA PHE C 151 0.82 39.63 17.91
C PHE C 151 0.04 40.46 18.97
N PHE C 152 0.35 40.19 20.26
CA PHE C 152 -0.25 40.88 21.40
C PHE C 152 0.47 42.20 21.61
N SER C 153 -0.19 43.17 22.28
CA SER C 153 0.42 44.48 22.52
C SER C 153 1.01 44.61 23.94
N GLY C 154 1.30 43.46 24.54
CA GLY C 154 1.87 43.37 25.88
C GLY C 154 1.41 42.09 26.55
N SER C 155 2.35 41.29 27.08
CA SER C 155 1.95 40.04 27.75
C SER C 155 2.61 39.79 29.13
N CYS C 156 2.20 38.68 29.73
CA CYS C 156 2.79 38.08 30.90
C CYS C 156 2.81 36.57 30.69
N ALA C 157 3.97 36.07 30.23
CA ALA C 157 4.23 34.65 30.00
C ALA C 157 5.36 34.28 30.94
N PRO C 158 5.06 33.83 32.18
CA PRO C 158 6.14 33.46 33.12
C PRO C 158 6.99 32.32 32.58
N CYS C 159 8.30 32.29 32.91
CA CYS C 159 9.33 31.32 32.50
C CYS C 159 9.86 31.58 31.05
N ALA C 160 9.60 32.79 30.52
CA ALA C 160 10.08 33.23 29.21
C ALA C 160 11.26 34.22 29.39
N ASP C 161 12.23 34.27 28.46
CA ASP C 161 13.37 35.19 28.63
C ASP C 161 13.03 36.64 28.24
N GLY C 162 12.92 37.50 29.25
CA GLY C 162 12.62 38.92 29.13
C GLY C 162 13.75 39.73 28.53
N THR C 163 14.97 39.14 28.49
CA THR C 163 16.18 39.72 27.91
C THR C 163 16.02 39.62 26.39
N ASP C 164 15.45 38.49 25.91
CA ASP C 164 15.24 38.23 24.50
C ASP C 164 13.88 38.72 24.02
N PHE C 165 12.80 38.47 24.79
CA PHE C 165 11.41 38.82 24.46
C PHE C 165 10.78 39.72 25.53
N PRO C 166 11.13 41.03 25.54
CA PRO C 166 10.64 41.91 26.62
C PRO C 166 9.15 42.20 26.62
N GLN C 167 8.51 42.16 25.43
CA GLN C 167 7.07 42.38 25.32
C GLN C 167 6.30 41.29 26.07
N LEU C 168 6.91 40.11 26.26
CA LEU C 168 6.31 38.98 26.95
C LEU C 168 6.27 39.13 28.50
N CYS C 169 6.96 40.16 29.05
CA CYS C 169 7.02 40.43 30.49
C CYS C 169 6.42 41.79 30.86
N GLN C 170 5.98 42.57 29.87
CA GLN C 170 5.41 43.89 30.03
C GLN C 170 4.45 44.03 31.22
N LEU C 171 3.68 42.98 31.52
CA LEU C 171 2.68 42.96 32.61
C LEU C 171 3.20 42.33 33.93
N CYS C 172 4.30 41.54 33.87
CA CYS C 172 4.94 40.92 35.05
C CYS C 172 6.46 40.96 34.86
N PRO C 173 7.11 42.18 34.88
CA PRO C 173 8.56 42.25 34.58
C PRO C 173 9.42 41.18 35.24
N GLY C 174 10.18 40.50 34.39
CA GLY C 174 11.05 39.40 34.77
C GLY C 174 10.60 38.02 34.31
N CYS C 175 9.24 37.85 34.15
CA CYS C 175 8.61 36.59 33.75
C CYS C 175 9.00 35.49 34.73
N GLY C 176 8.88 35.82 36.02
CA GLY C 176 9.22 34.97 37.14
C GLY C 176 8.49 33.65 37.11
N CYS C 177 9.26 32.55 37.14
CA CYS C 177 8.75 31.19 37.08
C CYS C 177 8.39 30.61 38.47
N SER C 178 7.94 31.46 39.42
CA SER C 178 7.51 31.01 40.76
C SER C 178 6.32 31.83 41.24
N THR C 179 5.68 31.41 42.35
CA THR C 179 4.52 32.09 42.95
C THR C 179 4.85 33.47 43.54
N LEU C 180 6.16 33.82 43.60
CA LEU C 180 6.67 35.12 44.02
C LEU C 180 6.25 36.19 43.00
N ASN C 181 5.97 35.74 41.75
CA ASN C 181 5.44 36.53 40.62
C ASN C 181 3.93 36.49 40.82
N GLN C 182 3.35 37.65 41.19
CA GLN C 182 1.91 37.79 41.48
C GLN C 182 0.99 37.24 40.36
N TYR C 183 1.42 37.40 39.08
CA TYR C 183 0.69 36.97 37.88
C TYR C 183 1.08 35.57 37.35
N PHE C 184 1.67 34.72 38.20
CA PHE C 184 2.09 33.34 37.87
C PHE C 184 0.94 32.35 38.19
N GLY C 185 0.83 31.31 37.37
CA GLY C 185 -0.15 30.24 37.50
C GLY C 185 -1.55 30.66 37.13
N TYR C 186 -2.54 29.85 37.46
CA TYR C 186 -3.95 30.12 37.19
C TYR C 186 -4.48 31.31 37.96
N SER C 187 -4.25 31.36 39.27
CA SER C 187 -4.72 32.49 40.11
C SER C 187 -4.12 33.82 39.66
N GLY C 188 -2.82 33.82 39.32
CA GLY C 188 -2.09 34.99 38.84
C GLY C 188 -2.53 35.45 37.48
N ALA C 189 -2.77 34.49 36.55
CA ALA C 189 -3.26 34.76 35.21
C ALA C 189 -4.64 35.39 35.33
N PHE C 190 -5.48 34.86 36.26
CA PHE C 190 -6.78 35.49 36.52
C PHE C 190 -6.61 36.89 37.16
N LYS C 191 -5.65 37.03 38.10
CA LYS C 191 -5.34 38.27 38.82
C LYS C 191 -4.87 39.37 37.85
N CYS C 192 -4.12 38.97 36.81
CA CYS C 192 -3.61 39.78 35.72
C CYS C 192 -4.78 40.38 34.93
N LEU C 193 -5.86 39.59 34.74
CA LEU C 193 -7.08 40.03 34.07
C LEU C 193 -7.89 40.89 35.07
N LYS C 194 -8.14 40.39 36.32
CA LYS C 194 -8.90 41.11 37.36
C LYS C 194 -8.34 42.50 37.64
N ASP C 195 -7.00 42.63 37.80
CA ASP C 195 -6.35 43.91 38.04
C ASP C 195 -6.40 44.85 36.82
N GLY C 196 -6.93 44.36 35.71
CA GLY C 196 -7.01 45.12 34.45
C GLY C 196 -5.67 45.29 33.76
N ALA C 197 -4.70 44.40 34.08
CA ALA C 197 -3.36 44.43 33.47
C ALA C 197 -3.50 43.90 32.03
N GLY C 198 -4.08 42.72 31.90
CA GLY C 198 -4.38 42.09 30.62
C GLY C 198 -5.83 42.29 30.25
N ASP C 199 -6.17 41.89 29.01
CA ASP C 199 -7.49 41.95 28.41
C ASP C 199 -8.06 40.53 28.26
N VAL C 200 -7.19 39.50 28.26
CA VAL C 200 -7.57 38.07 28.13
C VAL C 200 -6.71 37.21 29.03
N ALA C 201 -7.28 36.14 29.62
CA ALA C 201 -6.54 35.20 30.48
C ALA C 201 -6.70 33.76 29.98
N PHE C 202 -5.58 33.11 29.60
CA PHE C 202 -5.60 31.72 29.16
C PHE C 202 -5.44 30.77 30.36
N VAL C 203 -6.60 30.31 30.85
CA VAL C 203 -6.73 29.48 32.07
C VAL C 203 -7.65 28.27 31.86
N LYS C 204 -8.10 27.65 32.97
CA LYS C 204 -9.01 26.50 33.00
C LYS C 204 -10.38 27.01 33.41
N HIS C 205 -11.43 26.21 33.18
CA HIS C 205 -12.82 26.46 33.54
C HIS C 205 -13.03 26.72 35.03
N SER C 206 -12.20 26.08 35.87
CA SER C 206 -12.23 26.15 37.33
C SER C 206 -11.72 27.49 37.93
N THR C 207 -10.63 28.04 37.36
CA THR C 207 -9.94 29.26 37.81
C THR C 207 -10.84 30.42 38.35
N ILE C 208 -11.90 30.79 37.62
CA ILE C 208 -12.77 31.90 38.01
C ILE C 208 -13.53 31.53 39.30
N PHE C 209 -14.05 30.29 39.37
CA PHE C 209 -14.79 29.78 40.53
C PHE C 209 -13.91 29.62 41.77
N GLU C 210 -12.59 29.43 41.57
CA GLU C 210 -11.57 29.31 42.61
C GLU C 210 -11.12 30.70 43.09
N ASN C 211 -11.40 31.78 42.32
CA ASN C 211 -10.97 33.16 42.59
C ASN C 211 -12.08 34.18 42.91
N LEU C 212 -13.34 33.88 42.55
CA LEU C 212 -14.50 34.71 42.85
C LEU C 212 -15.66 33.81 43.25
N ALA C 213 -16.01 33.81 44.57
CA ALA C 213 -17.13 33.04 45.14
C ALA C 213 -18.50 33.66 44.80
N ASN C 214 -18.55 35.00 44.56
CA ASN C 214 -19.77 35.74 44.24
C ASN C 214 -20.19 35.68 42.77
N LYS C 215 -21.39 35.11 42.49
CA LYS C 215 -21.96 35.01 41.14
C LYS C 215 -22.20 36.40 40.49
N ALA C 216 -22.34 37.47 41.31
CA ALA C 216 -22.52 38.84 40.83
C ALA C 216 -21.15 39.44 40.42
N ASP C 217 -20.04 38.93 41.04
CA ASP C 217 -18.66 39.36 40.74
C ASP C 217 -18.17 38.70 39.44
N ARG C 218 -18.51 37.40 39.28
CA ARG C 218 -18.22 36.56 38.12
C ARG C 218 -19.01 37.02 36.90
N ASP C 219 -20.18 37.64 37.13
CA ASP C 219 -21.09 38.16 36.09
C ASP C 219 -20.46 39.22 35.19
N GLN C 220 -19.42 39.90 35.73
CA GLN C 220 -18.65 40.95 35.06
C GLN C 220 -17.51 40.35 34.15
N TYR C 221 -17.58 39.03 33.92
CA TYR C 221 -16.64 38.25 33.13
C TYR C 221 -17.36 37.34 32.14
N GLU C 222 -16.71 37.04 31.02
CA GLU C 222 -17.23 36.21 29.94
C GLU C 222 -16.10 35.31 29.39
N LEU C 223 -16.46 34.35 28.52
CA LEU C 223 -15.46 33.50 27.88
C LEU C 223 -15.49 33.73 26.37
N LEU C 224 -14.36 33.50 25.69
CA LEU C 224 -14.27 33.61 24.23
C LEU C 224 -14.42 32.22 23.63
N CYS C 225 -15.39 32.03 22.70
CA CYS C 225 -15.62 30.76 22.00
C CYS C 225 -14.95 30.80 20.63
N LEU C 226 -14.70 29.64 20.04
CA LEU C 226 -14.04 29.58 18.73
C LEU C 226 -14.93 30.10 17.55
N ASP C 227 -16.28 30.19 17.75
CA ASP C 227 -17.27 30.63 16.74
C ASP C 227 -17.36 32.16 16.65
N ASN C 228 -16.48 32.86 17.41
CA ASN C 228 -16.35 34.31 17.50
C ASN C 228 -17.60 34.93 18.11
N THR C 229 -17.92 34.48 19.33
CA THR C 229 -19.03 34.90 20.21
C THR C 229 -18.52 34.75 21.66
N ARG C 230 -19.23 35.37 22.61
CA ARG C 230 -18.92 35.27 24.04
C ARG C 230 -20.08 34.58 24.77
N LYS C 231 -19.77 33.97 25.90
CA LYS C 231 -20.75 33.27 26.72
C LYS C 231 -20.37 33.44 28.20
N PRO C 232 -21.35 33.28 29.14
CA PRO C 232 -21.01 33.39 30.58
C PRO C 232 -19.99 32.35 31.02
N VAL C 233 -19.20 32.67 32.05
CA VAL C 233 -18.13 31.81 32.58
C VAL C 233 -18.64 30.42 32.99
N ASP C 234 -19.93 30.33 33.39
CA ASP C 234 -20.60 29.09 33.77
C ASP C 234 -21.10 28.27 32.55
N GLU C 235 -20.77 28.72 31.31
CA GLU C 235 -21.14 28.02 30.07
C GLU C 235 -19.93 27.49 29.32
N TYR C 236 -18.83 27.20 30.07
CA TYR C 236 -17.52 26.70 29.65
C TYR C 236 -17.57 25.42 28.81
N LYS C 237 -18.56 24.54 29.06
CA LYS C 237 -18.74 23.27 28.33
C LYS C 237 -19.24 23.51 26.89
N ASP C 238 -19.85 24.69 26.64
CA ASP C 238 -20.42 25.10 25.35
C ASP C 238 -19.54 26.15 24.69
N CYS C 239 -18.53 26.63 25.43
CA CYS C 239 -17.67 27.73 25.02
C CYS C 239 -16.25 27.53 25.59
N HIS C 240 -15.43 26.72 24.92
CA HIS C 240 -14.04 26.47 25.33
C HIS C 240 -13.08 26.42 24.15
N LEU C 241 -11.76 26.46 24.41
CA LEU C 241 -10.73 26.34 23.38
C LEU C 241 -10.49 24.84 23.14
N ALA C 242 -10.23 24.08 24.22
CA ALA C 242 -10.03 22.63 24.16
C ALA C 242 -10.57 21.92 25.40
N GLN C 243 -10.86 20.61 25.25
CA GLN C 243 -11.30 19.68 26.29
C GLN C 243 -10.15 18.69 26.40
N VAL C 244 -9.45 18.72 27.56
CA VAL C 244 -8.20 17.99 27.77
C VAL C 244 -8.24 16.90 28.86
N PRO C 245 -7.90 15.62 28.56
CA PRO C 245 -7.85 14.61 29.65
C PRO C 245 -6.76 14.93 30.68
N SER C 246 -7.11 14.80 31.98
CA SER C 246 -6.19 15.12 33.08
C SER C 246 -5.00 14.20 33.19
N HIS C 247 -5.23 12.89 33.34
CA HIS C 247 -4.17 11.92 33.48
C HIS C 247 -4.69 10.59 32.96
N THR C 248 -4.03 10.02 31.92
CA THR C 248 -4.45 8.80 31.23
C THR C 248 -3.43 7.66 31.19
N VAL C 249 -3.91 6.42 31.41
CA VAL C 249 -3.12 5.18 31.33
C VAL C 249 -3.13 4.75 29.85
N VAL C 250 -1.92 4.54 29.28
CA VAL C 250 -1.77 4.18 27.87
C VAL C 250 -1.14 2.79 27.73
N ALA C 251 -1.45 2.13 26.62
CA ALA C 251 -1.01 0.79 26.30
C ALA C 251 -0.93 0.64 24.77
N ARG C 252 -0.28 -0.43 24.27
CA ARG C 252 -0.13 -0.80 22.86
C ARG C 252 -1.49 -0.98 22.23
N SER C 253 -1.67 -0.45 20.99
CA SER C 253 -2.91 -0.52 20.19
C SER C 253 -3.24 -1.97 19.83
N MET C 254 -2.20 -2.80 19.62
CA MET C 254 -2.30 -4.21 19.30
C MET C 254 -1.46 -4.99 20.34
N GLY C 255 -2.09 -5.98 20.98
CA GLY C 255 -1.43 -6.81 21.98
C GLY C 255 -1.05 -6.14 23.28
N GLY C 256 -1.70 -5.03 23.59
CA GLY C 256 -1.55 -4.30 24.85
C GLY C 256 -2.61 -4.90 25.73
N LYS C 257 -2.25 -5.28 26.95
CA LYS C 257 -3.17 -6.01 27.82
C LYS C 257 -4.31 -5.12 28.39
N GLU C 258 -5.12 -4.50 27.50
CA GLU C 258 -6.22 -3.58 27.83
C GLU C 258 -7.17 -4.09 28.89
N ASP C 259 -7.62 -5.34 28.77
CA ASP C 259 -8.56 -5.90 29.73
C ASP C 259 -7.89 -6.30 31.03
N LEU C 260 -6.62 -6.72 30.97
CA LEU C 260 -5.81 -7.03 32.14
C LEU C 260 -5.37 -5.74 32.90
N ILE C 261 -5.27 -4.58 32.20
CA ILE C 261 -4.91 -3.32 32.86
C ILE C 261 -6.15 -2.88 33.60
N TRP C 262 -7.32 -2.94 32.93
CA TRP C 262 -8.57 -2.58 33.54
C TRP C 262 -8.87 -3.39 34.79
N GLU C 263 -8.74 -4.74 34.70
CA GLU C 263 -8.99 -5.66 35.79
C GLU C 263 -8.14 -5.29 37.02
N LEU C 264 -6.81 -5.19 36.84
CA LEU C 264 -5.83 -4.82 37.87
C LEU C 264 -6.17 -3.47 38.52
N LEU C 265 -6.39 -2.39 37.72
CA LEU C 265 -6.70 -1.05 38.22
C LEU C 265 -8.09 -0.93 38.87
N ASN C 266 -9.09 -1.74 38.45
CA ASN C 266 -10.40 -1.75 39.09
C ASN C 266 -10.30 -2.48 40.46
N GLN C 267 -9.58 -3.60 40.50
CA GLN C 267 -9.34 -4.36 41.72
C GLN C 267 -8.53 -3.50 42.72
N ALA C 268 -7.50 -2.77 42.21
CA ALA C 268 -6.61 -1.91 42.99
C ALA C 268 -7.36 -0.79 43.67
N GLN C 269 -8.26 -0.10 42.93
CA GLN C 269 -9.07 1.00 43.47
C GLN C 269 -10.11 0.54 44.55
N GLU C 270 -10.53 -0.72 44.53
CA GLU C 270 -11.47 -1.28 45.50
C GLU C 270 -10.79 -1.62 46.86
N HIS C 271 -9.52 -2.04 46.81
CA HIS C 271 -8.75 -2.42 48.01
C HIS C 271 -7.89 -1.27 48.57
N PHE C 272 -7.22 -0.51 47.69
CA PHE C 272 -6.29 0.51 48.15
C PHE C 272 -6.58 1.91 47.59
N GLY C 273 -7.77 2.08 47.01
CA GLY C 273 -8.22 3.36 46.46
C GLY C 273 -8.53 4.39 47.53
N LYS C 274 -9.17 5.53 47.13
CA LYS C 274 -9.55 6.65 48.00
C LYS C 274 -10.41 6.22 49.21
N ASP C 275 -9.91 6.46 50.46
CA ASP C 275 -10.55 6.15 51.76
C ASP C 275 -10.96 4.66 51.89
N LYS C 276 -10.03 3.74 51.57
CA LYS C 276 -10.32 2.31 51.61
C LYS C 276 -9.46 1.50 52.58
N SER C 277 -8.11 1.65 52.53
CA SER C 277 -7.19 0.90 53.39
C SER C 277 -6.24 1.77 54.20
N LYS C 278 -5.97 1.36 55.46
CA LYS C 278 -5.01 2.07 56.33
C LYS C 278 -3.60 1.64 55.90
N GLU C 279 -3.51 0.40 55.32
CA GLU C 279 -2.33 -0.30 54.80
C GLU C 279 -1.62 0.45 53.67
N PHE C 280 -2.25 0.51 52.49
CA PHE C 280 -1.68 1.15 51.30
C PHE C 280 -2.66 2.07 50.63
N GLN C 281 -2.13 3.15 50.05
CA GLN C 281 -2.89 4.17 49.33
C GLN C 281 -2.29 4.30 47.94
N LEU C 282 -3.17 4.18 46.93
CA LEU C 282 -2.85 4.22 45.50
C LEU C 282 -2.60 5.64 45.08
N PHE C 283 -3.26 6.59 45.76
CA PHE C 283 -3.18 7.99 45.41
C PHE C 283 -2.44 8.84 46.46
N SER C 284 -1.50 8.23 47.21
CA SER C 284 -0.64 8.88 48.20
C SER C 284 0.57 8.01 48.49
N SER C 285 1.73 8.63 48.78
CA SER C 285 2.94 7.90 49.16
C SER C 285 3.92 8.75 49.95
N PRO C 286 4.53 8.17 51.01
CA PRO C 286 5.54 8.92 51.79
C PRO C 286 6.78 9.34 50.96
N HIS C 287 7.09 8.56 49.89
CA HIS C 287 8.25 8.74 49.02
C HIS C 287 8.12 9.88 48.01
N GLY C 288 6.96 10.55 47.96
CA GLY C 288 6.72 11.67 47.05
C GLY C 288 5.29 11.93 46.62
N LYS C 289 5.10 13.06 45.91
CA LYS C 289 3.84 13.57 45.37
C LYS C 289 3.65 13.14 43.90
N ASP C 290 2.39 12.75 43.54
CA ASP C 290 1.91 12.33 42.21
C ASP C 290 2.69 11.13 41.63
N LEU C 291 3.04 10.16 42.51
CA LEU C 291 3.79 8.95 42.13
C LEU C 291 2.86 7.92 41.50
N LEU C 292 3.19 7.54 40.23
CA LEU C 292 2.48 6.62 39.33
C LEU C 292 1.13 7.15 38.87
N PHE C 293 0.37 7.79 39.79
CA PHE C 293 -0.95 8.38 39.63
C PHE C 293 -0.99 9.73 40.39
N LYS C 294 -1.85 10.67 39.94
CA LYS C 294 -2.00 11.94 40.64
C LYS C 294 -2.65 11.71 42.00
N ASP C 295 -2.16 12.41 43.04
CA ASP C 295 -2.67 12.29 44.40
C ASP C 295 -4.14 12.68 44.53
N SER C 296 -4.54 13.69 43.77
CA SER C 296 -5.90 14.23 43.70
C SER C 296 -6.96 13.25 43.14
N ALA C 297 -6.54 12.16 42.48
CA ALA C 297 -7.50 11.22 41.88
C ALA C 297 -8.39 10.55 42.89
N HIS C 298 -9.64 10.27 42.46
CA HIS C 298 -10.67 9.59 43.25
C HIS C 298 -10.83 8.15 42.79
N GLY C 299 -10.17 7.85 41.69
CA GLY C 299 -10.18 6.51 41.12
C GLY C 299 -10.03 6.50 39.62
N PHE C 300 -10.50 5.40 39.03
CA PHE C 300 -10.40 5.10 37.61
C PHE C 300 -11.70 4.76 36.92
N LEU C 301 -11.72 5.02 35.59
CA LEU C 301 -12.80 4.73 34.65
C LEU C 301 -12.20 4.09 33.41
N LYS C 302 -12.92 3.13 32.80
CA LYS C 302 -12.54 2.42 31.58
C LYS C 302 -12.77 3.35 30.41
N VAL C 303 -11.82 3.41 29.47
CA VAL C 303 -12.00 4.25 28.30
C VAL C 303 -12.77 3.39 27.29
N PRO C 304 -13.92 3.88 26.73
CA PRO C 304 -14.66 3.09 25.71
C PRO C 304 -13.77 2.48 24.63
N PRO C 305 -14.01 1.22 24.21
CA PRO C 305 -13.09 0.58 23.24
C PRO C 305 -12.99 1.26 21.86
N ARG C 306 -14.08 1.89 21.37
CA ARG C 306 -14.10 2.64 20.10
C ARG C 306 -13.16 3.88 20.07
N MET C 307 -12.87 4.44 21.25
CA MET C 307 -12.04 5.62 21.48
C MET C 307 -10.55 5.45 21.05
N ASP C 308 -10.10 6.31 20.13
CA ASP C 308 -8.71 6.38 19.68
C ASP C 308 -8.13 7.71 20.18
N ALA C 309 -6.79 7.80 20.34
CA ALA C 309 -6.08 8.99 20.84
C ALA C 309 -6.59 10.35 20.33
N LYS C 310 -6.70 10.50 19.00
CA LYS C 310 -7.14 11.72 18.34
C LYS C 310 -8.53 12.13 18.83
N MET C 311 -9.46 11.16 18.95
CA MET C 311 -10.84 11.36 19.39
C MET C 311 -10.92 11.68 20.89
N TYR C 312 -10.14 10.93 21.69
CA TYR C 312 -9.99 11.04 23.13
C TYR C 312 -9.49 12.42 23.53
N LEU C 313 -8.47 12.92 22.82
CA LEU C 313 -7.89 14.23 23.07
C LEU C 313 -8.76 15.35 22.48
N GLY C 314 -9.54 15.02 21.44
CA GLY C 314 -10.40 15.96 20.72
C GLY C 314 -9.71 16.62 19.54
N TYR C 315 -10.49 17.05 18.53
CA TYR C 315 -9.98 17.70 17.30
C TYR C 315 -9.21 19.00 17.59
N GLU C 316 -9.69 19.80 18.58
CA GLU C 316 -9.14 21.10 19.00
C GLU C 316 -7.75 20.94 19.59
N TYR C 317 -7.57 20.01 20.53
CA TYR C 317 -6.27 19.75 21.14
C TYR C 317 -5.25 19.30 20.09
N VAL C 318 -5.67 18.34 19.22
CA VAL C 318 -4.86 17.78 18.14
C VAL C 318 -4.45 18.90 17.16
N THR C 319 -5.42 19.71 16.71
CA THR C 319 -5.18 20.83 15.79
C THR C 319 -4.14 21.83 16.35
N ALA C 320 -4.19 22.14 17.63
CA ALA C 320 -3.26 23.09 18.24
C ALA C 320 -1.85 22.57 18.29
N ILE C 321 -1.69 21.30 18.70
CA ILE C 321 -0.36 20.71 18.82
C ILE C 321 0.27 20.44 17.44
N ARG C 322 -0.53 19.96 16.46
CA ARG C 322 -0.06 19.73 15.10
C ARG C 322 0.57 21.04 14.61
N ASN C 323 -0.17 22.20 14.68
CA ASN C 323 0.29 23.56 14.32
C ASN C 323 1.59 23.95 15.01
N LEU C 324 1.74 23.66 16.31
CA LEU C 324 2.98 23.99 17.01
C LEU C 324 4.17 23.17 16.51
N ARG C 325 4.00 21.83 16.39
CA ARG C 325 5.04 20.87 15.96
C ARG C 325 5.43 21.09 14.48
N GLU C 326 4.44 20.98 13.58
CA GLU C 326 4.55 21.07 12.13
C GLU C 326 4.86 22.44 11.59
N GLY C 327 4.15 23.45 12.07
CA GLY C 327 4.32 24.82 11.59
C GLY C 327 3.69 25.06 10.23
N THR C 328 3.11 23.98 9.62
CA THR C 328 2.43 23.97 8.31
C THR C 328 1.24 24.92 8.38
N CYS C 329 1.24 25.93 7.47
CA CYS C 329 0.25 26.98 7.49
C CYS C 329 -0.01 27.57 6.05
N PRO C 330 -1.30 27.70 5.59
CA PRO C 330 -1.58 28.24 4.22
C PRO C 330 -1.05 29.66 3.95
N LYS C 338 -11.40 22.65 -0.24
CA LYS C 338 -12.00 21.88 -1.35
C LYS C 338 -10.97 20.93 -2.02
N PRO C 339 -11.34 19.78 -2.67
CA PRO C 339 -12.66 19.16 -2.88
C PRO C 339 -13.21 18.42 -1.65
N VAL C 340 -14.51 18.07 -1.70
CA VAL C 340 -15.26 17.42 -0.60
C VAL C 340 -15.19 15.88 -0.66
N LYS C 341 -14.70 15.25 0.43
CA LYS C 341 -14.63 13.79 0.47
C LYS C 341 -15.92 13.22 1.05
N TRP C 342 -16.74 12.63 0.17
CA TRP C 342 -18.01 12.02 0.52
C TRP C 342 -17.79 10.58 1.03
N CYS C 343 -18.29 10.24 2.25
CA CYS C 343 -18.17 8.88 2.79
C CYS C 343 -19.24 7.99 2.16
N ALA C 344 -18.85 6.82 1.66
CA ALA C 344 -19.74 5.82 1.04
C ALA C 344 -19.93 4.59 1.91
N LEU C 345 -21.18 4.12 1.97
CA LEU C 345 -21.60 2.95 2.73
C LEU C 345 -21.50 1.70 1.87
N SER C 346 -20.32 1.07 1.95
CA SER C 346 -19.98 -0.15 1.22
C SER C 346 -19.90 0.10 -0.33
N HIS C 347 -19.63 -0.97 -1.07
CA HIS C 347 -19.35 -1.03 -2.49
C HIS C 347 -20.47 -0.50 -3.40
N HIS C 348 -21.76 -0.57 -2.97
CA HIS C 348 -22.91 -0.10 -3.77
C HIS C 348 -22.96 1.43 -3.83
N GLU C 349 -22.78 2.09 -2.66
CA GLU C 349 -22.73 3.54 -2.55
C GLU C 349 -21.48 4.08 -3.21
N ARG C 350 -20.35 3.41 -3.02
CA ARG C 350 -19.05 3.75 -3.61
C ARG C 350 -19.06 3.69 -5.14
N LEU C 351 -19.73 2.69 -5.74
CA LEU C 351 -19.89 2.56 -7.19
C LEU C 351 -20.48 3.88 -7.75
N LYS C 352 -21.63 4.34 -7.16
CA LYS C 352 -22.34 5.58 -7.49
C LYS C 352 -21.49 6.80 -7.18
N CYS C 353 -20.85 6.84 -6.00
CA CYS C 353 -19.97 7.94 -5.60
C CYS C 353 -18.84 8.13 -6.63
N ASP C 354 -18.33 7.03 -7.24
CA ASP C 354 -17.25 7.06 -8.27
C ASP C 354 -17.70 7.80 -9.55
N GLU C 355 -18.94 7.52 -10.02
CA GLU C 355 -19.55 8.21 -11.16
C GLU C 355 -19.70 9.69 -10.81
N TRP C 356 -20.11 9.98 -9.57
CA TRP C 356 -20.24 11.34 -9.09
C TRP C 356 -18.90 12.05 -9.03
N SER C 357 -17.82 11.34 -8.68
CA SER C 357 -16.48 11.91 -8.57
C SER C 357 -15.89 12.34 -9.90
N VAL C 358 -15.96 11.47 -10.92
CA VAL C 358 -15.45 11.74 -12.26
C VAL C 358 -16.31 12.79 -13.00
N ASN C 359 -17.65 12.68 -12.91
CA ASN C 359 -18.61 13.60 -13.54
C ASN C 359 -18.46 15.00 -13.01
N SER C 360 -18.25 15.18 -11.69
CA SER C 360 -18.08 16.48 -11.09
C SER C 360 -16.68 17.01 -11.35
N VAL C 361 -15.81 16.13 -11.89
CA VAL C 361 -14.40 16.32 -12.24
C VAL C 361 -13.66 16.98 -11.06
N GLY C 362 -13.34 16.14 -10.07
CA GLY C 362 -12.60 16.50 -8.86
C GLY C 362 -13.19 17.60 -7.99
N LYS C 363 -14.52 17.58 -7.81
CA LYS C 363 -15.24 18.51 -6.94
C LYS C 363 -15.66 17.75 -5.67
N ILE C 364 -16.06 16.47 -5.87
CA ILE C 364 -16.44 15.49 -4.84
C ILE C 364 -15.48 14.28 -4.95
N GLU C 365 -14.82 13.90 -3.84
CA GLU C 365 -13.95 12.71 -3.75
C GLU C 365 -14.67 11.59 -2.91
N CYS C 366 -14.18 10.32 -2.94
CA CYS C 366 -14.84 9.22 -2.19
C CYS C 366 -13.94 8.52 -1.20
N VAL C 367 -14.56 7.90 -0.18
CA VAL C 367 -13.94 7.05 0.87
C VAL C 367 -15.01 6.03 1.24
N SER C 368 -14.66 4.73 1.35
CA SER C 368 -15.60 3.67 1.74
C SER C 368 -15.39 3.29 3.22
N ALA C 369 -16.50 2.91 3.89
CA ALA C 369 -16.55 2.39 5.26
C ALA C 369 -17.73 1.41 5.25
N GLU C 370 -17.62 0.32 6.04
CA GLU C 370 -18.66 -0.70 6.05
C GLU C 370 -19.90 -0.28 6.86
N THR C 371 -19.76 0.63 7.86
CA THR C 371 -20.91 1.11 8.64
C THR C 371 -20.99 2.68 8.66
N THR C 372 -22.16 3.19 9.06
CA THR C 372 -22.47 4.62 9.18
C THR C 372 -21.66 5.25 10.30
N GLU C 373 -21.58 4.61 11.49
CA GLU C 373 -20.80 5.19 12.59
C GLU C 373 -19.29 5.22 12.28
N ASP C 374 -18.80 4.29 11.42
CA ASP C 374 -17.41 4.24 10.96
C ASP C 374 -17.15 5.42 10.07
N CYS C 375 -18.17 5.81 9.28
CA CYS C 375 -18.16 6.97 8.39
C CYS C 375 -18.20 8.29 9.21
N ILE C 376 -19.05 8.37 10.26
CA ILE C 376 -19.11 9.56 11.14
C ILE C 376 -17.73 9.81 11.73
N ALA C 377 -17.04 8.73 12.12
CA ALA C 377 -15.69 8.69 12.69
C ALA C 377 -14.64 9.14 11.65
N LYS C 378 -14.84 8.82 10.36
CA LYS C 378 -13.96 9.29 9.29
C LYS C 378 -14.14 10.81 9.13
N ILE C 379 -15.41 11.31 9.19
CA ILE C 379 -15.71 12.75 9.10
C ILE C 379 -14.97 13.44 10.25
N MET C 380 -15.32 13.09 11.51
CA MET C 380 -14.77 13.61 12.77
C MET C 380 -13.25 13.84 12.75
N ASN C 381 -12.46 12.82 12.39
CA ASN C 381 -11.01 12.94 12.41
C ASN C 381 -10.44 13.70 11.20
N GLY C 382 -11.00 13.48 10.00
CA GLY C 382 -10.58 14.13 8.78
C GLY C 382 -10.39 13.23 7.57
N GLU C 383 -10.53 11.89 7.75
CA GLU C 383 -10.39 10.89 6.67
C GLU C 383 -11.37 11.11 5.52
N ALA C 384 -12.51 11.74 5.84
CA ALA C 384 -13.59 12.12 4.92
C ALA C 384 -14.20 13.44 5.43
N ASP C 385 -14.99 14.11 4.60
CA ASP C 385 -15.55 15.40 4.96
C ASP C 385 -17.05 15.46 5.21
N ALA C 386 -17.87 14.71 4.42
CA ALA C 386 -19.34 14.80 4.57
C ALA C 386 -20.09 13.58 4.07
N MET C 387 -21.34 13.40 4.55
CA MET C 387 -22.23 12.29 4.16
C MET C 387 -23.72 12.57 4.50
N SER C 388 -24.65 11.94 3.77
CA SER C 388 -26.08 12.14 4.06
C SER C 388 -26.56 11.15 5.10
N LEU C 389 -27.15 11.66 6.17
CA LEU C 389 -27.58 10.80 7.26
C LEU C 389 -29.04 10.88 7.59
N ASP C 390 -29.57 9.81 8.16
CA ASP C 390 -30.92 9.69 8.69
C ASP C 390 -30.96 10.46 10.04
N GLY C 391 -32.16 10.82 10.50
CA GLY C 391 -32.39 11.54 11.75
C GLY C 391 -31.74 11.00 13.01
N GLY C 392 -31.72 9.68 13.15
CA GLY C 392 -31.15 9.01 14.31
C GLY C 392 -29.65 9.11 14.33
N PHE C 393 -29.04 9.05 13.14
CA PHE C 393 -27.60 9.18 12.97
C PHE C 393 -27.17 10.64 12.97
N VAL C 394 -28.10 11.63 12.73
CA VAL C 394 -27.79 13.07 12.87
C VAL C 394 -27.63 13.32 14.38
N TYR C 395 -28.54 12.79 15.21
CA TYR C 395 -28.44 12.87 16.67
C TYR C 395 -27.07 12.37 17.14
N ILE C 396 -26.67 11.13 16.72
CA ILE C 396 -25.37 10.55 17.11
C ILE C 396 -24.22 11.40 16.56
N ALA C 397 -24.17 11.62 15.23
CA ALA C 397 -23.14 12.41 14.55
C ALA C 397 -22.95 13.78 15.18
N GLY C 398 -24.07 14.44 15.51
CA GLY C 398 -24.10 15.74 16.17
C GLY C 398 -23.50 15.71 17.56
N LYS C 399 -23.88 14.69 18.37
CA LYS C 399 -23.37 14.46 19.71
C LYS C 399 -21.84 14.23 19.69
N CYS C 400 -21.31 13.88 18.51
CA CYS C 400 -19.91 13.65 18.22
C CYS C 400 -19.22 14.93 17.70
N GLY C 401 -19.89 16.07 17.83
CA GLY C 401 -19.36 17.37 17.43
C GLY C 401 -19.68 17.84 16.02
N LEU C 402 -20.07 16.91 15.11
CA LEU C 402 -20.41 17.24 13.71
C LEU C 402 -21.70 18.08 13.64
N VAL C 403 -21.89 18.83 12.53
CA VAL C 403 -23.05 19.73 12.32
C VAL C 403 -23.84 19.46 11.02
N PRO C 404 -25.17 19.77 10.97
CA PRO C 404 -25.93 19.61 9.69
C PRO C 404 -25.83 20.85 8.79
N VAL C 405 -25.65 20.68 7.45
CA VAL C 405 -25.51 21.80 6.50
C VAL C 405 -26.62 21.94 5.43
N LEU C 406 -27.21 20.84 4.97
CA LEU C 406 -28.30 20.83 4.01
C LEU C 406 -29.28 19.74 4.43
N ALA C 407 -30.57 19.95 4.18
CA ALA C 407 -31.59 18.96 4.53
C ALA C 407 -32.16 18.40 3.26
N GLU C 408 -32.47 17.10 3.26
CA GLU C 408 -33.09 16.47 2.09
C GLU C 408 -34.56 16.86 2.09
N ASN C 409 -35.04 17.37 0.94
CA ASN C 409 -36.45 17.71 0.77
C ASN C 409 -37.13 16.70 -0.15
N TYR C 410 -38.36 16.27 0.20
CA TYR C 410 -39.10 15.25 -0.55
C TYR C 410 -40.43 15.73 -1.18
N ASN C 411 -41.02 16.85 -0.71
CA ASN C 411 -42.27 17.40 -1.22
C ASN C 411 -42.03 18.22 -2.50
N LYS C 412 -42.99 18.19 -3.44
CA LYS C 412 -42.96 18.97 -4.69
C LYS C 412 -43.27 20.44 -4.37
N SER C 413 -42.27 21.31 -4.56
CA SER C 413 -42.36 22.75 -4.28
C SER C 413 -41.83 23.57 -5.45
N ASP C 414 -42.18 24.86 -5.43
CA ASP C 414 -41.79 25.88 -6.39
C ASP C 414 -40.29 26.13 -6.17
N ASN C 415 -39.92 26.60 -4.96
CA ASN C 415 -38.52 26.77 -4.58
C ASN C 415 -38.17 25.74 -3.49
N CYS C 416 -37.89 24.48 -3.92
CA CYS C 416 -37.51 23.36 -3.03
C CYS C 416 -36.36 23.76 -2.09
N GLU C 417 -35.31 24.37 -2.66
CA GLU C 417 -34.09 24.80 -1.99
C GLU C 417 -34.32 25.67 -0.74
N ASP C 418 -35.38 26.48 -0.71
CA ASP C 418 -35.61 27.33 0.45
C ASP C 418 -37.00 27.14 1.11
N THR C 419 -37.62 25.96 0.94
CA THR C 419 -38.88 25.67 1.61
C THR C 419 -38.65 24.55 2.65
N PRO C 420 -38.42 24.89 3.97
CA PRO C 420 -38.18 23.84 4.98
C PRO C 420 -39.40 22.94 5.23
N GLU C 421 -39.17 21.61 5.45
CA GLU C 421 -40.20 20.58 5.65
C GLU C 421 -40.29 20.09 7.11
N ALA C 422 -41.50 19.68 7.56
CA ALA C 422 -41.74 19.19 8.93
C ALA C 422 -41.26 17.76 9.11
N GLY C 423 -41.07 17.06 7.99
CA GLY C 423 -40.56 15.70 7.99
C GLY C 423 -41.46 14.68 7.34
N TYR C 424 -40.98 13.44 7.32
CA TYR C 424 -41.72 12.32 6.76
C TYR C 424 -42.50 11.61 7.88
N PHE C 425 -43.13 10.47 7.60
CA PHE C 425 -43.89 9.76 8.63
C PHE C 425 -43.39 8.35 8.85
N ALA C 426 -43.27 7.94 10.13
CA ALA C 426 -42.84 6.59 10.49
C ALA C 426 -44.11 5.72 10.57
N VAL C 427 -44.14 4.61 9.82
CA VAL C 427 -45.32 3.74 9.73
C VAL C 427 -44.97 2.27 9.98
N ALA C 428 -45.99 1.51 10.42
CA ALA C 428 -45.97 0.08 10.69
C ALA C 428 -46.79 -0.58 9.58
N VAL C 429 -46.11 -1.31 8.69
CA VAL C 429 -46.69 -1.98 7.51
C VAL C 429 -46.90 -3.49 7.73
N VAL C 430 -48.13 -3.93 7.46
CA VAL C 430 -48.63 -5.29 7.55
C VAL C 430 -49.27 -5.68 6.21
N LYS C 431 -49.54 -6.98 6.04
CA LYS C 431 -50.23 -7.50 4.85
C LYS C 431 -51.72 -7.37 5.12
N LYS C 432 -52.54 -7.19 4.07
CA LYS C 432 -54.00 -7.10 4.20
C LYS C 432 -54.51 -8.47 4.69
N SER C 433 -53.78 -9.55 4.31
CA SER C 433 -54.04 -10.94 4.66
C SER C 433 -53.91 -11.23 6.16
N ALA C 434 -52.91 -10.62 6.86
CA ALA C 434 -52.70 -10.82 8.31
C ALA C 434 -53.60 -9.88 9.16
N SER C 435 -54.91 -9.98 8.93
CA SER C 435 -55.95 -9.20 9.58
C SER C 435 -56.02 -9.31 11.13
N ASP C 436 -55.39 -10.35 11.72
CA ASP C 436 -55.35 -10.58 13.17
C ASP C 436 -54.50 -9.54 13.90
N LEU C 437 -53.49 -8.97 13.20
CA LEU C 437 -52.54 -7.99 13.70
C LEU C 437 -53.13 -6.62 14.02
N THR C 438 -52.80 -6.13 15.24
CA THR C 438 -53.15 -4.86 15.85
C THR C 438 -51.83 -4.35 16.44
N TRP C 439 -51.66 -3.00 16.54
CA TRP C 439 -50.47 -2.38 17.14
C TRP C 439 -50.06 -3.04 18.48
N ASP C 440 -51.07 -3.45 19.28
CA ASP C 440 -50.92 -4.10 20.60
C ASP C 440 -50.65 -5.61 20.53
N ASN C 441 -51.16 -6.29 19.45
CA ASN C 441 -51.06 -7.74 19.17
C ASN C 441 -49.72 -8.16 18.48
N LEU C 442 -48.64 -7.33 18.60
CA LEU C 442 -47.33 -7.54 17.97
C LEU C 442 -46.34 -8.45 18.72
N LYS C 443 -46.58 -8.72 20.03
CA LYS C 443 -45.72 -9.57 20.89
C LYS C 443 -45.63 -11.01 20.38
N GLY C 444 -44.41 -11.50 20.27
CA GLY C 444 -44.14 -12.85 19.78
C GLY C 444 -44.21 -13.00 18.27
N LYS C 445 -44.32 -11.86 17.56
CA LYS C 445 -44.39 -11.80 16.10
C LYS C 445 -43.04 -11.42 15.44
N LYS C 446 -42.99 -11.40 14.09
CA LYS C 446 -41.79 -11.10 13.30
C LYS C 446 -41.74 -9.64 12.78
N SER C 447 -40.66 -8.90 13.15
CA SER C 447 -40.46 -7.49 12.75
C SER C 447 -39.36 -7.31 11.70
N CYS C 448 -39.45 -6.22 10.94
CA CYS C 448 -38.50 -5.91 9.87
C CYS C 448 -38.14 -4.45 9.95
N HIS C 449 -36.96 -4.16 10.49
CA HIS C 449 -36.46 -2.79 10.69
C HIS C 449 -35.51 -2.38 9.60
N THR C 450 -35.48 -1.07 9.25
CA THR C 450 -34.55 -0.53 8.23
C THR C 450 -33.10 -0.83 8.65
N ALA C 451 -32.77 -0.54 9.95
CA ALA C 451 -31.50 -0.71 10.67
C ALA C 451 -31.69 -0.15 12.10
N VAL C 452 -30.89 -0.60 13.08
CA VAL C 452 -30.93 -0.10 14.47
C VAL C 452 -30.30 1.33 14.51
N GLY C 453 -30.93 2.24 15.28
CA GLY C 453 -30.49 3.64 15.38
C GLY C 453 -31.09 4.62 14.37
N ARG C 454 -31.89 4.09 13.41
CA ARG C 454 -32.58 4.83 12.34
C ARG C 454 -33.94 5.33 12.87
N THR C 455 -34.45 6.47 12.33
CA THR C 455 -35.71 7.08 12.80
C THR C 455 -36.97 6.17 12.74
N ALA C 456 -37.44 5.89 11.51
CA ALA C 456 -38.66 5.11 11.27
C ALA C 456 -38.46 3.64 11.56
N GLY C 457 -37.24 3.15 11.32
CA GLY C 457 -36.89 1.76 11.50
C GLY C 457 -36.64 1.32 12.93
N TRP C 458 -36.12 2.23 13.78
CA TRP C 458 -35.75 1.88 15.14
C TRP C 458 -36.25 2.84 16.24
N ASN C 459 -35.68 4.05 16.34
CA ASN C 459 -35.91 5.07 17.38
C ASN C 459 -37.36 5.43 17.68
N ILE C 460 -38.24 5.42 16.67
CA ILE C 460 -39.64 5.75 16.89
C ILE C 460 -40.42 4.51 17.38
N PRO C 461 -40.44 3.32 16.70
CA PRO C 461 -41.21 2.18 17.25
C PRO C 461 -40.63 1.52 18.51
N MET C 462 -39.31 1.51 18.65
CA MET C 462 -38.65 0.91 19.81
C MET C 462 -38.74 1.83 21.03
N GLY C 463 -38.93 3.13 20.79
CA GLY C 463 -39.12 4.12 21.84
C GLY C 463 -40.52 4.04 22.41
N LEU C 464 -41.53 3.82 21.52
CA LEU C 464 -42.93 3.66 21.90
C LEU C 464 -43.16 2.30 22.54
N LEU C 465 -42.31 1.30 22.24
CA LEU C 465 -42.37 -0.04 22.83
C LEU C 465 -41.71 -0.01 24.21
N TYR C 466 -40.58 0.72 24.34
CA TYR C 466 -39.84 0.89 25.60
C TYR C 466 -40.68 1.61 26.65
N ASN C 467 -41.55 2.54 26.21
CA ASN C 467 -42.48 3.26 27.08
C ASN C 467 -43.63 2.35 27.56
N LYS C 468 -43.66 1.09 27.06
CA LYS C 468 -44.69 0.12 27.43
C LYS C 468 -44.16 -1.04 28.28
N ILE C 469 -43.14 -1.78 27.79
CA ILE C 469 -42.53 -2.94 28.45
C ILE C 469 -41.46 -2.54 29.52
N ASN C 470 -41.07 -1.26 29.52
CA ASN C 470 -40.09 -0.64 30.42
C ASN C 470 -38.77 -1.42 30.55
N HIS C 471 -38.37 -2.11 29.46
CA HIS C 471 -37.11 -2.86 29.37
C HIS C 471 -36.57 -2.86 27.94
N CYS C 472 -35.26 -3.08 27.79
CA CYS C 472 -34.51 -3.02 26.53
C CYS C 472 -34.33 -4.39 25.80
N ARG C 473 -34.85 -5.50 26.36
CA ARG C 473 -34.75 -6.79 25.69
C ARG C 473 -35.84 -6.86 24.58
N PHE C 474 -35.59 -6.25 23.42
CA PHE C 474 -36.54 -6.22 22.31
C PHE C 474 -36.52 -7.58 21.58
N ASP C 475 -35.38 -8.30 21.66
CA ASP C 475 -35.14 -9.62 21.08
C ASP C 475 -35.98 -10.72 21.75
N GLU C 476 -36.46 -10.43 22.98
CA GLU C 476 -37.31 -11.33 23.79
C GLU C 476 -38.77 -11.08 23.40
N PHE C 477 -39.12 -9.79 23.12
CA PHE C 477 -40.45 -9.32 22.72
C PHE C 477 -40.90 -9.94 21.41
N PHE C 478 -39.99 -9.95 20.42
CA PHE C 478 -40.25 -10.53 19.11
C PHE C 478 -39.78 -11.99 19.10
N SER C 479 -40.37 -12.79 18.19
CA SER C 479 -39.96 -14.18 18.02
C SER C 479 -38.60 -14.10 17.30
N GLU C 480 -38.60 -13.47 16.12
CA GLU C 480 -37.45 -13.18 15.29
C GLU C 480 -37.72 -11.96 14.40
N GLY C 481 -36.71 -11.55 13.63
CA GLY C 481 -36.78 -10.41 12.74
C GLY C 481 -35.44 -10.06 12.13
N CYS C 482 -35.38 -8.91 11.41
CA CYS C 482 -34.15 -8.41 10.81
C CYS C 482 -34.04 -6.94 11.06
N ALA C 483 -33.10 -6.55 11.92
CA ALA C 483 -32.76 -5.17 12.24
C ALA C 483 -31.24 -5.04 11.96
N PRO C 484 -30.77 -4.80 10.69
CA PRO C 484 -29.32 -4.75 10.42
C PRO C 484 -28.58 -3.84 11.39
N GLY C 485 -27.50 -4.37 11.98
CA GLY C 485 -26.71 -3.66 12.97
C GLY C 485 -26.75 -4.25 14.35
N SER C 486 -27.76 -5.11 14.60
CA SER C 486 -27.95 -5.82 15.87
C SER C 486 -26.83 -6.87 16.04
N LYS C 487 -26.68 -7.45 17.27
CA LYS C 487 -25.72 -8.54 17.54
C LYS C 487 -26.12 -9.77 16.70
N LYS C 488 -25.17 -10.30 15.91
CA LYS C 488 -25.36 -11.42 14.99
C LYS C 488 -25.93 -12.70 15.64
N ASP C 489 -25.85 -12.80 16.99
CA ASP C 489 -26.38 -13.93 17.75
C ASP C 489 -27.78 -13.63 18.35
N SER C 490 -28.34 -12.45 18.03
CA SER C 490 -29.67 -12.06 18.48
C SER C 490 -30.76 -12.72 17.61
N SER C 491 -32.01 -12.75 18.11
CA SER C 491 -33.16 -13.28 17.36
C SER C 491 -33.52 -12.28 16.26
N LEU C 492 -33.10 -10.99 16.45
CA LEU C 492 -33.30 -9.88 15.53
C LEU C 492 -32.30 -9.89 14.34
N CYS C 493 -31.59 -10.99 14.14
CA CYS C 493 -30.71 -11.19 13.00
C CYS C 493 -31.08 -12.49 12.29
N LYS C 494 -32.00 -13.28 12.88
CA LYS C 494 -32.44 -14.57 12.35
C LYS C 494 -33.23 -14.49 11.03
N LEU C 495 -33.93 -13.36 10.75
CA LEU C 495 -34.69 -13.22 9.52
C LEU C 495 -33.96 -12.46 8.42
N CYS C 496 -32.69 -12.13 8.64
CA CYS C 496 -31.89 -11.40 7.66
C CYS C 496 -31.53 -12.25 6.43
N MET C 497 -31.14 -11.64 5.28
CA MET C 497 -30.82 -12.48 4.12
C MET C 497 -29.34 -12.44 3.69
N GLY C 498 -28.51 -11.67 4.40
CA GLY C 498 -27.08 -11.52 4.12
C GLY C 498 -26.29 -12.83 4.07
N SER C 499 -25.38 -12.94 3.09
CA SER C 499 -24.54 -14.13 2.85
C SER C 499 -23.38 -14.25 3.87
N GLY C 500 -23.51 -15.22 4.79
CA GLY C 500 -22.52 -15.53 5.80
C GLY C 500 -22.26 -14.42 6.81
N LEU C 501 -21.13 -13.73 6.65
CA LEU C 501 -20.72 -12.65 7.54
C LEU C 501 -21.60 -11.41 7.29
N ASN C 502 -22.07 -11.23 6.03
CA ASN C 502 -22.93 -10.14 5.56
C ASN C 502 -24.34 -10.15 6.18
N LEU C 503 -24.69 -11.22 6.94
CA LEU C 503 -25.97 -11.36 7.62
C LEU C 503 -26.06 -10.35 8.78
N CYS C 504 -27.14 -9.53 8.78
CA CYS C 504 -27.44 -8.50 9.78
C CYS C 504 -26.42 -7.33 9.76
N GLU C 505 -25.81 -7.07 8.58
CA GLU C 505 -24.81 -6.02 8.32
C GLU C 505 -25.52 -4.70 7.98
N PRO C 506 -25.14 -3.54 8.58
CA PRO C 506 -25.86 -2.30 8.29
C PRO C 506 -25.41 -1.57 7.02
N ASN C 507 -25.47 -2.29 5.89
CA ASN C 507 -25.19 -1.82 4.53
C ASN C 507 -25.95 -2.68 3.47
N ASN C 508 -25.90 -2.29 2.18
CA ASN C 508 -26.61 -2.96 1.07
C ASN C 508 -26.12 -4.40 0.71
N LYS C 509 -25.06 -4.92 1.41
CA LYS C 509 -24.59 -6.30 1.25
C LYS C 509 -25.66 -7.19 1.89
N GLU C 510 -26.41 -6.64 2.87
CA GLU C 510 -27.53 -7.26 3.55
C GLU C 510 -28.77 -6.82 2.78
N GLY C 511 -29.47 -7.80 2.19
CA GLY C 511 -30.62 -7.58 1.33
C GLY C 511 -31.85 -7.01 1.98
N TYR C 512 -31.90 -7.03 3.32
CA TYR C 512 -33.03 -6.49 4.07
C TYR C 512 -32.73 -5.16 4.78
N TYR C 513 -31.60 -4.50 4.43
CA TYR C 513 -31.18 -3.20 4.96
C TYR C 513 -31.84 -2.06 4.18
N GLY C 514 -32.38 -1.07 4.91
CA GLY C 514 -33.02 0.10 4.34
C GLY C 514 -34.53 -0.01 4.26
N TYR C 515 -35.17 1.05 3.72
CA TYR C 515 -36.63 1.12 3.57
C TYR C 515 -37.18 0.02 2.65
N THR C 516 -36.59 -0.13 1.46
CA THR C 516 -36.99 -1.14 0.47
C THR C 516 -36.65 -2.55 1.01
N GLY C 517 -35.48 -2.68 1.64
CA GLY C 517 -35.00 -3.91 2.24
C GLY C 517 -35.90 -4.44 3.32
N ALA C 518 -36.41 -3.53 4.19
CA ALA C 518 -37.33 -3.86 5.27
C ALA C 518 -38.69 -4.26 4.65
N PHE C 519 -39.11 -3.59 3.53
CA PHE C 519 -40.35 -3.94 2.84
C PHE C 519 -40.24 -5.36 2.25
N ARG C 520 -39.05 -5.70 1.67
CA ARG C 520 -38.74 -7.03 1.12
C ARG C 520 -38.82 -8.08 2.22
N CYS C 521 -38.35 -7.72 3.42
CA CYS C 521 -38.38 -8.57 4.61
C CYS C 521 -39.82 -8.95 4.97
N LEU C 522 -40.77 -7.97 4.95
CA LEU C 522 -42.19 -8.17 5.25
C LEU C 522 -42.90 -9.14 4.28
N VAL C 523 -42.59 -9.00 2.98
CA VAL C 523 -43.14 -9.78 1.88
C VAL C 523 -42.66 -11.27 1.94
N GLU C 524 -41.37 -11.47 2.26
CA GLU C 524 -40.75 -12.78 2.27
C GLU C 524 -40.75 -13.52 3.60
N LYS C 525 -40.35 -12.88 4.72
CA LYS C 525 -40.26 -13.60 6.00
C LYS C 525 -41.06 -13.01 7.17
N GLY C 526 -41.00 -11.69 7.35
CA GLY C 526 -41.63 -11.03 8.48
C GLY C 526 -43.13 -10.91 8.45
N ASP C 527 -43.69 -10.25 9.49
CA ASP C 527 -45.13 -10.02 9.55
C ASP C 527 -45.45 -8.53 9.90
N VAL C 528 -44.40 -7.72 10.18
CA VAL C 528 -44.47 -6.25 10.40
C VAL C 528 -43.12 -5.60 9.93
N ALA C 529 -43.21 -4.48 9.16
CA ALA C 529 -42.07 -3.71 8.66
C ALA C 529 -42.22 -2.26 9.13
N PHE C 530 -41.10 -1.63 9.62
CA PHE C 530 -41.05 -0.25 10.12
C PHE C 530 -40.29 0.63 9.13
N VAL C 531 -41.01 1.52 8.43
CA VAL C 531 -40.48 2.33 7.32
C VAL C 531 -41.14 3.73 7.21
N LYS C 532 -40.71 4.53 6.18
CA LYS C 532 -41.30 5.82 5.83
C LYS C 532 -42.67 5.53 5.15
N HIS C 533 -43.59 6.53 5.20
CA HIS C 533 -44.95 6.43 4.67
C HIS C 533 -45.06 6.14 3.16
N GLN C 534 -44.02 6.53 2.40
CA GLN C 534 -43.99 6.39 0.95
C GLN C 534 -43.28 5.09 0.44
N THR C 535 -42.96 4.12 1.34
CA THR C 535 -42.29 2.87 0.97
C THR C 535 -43.18 1.91 0.19
N VAL C 536 -44.42 1.67 0.66
CA VAL C 536 -45.33 0.76 -0.03
C VAL C 536 -45.61 1.28 -1.46
N PRO C 537 -46.05 2.55 -1.68
CA PRO C 537 -46.26 3.03 -3.06
C PRO C 537 -45.04 2.99 -3.99
N GLN C 538 -43.83 3.29 -3.46
CA GLN C 538 -42.59 3.31 -4.24
C GLN C 538 -42.13 1.95 -4.83
N ASN C 539 -42.64 0.83 -4.28
CA ASN C 539 -42.26 -0.52 -4.68
C ASN C 539 -43.39 -1.36 -5.34
N THR C 540 -44.61 -1.11 -4.91
CA THR C 540 -45.81 -1.76 -5.44
C THR C 540 -46.20 -1.14 -6.81
N GLY C 541 -47.07 -1.85 -7.53
CA GLY C 541 -47.62 -1.46 -8.83
C GLY C 541 -46.60 -1.29 -9.93
N GLY C 542 -45.66 -2.24 -10.01
CA GLY C 542 -44.62 -2.25 -11.03
C GLY C 542 -43.46 -1.29 -10.86
N LYS C 543 -43.64 -0.17 -10.10
CA LYS C 543 -42.65 0.90 -9.84
C LYS C 543 -41.22 0.39 -9.49
N ASN C 544 -41.14 -0.85 -8.96
CA ASN C 544 -39.89 -1.54 -8.65
C ASN C 544 -39.81 -2.75 -9.60
N PRO C 545 -38.85 -2.77 -10.57
CA PRO C 545 -38.82 -3.87 -11.55
C PRO C 545 -38.29 -5.21 -11.05
N ASP C 546 -37.67 -5.25 -9.84
CA ASP C 546 -37.09 -6.45 -9.21
C ASP C 546 -38.05 -7.66 -9.17
N PRO C 547 -37.53 -8.91 -9.31
CA PRO C 547 -38.43 -10.08 -9.37
C PRO C 547 -39.49 -10.17 -8.27
N TRP C 548 -39.04 -10.00 -7.02
CA TRP C 548 -39.85 -10.08 -5.80
C TRP C 548 -40.97 -9.03 -5.72
N ALA C 549 -40.69 -7.81 -6.24
CA ALA C 549 -41.58 -6.66 -6.21
C ALA C 549 -42.47 -6.47 -7.44
N LYS C 550 -41.98 -6.89 -8.63
CA LYS C 550 -42.62 -6.72 -9.94
C LYS C 550 -44.13 -6.86 -9.97
N ASN C 551 -44.67 -7.91 -9.31
CA ASN C 551 -46.10 -8.26 -9.29
C ASN C 551 -46.87 -7.88 -7.98
N LEU C 552 -46.25 -7.05 -7.11
CA LEU C 552 -46.88 -6.59 -5.86
C LEU C 552 -47.74 -5.35 -6.13
N ASN C 553 -48.94 -5.26 -5.49
CA ASN C 553 -49.91 -4.14 -5.58
C ASN C 553 -50.23 -3.62 -4.18
N GLU C 554 -50.23 -2.27 -3.99
CA GLU C 554 -50.40 -1.61 -2.69
C GLU C 554 -51.75 -1.87 -1.98
N LYS C 555 -52.76 -2.38 -2.72
CA LYS C 555 -54.09 -2.72 -2.17
C LYS C 555 -53.99 -3.89 -1.13
N ASP C 556 -52.89 -4.68 -1.19
CA ASP C 556 -52.63 -5.85 -0.36
C ASP C 556 -51.83 -5.58 0.92
N TYR C 557 -51.58 -4.31 1.25
CA TYR C 557 -50.86 -3.89 2.46
C TYR C 557 -51.63 -2.86 3.24
N GLU C 558 -51.54 -2.95 4.57
CA GLU C 558 -52.24 -2.06 5.49
C GLU C 558 -51.27 -1.38 6.46
N LEU C 559 -51.76 -0.40 7.22
CA LEU C 559 -50.96 0.37 8.17
C LEU C 559 -51.47 0.14 9.57
N LEU C 560 -50.57 0.00 10.56
CA LEU C 560 -51.00 -0.15 11.95
C LEU C 560 -51.06 1.19 12.64
N CYS C 561 -52.25 1.60 13.06
CA CYS C 561 -52.48 2.83 13.79
C CYS C 561 -52.31 2.56 15.28
N LEU C 562 -51.79 3.58 16.00
CA LEU C 562 -51.54 3.60 17.45
C LEU C 562 -52.80 3.29 18.28
N ASP C 563 -54.00 3.52 17.72
CA ASP C 563 -55.29 3.25 18.38
C ASP C 563 -55.84 1.86 18.04
N GLY C 564 -54.94 0.90 17.82
CA GLY C 564 -55.25 -0.49 17.46
C GLY C 564 -56.06 -0.64 16.19
N THR C 565 -55.96 0.35 15.29
CA THR C 565 -56.68 0.46 14.03
C THR C 565 -55.77 0.11 12.83
N ARG C 566 -56.38 -0.23 11.69
CA ARG C 566 -55.70 -0.51 10.42
C ARG C 566 -56.37 0.36 9.34
N LYS C 567 -55.54 1.02 8.51
CA LYS C 567 -55.97 1.91 7.41
C LYS C 567 -55.12 1.64 6.15
N PRO C 568 -55.59 1.96 4.92
CA PRO C 568 -54.74 1.75 3.72
C PRO C 568 -53.47 2.61 3.76
N VAL C 569 -52.48 2.27 2.94
CA VAL C 569 -51.18 2.94 2.90
C VAL C 569 -51.26 4.45 2.55
N GLU C 570 -52.25 4.85 1.73
CA GLU C 570 -52.45 6.25 1.32
C GLU C 570 -52.98 7.15 2.44
N GLU C 571 -53.68 6.55 3.44
CA GLU C 571 -54.27 7.24 4.59
C GLU C 571 -53.28 7.45 5.76
N TYR C 572 -51.95 7.55 5.43
CA TYR C 572 -50.81 7.73 6.34
C TYR C 572 -50.90 8.93 7.29
N ALA C 573 -51.47 10.06 6.82
CA ALA C 573 -51.62 11.32 7.57
C ALA C 573 -52.26 11.17 8.96
N ASN C 574 -53.20 10.22 9.11
CA ASN C 574 -53.92 9.96 10.36
C ASN C 574 -53.74 8.52 10.88
N CYS C 575 -52.63 7.88 10.48
CA CYS C 575 -52.27 6.50 10.87
C CYS C 575 -50.74 6.29 10.76
N HIS C 576 -50.00 7.20 11.44
CA HIS C 576 -48.53 7.20 11.53
C HIS C 576 -48.09 7.08 12.99
N LEU C 577 -46.92 6.45 13.22
CA LEU C 577 -46.35 6.27 14.55
C LEU C 577 -45.85 7.60 15.13
N ALA C 578 -45.24 8.45 14.28
CA ALA C 578 -44.72 9.78 14.61
C ALA C 578 -44.11 10.45 13.37
N ARG C 579 -43.91 11.77 13.43
CA ARG C 579 -43.28 12.55 12.36
C ARG C 579 -41.77 12.40 12.52
N ALA C 580 -41.10 12.16 11.40
CA ALA C 580 -39.66 11.93 11.35
C ALA C 580 -38.89 13.11 10.75
N PRO C 581 -37.84 13.63 11.41
CA PRO C 581 -37.05 14.71 10.79
C PRO C 581 -36.33 14.21 9.54
N ASN C 582 -36.35 15.04 8.46
CA ASN C 582 -35.72 14.77 7.16
C ASN C 582 -34.26 14.43 7.30
N HIS C 583 -33.74 13.62 6.37
CA HIS C 583 -32.33 13.24 6.35
C HIS C 583 -31.51 14.50 6.04
N ALA C 584 -30.40 14.72 6.78
CA ALA C 584 -29.56 15.92 6.59
C ALA C 584 -28.13 15.54 6.24
N VAL C 585 -27.45 16.44 5.51
CA VAL C 585 -26.05 16.26 5.13
C VAL C 585 -25.22 16.84 6.28
N VAL C 586 -24.47 15.98 7.01
CA VAL C 586 -23.65 16.46 8.12
C VAL C 586 -22.16 16.60 7.72
N THR C 587 -21.44 17.50 8.45
CA THR C 587 -20.02 17.78 8.23
C THR C 587 -19.34 18.38 9.47
N ARG C 588 -17.97 18.48 9.37
CA ARG C 588 -17.02 19.05 10.32
C ARG C 588 -17.38 20.56 10.37
N LYS C 589 -17.58 21.16 11.58
CA LYS C 589 -17.97 22.59 11.73
C LYS C 589 -17.21 23.57 10.80
N ASP C 590 -15.90 23.34 10.69
CA ASP C 590 -14.91 24.09 9.90
C ASP C 590 -14.94 23.67 8.40
N LYS C 591 -16.14 23.30 7.90
CA LYS C 591 -16.36 22.89 6.51
C LYS C 591 -17.76 23.24 6.01
N GLU C 592 -18.66 23.75 6.91
CA GLU C 592 -20.03 24.18 6.58
C GLU C 592 -20.10 24.92 5.24
N ALA C 593 -19.39 26.08 5.16
CA ALA C 593 -19.31 27.00 4.03
C ALA C 593 -19.03 26.33 2.68
N CYS C 594 -17.93 25.57 2.59
CA CYS C 594 -17.48 24.87 1.38
C CYS C 594 -18.47 23.79 0.91
N VAL C 595 -18.95 22.93 1.85
CA VAL C 595 -19.91 21.87 1.52
C VAL C 595 -21.20 22.51 1.00
N HIS C 596 -21.73 23.53 1.73
CA HIS C 596 -22.92 24.29 1.36
C HIS C 596 -22.74 24.88 -0.06
N LYS C 597 -21.57 25.45 -0.35
CA LYS C 597 -21.21 26.03 -1.66
C LYS C 597 -21.16 24.98 -2.78
N ILE C 598 -20.29 23.95 -2.64
CA ILE C 598 -20.09 22.91 -3.66
C ILE C 598 -21.34 22.00 -3.83
N LEU C 599 -22.13 21.76 -2.76
CA LEU C 599 -23.32 20.93 -2.90
C LEU C 599 -24.44 21.67 -3.62
N ARG C 600 -24.61 22.97 -3.32
CA ARG C 600 -25.60 23.80 -4.02
C ARG C 600 -25.21 23.86 -5.50
N GLN C 601 -23.93 24.18 -5.79
CA GLN C 601 -23.34 24.25 -7.13
C GLN C 601 -23.62 22.92 -7.85
N GLN C 602 -23.14 21.81 -7.27
CA GLN C 602 -23.26 20.44 -7.77
C GLN C 602 -24.69 19.97 -8.03
N GLN C 603 -25.59 20.23 -7.06
CA GLN C 603 -27.00 19.85 -7.03
C GLN C 603 -27.74 20.34 -8.28
N HIS C 604 -27.48 21.63 -8.67
CA HIS C 604 -28.06 22.29 -9.85
C HIS C 604 -27.49 21.71 -11.14
N LEU C 605 -26.27 21.13 -11.08
CA LEU C 605 -25.63 20.50 -12.25
C LEU C 605 -26.14 19.07 -12.46
N PHE C 606 -26.16 18.25 -11.39
CA PHE C 606 -26.61 16.86 -11.44
C PHE C 606 -27.84 16.64 -10.55
N LYS C 625 -33.45 1.45 -3.50
CA LYS C 625 -32.02 1.30 -3.15
C LYS C 625 -31.45 2.43 -2.25
N ASP C 626 -31.82 3.70 -2.51
CA ASP C 626 -31.42 4.91 -1.76
C ASP C 626 -29.91 5.10 -1.59
N LEU C 627 -29.14 4.95 -2.70
CA LEU C 627 -27.67 5.09 -2.70
C LEU C 627 -27.18 6.56 -2.60
N LEU C 628 -26.38 6.86 -1.52
CA LEU C 628 -25.81 8.17 -1.10
C LEU C 628 -26.84 9.09 -0.46
N PHE C 629 -28.00 9.22 -1.13
CA PHE C 629 -29.17 9.99 -0.75
C PHE C 629 -30.41 9.13 -0.99
N ARG C 630 -31.52 9.42 -0.26
CA ARG C 630 -32.80 8.75 -0.42
C ARG C 630 -33.28 9.01 -1.86
N ASP C 631 -33.70 7.96 -2.59
CA ASP C 631 -34.12 8.13 -4.00
C ASP C 631 -35.32 9.09 -4.23
N ASP C 632 -36.05 9.46 -3.17
CA ASP C 632 -37.18 10.36 -3.26
C ASP C 632 -36.80 11.81 -2.86
N THR C 633 -35.50 12.14 -2.96
CA THR C 633 -34.99 13.47 -2.70
C THR C 633 -35.26 14.28 -3.94
N VAL C 634 -36.04 15.36 -3.79
CA VAL C 634 -36.31 16.24 -4.92
C VAL C 634 -35.17 17.27 -5.04
N CYS C 635 -34.53 17.62 -3.88
CA CYS C 635 -33.40 18.55 -3.78
C CYS C 635 -32.82 18.64 -2.33
N LEU C 636 -31.69 19.33 -2.19
CA LEU C 636 -31.00 19.60 -0.93
C LEU C 636 -31.35 21.05 -0.55
N ALA C 637 -32.00 21.22 0.60
CA ALA C 637 -32.46 22.51 1.06
C ALA C 637 -31.64 23.12 2.20
N LYS C 638 -31.54 24.45 2.17
CA LYS C 638 -30.81 25.30 3.10
C LYS C 638 -31.34 25.24 4.53
N LEU C 639 -30.44 25.38 5.50
CA LEU C 639 -30.76 25.48 6.91
C LEU C 639 -30.46 26.92 7.34
N HIS C 640 -31.18 27.41 8.37
CA HIS C 640 -30.93 28.78 8.82
C HIS C 640 -30.32 28.76 10.23
N ASP C 641 -31.05 29.22 11.27
CA ASP C 641 -30.55 29.20 12.66
C ASP C 641 -30.37 27.76 13.20
N ARG C 642 -30.86 26.76 12.43
CA ARG C 642 -30.80 25.32 12.71
C ARG C 642 -29.51 24.70 12.16
N ASN C 643 -28.36 25.06 12.77
CA ASN C 643 -27.05 24.55 12.40
C ASN C 643 -26.48 23.64 13.52
N THR C 644 -27.38 23.21 14.44
CA THR C 644 -27.08 22.30 15.54
C THR C 644 -28.07 21.14 15.47
N TYR C 645 -27.66 19.93 15.94
CA TYR C 645 -28.54 18.75 15.95
C TYR C 645 -29.83 19.01 16.76
N GLU C 646 -29.74 19.77 17.88
CA GLU C 646 -30.91 20.08 18.74
C GLU C 646 -31.89 20.94 17.99
N LYS C 647 -31.37 21.87 17.19
CA LYS C 647 -32.12 22.86 16.41
C LYS C 647 -32.68 22.22 15.15
N TYR C 648 -31.87 21.38 14.45
CA TYR C 648 -32.30 20.70 13.25
C TYR C 648 -33.38 19.65 13.51
N LEU C 649 -33.11 18.69 14.42
CA LEU C 649 -34.04 17.60 14.73
C LEU C 649 -35.26 18.03 15.50
N GLY C 650 -35.15 19.13 16.24
CA GLY C 650 -36.24 19.67 17.04
C GLY C 650 -36.29 19.07 18.42
N GLU C 651 -36.78 19.87 19.38
CA GLU C 651 -36.94 19.54 20.81
C GLU C 651 -37.62 18.18 21.05
N GLU C 652 -38.67 17.87 20.26
CA GLU C 652 -39.48 16.65 20.35
C GLU C 652 -38.71 15.37 20.01
N TYR C 653 -37.99 15.35 18.86
CA TYR C 653 -37.22 14.17 18.48
C TYR C 653 -36.06 13.90 19.44
N VAL C 654 -35.27 14.95 19.79
CA VAL C 654 -34.14 14.83 20.74
C VAL C 654 -34.61 14.16 22.05
N LYS C 655 -35.76 14.61 22.61
CA LYS C 655 -36.37 14.07 23.83
C LYS C 655 -36.64 12.56 23.71
N ALA C 656 -37.24 12.14 22.59
CA ALA C 656 -37.59 10.73 22.31
C ALA C 656 -36.38 9.83 22.16
N VAL C 657 -35.27 10.35 21.57
CA VAL C 657 -34.01 9.60 21.38
C VAL C 657 -33.33 9.48 22.75
N GLY C 658 -33.38 10.56 23.54
CA GLY C 658 -32.84 10.64 24.89
C GLY C 658 -33.40 9.58 25.84
N ASN C 659 -34.69 9.25 25.69
CA ASN C 659 -35.42 8.23 26.45
C ASN C 659 -34.91 6.79 26.15
N LEU C 660 -34.13 6.63 25.07
CA LEU C 660 -33.57 5.35 24.66
C LEU C 660 -32.06 5.18 24.96
N ARG C 661 -31.41 6.16 25.66
CA ARG C 661 -29.98 6.09 25.98
C ARG C 661 -29.60 4.80 26.76
N LYS C 662 -30.49 4.35 27.67
CA LYS C 662 -30.32 3.13 28.48
C LYS C 662 -30.15 1.87 27.62
N CYS C 663 -30.84 1.84 26.46
CA CYS C 663 -30.88 0.68 25.56
C CYS C 663 -29.86 0.76 24.41
N SER C 664 -29.03 1.82 24.37
CA SER C 664 -28.04 2.04 23.30
C SER C 664 -27.00 0.92 23.20
N THR C 665 -26.58 0.64 21.96
CA THR C 665 -25.58 -0.38 21.60
C THR C 665 -24.42 0.24 20.77
N SER C 666 -24.54 1.56 20.48
CA SER C 666 -23.58 2.33 19.70
C SER C 666 -22.33 2.58 20.50
N SER C 667 -21.24 1.93 20.06
CA SER C 667 -19.89 2.03 20.64
C SER C 667 -19.30 3.44 20.44
N LEU C 668 -19.76 4.16 19.38
CA LEU C 668 -19.35 5.51 19.00
C LEU C 668 -20.06 6.51 19.89
N LEU C 669 -21.37 6.32 20.13
CA LEU C 669 -22.16 7.20 21.00
C LEU C 669 -21.60 7.13 22.42
N GLU C 670 -21.35 5.90 22.90
CA GLU C 670 -20.76 5.60 24.20
C GLU C 670 -19.44 6.38 24.34
N ALA C 671 -18.64 6.43 23.26
CA ALA C 671 -17.36 7.12 23.22
C ALA C 671 -17.56 8.64 23.24
N CYS C 672 -18.42 9.19 22.35
CA CYS C 672 -18.66 10.63 22.25
C CYS C 672 -19.25 11.24 23.55
N THR C 673 -20.19 10.54 24.20
CA THR C 673 -20.80 10.93 25.48
C THR C 673 -19.83 10.71 26.66
N PHE C 674 -18.69 10.04 26.45
CA PHE C 674 -17.69 9.88 27.52
C PHE C 674 -16.96 11.23 27.65
N ARG C 675 -16.99 12.05 26.60
CA ARG C 675 -16.41 13.38 26.54
C ARG C 675 -17.50 14.44 26.80
N ARG C 676 -18.62 14.36 26.06
CA ARG C 676 -19.74 15.28 26.22
C ARG C 676 -21.07 14.51 26.49
N PRO C 677 -21.41 14.19 27.77
CA PRO C 677 -22.68 13.47 28.05
C PRO C 677 -23.94 14.23 27.65
#